data_7MTQ
#
_entry.id   7MTQ
#
_cell.length_a   1.00
_cell.length_b   1.00
_cell.length_c   1.00
_cell.angle_alpha   90.00
_cell.angle_beta   90.00
_cell.angle_gamma   90.00
#
_symmetry.space_group_name_H-M   'P 1'
#
loop_
_entity.id
_entity.type
_entity.pdbx_description
1 polymer 'Metabotropic glutamate receptor 2'
2 non-polymer 2-acetamido-2-deoxy-beta-D-glucopyranose
3 non-polymer 2-[(1S,2S)-2-carboxycyclopropyl]-3-(9H-xanthen-9-yl)-D-alanine
#
_entity_poly.entity_id   1
_entity_poly.type   'polypeptide(L)'
_entity_poly.pdbx_seq_one_letter_code
;AEGPAKKVLTLEGDLVLGGLFPVHQKGGPAEDCGPVNEHRGIQRLEAMLFALDRINRDPHLLPGVRLGAHILDSCSKDTH
ALEQALDFVRASLSRGADGSRHICPDGSYATHGDAPTAITGVIGGSYSDVSIQVANLLRLFQIPQISYASTSAKLSDKSR
YDYFARTVPPDFFQAKAMAEILRFFNWTYVSTVASEGDYGETGIEAFELEARARNICVATSEKVGRAMSRAAFEGVVRAL
LQKPSARVAVLFTRSEDARELLAASQRLNASFTWVASDGWGALESVVAGSEGAAEGAITIELASYPISDFASYFQSLDPW
NNSRNPWFREFWEQRFRCSFRQRDCAAHSLRAVPFEQESKIMFVVNAVYAMAHALHNMHRALCPNTTRLCDAMRPVNGRR
LYKDFVLNVKFDAPFRPADTHNEVRFDRFGDGIGRYNIFTYLRAGSGRYRYQKVGYWAEGLTLDTSLIPWASPSAGPLPA
SRCSEPCLQNEVKSVQPGEVCCWLCIPCQPYEYRLDEFTCADCGLGYWPNASLTGCFELPQEYIRWGDAWAVGPVTIACL
GALATLFVLGVFVRHNATPVVKASGRELCYILLGGVFLCYCMTFIFIAKPSTAVCTLRRLGLGTAFSVCYSALLTKTNRI
ARIFGGAREGAQRPRFISPASQVAICLALISGQLLIVVAWLVVEAPGTGKETAPERREVVTLRCNHRDASMLGSLAYNVL
LIALCTLYAFKTRKCPENFNEAKFIGFTMYTTCIIWLAFLPIFYVTSSDYRVQTTTMCVSVSLSGSVVLGCLFAPKLHII
LFQPQKNVVSHRAPTSRFGSAAARASSSLGQGSGSQFVPTVCNGREVVDSTTSSL
;
_entity_poly.pdbx_strand_id   A,B
#
# COMPACT_ATOMS: atom_id res chain seq x y z
N LYS A 7 27.02 50.30 30.95
CA LYS A 7 26.05 50.91 31.85
C LYS A 7 24.89 49.96 32.12
N VAL A 8 24.26 50.12 33.28
CA VAL A 8 23.16 49.26 33.68
C VAL A 8 22.25 50.04 34.63
N LEU A 9 20.95 49.89 34.44
CA LEU A 9 19.96 50.57 35.27
C LEU A 9 19.54 49.65 36.40
N THR A 10 19.67 50.14 37.64
CA THR A 10 19.38 49.34 38.82
C THR A 10 18.41 50.08 39.73
N LEU A 11 17.43 49.36 40.24
CA LEU A 11 16.45 49.89 41.19
C LEU A 11 16.41 48.97 42.39
N GLU A 12 16.56 49.53 43.58
CA GLU A 12 16.61 48.74 44.80
C GLU A 12 15.22 48.21 45.14
N GLY A 13 15.16 46.96 45.61
CA GLY A 13 13.90 46.36 45.98
C GLY A 13 14.09 44.99 46.58
N ASP A 14 12.98 44.41 47.04
CA ASP A 14 13.02 43.09 47.65
C ASP A 14 13.26 42.01 46.61
N LEU A 15 12.53 42.05 45.50
CA LEU A 15 12.74 41.15 44.37
C LEU A 15 13.17 41.97 43.16
N VAL A 16 13.99 41.39 42.30
CA VAL A 16 14.59 42.09 41.17
C VAL A 16 14.24 41.35 39.89
N LEU A 17 13.80 42.11 38.88
CA LEU A 17 13.49 41.60 37.56
C LEU A 17 14.49 42.13 36.56
N GLY A 18 15.07 41.25 35.76
CA GLY A 18 15.98 41.67 34.72
C GLY A 18 15.26 41.92 33.40
N GLY A 19 15.95 42.60 32.50
CA GLY A 19 15.37 42.94 31.21
C GLY A 19 16.41 43.18 30.16
N LEU A 20 16.03 42.92 28.91
CA LEU A 20 16.87 43.14 27.74
C LEU A 20 16.11 44.03 26.78
N PHE A 21 16.78 45.05 26.26
CA PHE A 21 16.16 45.98 25.33
C PHE A 21 17.18 46.44 24.29
N PRO A 22 16.79 46.48 23.02
CA PRO A 22 17.70 46.93 21.95
C PRO A 22 17.78 48.45 21.86
N VAL A 23 18.52 49.06 22.78
CA VAL A 23 18.62 50.52 22.80
C VAL A 23 19.45 51.02 21.63
N HIS A 24 20.54 50.33 21.31
CA HIS A 24 21.43 50.73 20.22
C HIS A 24 21.24 49.80 19.03
N GLN A 25 21.47 50.32 17.83
CA GLN A 25 21.40 49.50 16.63
C GLN A 25 22.65 48.64 16.51
N LYS A 26 22.79 47.98 15.36
CA LYS A 26 23.94 47.13 15.11
C LYS A 26 25.18 47.97 14.79
N PRO A 29 32.05 45.79 11.37
CA PRO A 29 32.67 47.07 11.73
C PRO A 29 33.33 47.03 13.11
N ALA A 30 34.22 48.00 13.37
CA ALA A 30 34.92 48.04 14.64
C ALA A 30 33.96 48.31 15.80
N GLU A 31 33.02 49.23 15.61
CA GLU A 31 32.09 49.58 16.68
C GLU A 31 31.15 48.43 16.97
N ASP A 32 30.79 48.28 18.25
CA ASP A 32 29.86 47.22 18.65
C ASP A 32 28.41 47.59 18.39
N CYS A 33 27.96 48.75 18.86
CA CYS A 33 26.61 49.24 18.59
C CYS A 33 26.63 50.77 18.59
N GLY A 34 25.97 51.36 17.58
CA GLY A 34 26.12 52.76 17.31
C GLY A 34 24.96 53.64 17.73
N PRO A 35 24.23 54.17 16.75
CA PRO A 35 23.23 55.21 17.05
C PRO A 35 22.06 54.68 17.87
N VAL A 36 21.48 55.58 18.66
CA VAL A 36 20.42 55.19 19.58
C VAL A 36 19.12 54.98 18.82
N ASN A 37 18.47 53.86 19.11
CA ASN A 37 17.19 53.49 18.49
C ASN A 37 16.08 53.98 19.41
N GLU A 38 15.40 55.04 19.01
CA GLU A 38 14.40 55.64 19.88
C GLU A 38 13.17 54.77 20.00
N HIS A 39 12.47 54.55 18.88
CA HIS A 39 11.15 53.94 18.91
C HIS A 39 11.17 52.54 19.48
N ARG A 40 12.18 51.75 19.15
CA ARG A 40 12.21 50.35 19.54
C ARG A 40 12.74 50.12 20.94
N GLY A 41 13.70 50.93 21.39
CA GLY A 41 14.26 50.71 22.70
C GLY A 41 13.77 51.63 23.80
N ILE A 42 13.79 52.94 23.57
CA ILE A 42 13.52 53.88 24.65
C ILE A 42 12.05 53.81 25.10
N GLN A 43 11.14 53.74 24.13
CA GLN A 43 9.72 53.69 24.48
C GLN A 43 9.40 52.44 25.30
N ARG A 44 9.94 51.29 24.90
CA ARG A 44 9.65 50.06 25.63
C ARG A 44 10.32 50.03 27.00
N LEU A 45 11.52 50.61 27.10
CA LEU A 45 12.16 50.70 28.42
C LEU A 45 11.34 51.55 29.37
N GLU A 46 10.84 52.69 28.88
CA GLU A 46 10.00 53.51 29.73
C GLU A 46 8.68 52.82 30.04
N ALA A 47 8.20 51.97 29.13
CA ALA A 47 7.00 51.19 29.42
C ALA A 47 7.23 50.26 30.60
N MET A 48 8.38 49.57 30.62
CA MET A 48 8.66 48.66 31.72
C MET A 48 8.79 49.41 33.04
N LEU A 49 9.49 50.54 33.03
CA LEU A 49 9.59 51.31 34.27
C LEU A 49 8.23 51.82 34.74
N PHE A 50 7.38 52.24 33.80
CA PHE A 50 6.02 52.64 34.12
C PHE A 50 5.24 51.52 34.80
N ALA A 51 5.31 50.32 34.23
CA ALA A 51 4.60 49.19 34.82
C ALA A 51 5.11 48.88 36.22
N LEU A 52 6.43 48.92 36.41
CA LEU A 52 6.97 48.61 37.73
C LEU A 52 6.54 49.63 38.77
N ASP A 53 6.57 50.92 38.44
CA ASP A 53 6.09 51.92 39.39
C ASP A 53 4.61 51.72 39.72
N ARG A 54 3.79 51.50 38.69
CA ARG A 54 2.37 51.30 38.92
C ARG A 54 2.11 50.10 39.83
N ILE A 55 2.85 49.01 39.61
CA ILE A 55 2.64 47.81 40.41
C ILE A 55 3.12 48.01 41.84
N ASN A 56 4.25 48.69 42.02
CA ASN A 56 4.73 49.01 43.36
C ASN A 56 3.79 49.93 44.13
N ARG A 57 2.97 50.73 43.45
CA ARG A 57 2.00 51.57 44.15
C ARG A 57 0.61 50.95 44.22
N ASP A 58 0.46 49.69 43.84
CA ASP A 58 -0.88 49.09 43.78
C ASP A 58 -1.31 48.63 45.17
N PRO A 59 -2.60 48.76 45.52
CA PRO A 59 -3.03 48.33 46.85
C PRO A 59 -3.15 46.82 47.00
N HIS A 60 -3.70 46.11 46.00
CA HIS A 60 -4.01 44.70 46.14
C HIS A 60 -3.27 43.81 45.15
N LEU A 61 -2.00 44.10 44.84
CA LEU A 61 -1.16 43.21 44.06
C LEU A 61 0.26 43.30 44.60
N LEU A 62 0.72 42.22 45.24
CA LEU A 62 1.99 42.17 45.95
C LEU A 62 2.06 43.33 46.92
N PRO A 63 1.23 43.35 47.97
CA PRO A 63 1.13 44.54 48.82
C PRO A 63 2.40 44.91 49.56
N GLY A 64 3.19 43.93 49.99
CA GLY A 64 4.33 44.21 50.83
C GLY A 64 5.70 43.97 50.23
N VAL A 65 5.79 43.41 49.03
CA VAL A 65 7.05 43.12 48.39
C VAL A 65 7.25 44.09 47.24
N ARG A 66 8.39 44.77 47.23
CA ARG A 66 8.68 45.83 46.28
C ARG A 66 9.61 45.29 45.20
N LEU A 67 9.20 45.45 43.94
CA LEU A 67 9.98 44.91 42.84
C LEU A 67 11.03 45.91 42.37
N GLY A 68 12.18 45.37 41.97
CA GLY A 68 13.27 46.19 41.44
C GLY A 68 13.63 45.72 40.04
N ALA A 69 14.58 46.42 39.45
CA ALA A 69 14.92 46.17 38.05
C ALA A 69 16.42 46.08 37.86
N HIS A 70 16.81 45.34 36.83
CA HIS A 70 18.20 45.25 36.38
C HIS A 70 18.18 45.15 34.84
N ILE A 71 18.24 46.30 34.17
CA ILE A 71 18.05 46.36 32.73
C ILE A 71 19.41 46.42 32.04
N LEU A 72 19.53 45.73 30.91
CA LEU A 72 20.74 45.70 30.12
C LEU A 72 20.43 46.09 28.68
N ASP A 73 21.47 46.27 27.89
CA ASP A 73 21.35 46.67 26.50
C ASP A 73 21.84 45.51 25.64
N SER A 74 21.12 45.25 24.55
CA SER A 74 21.46 44.10 23.70
C SER A 74 22.36 44.51 22.55
N CYS A 75 22.22 45.75 22.07
CA CYS A 75 22.92 46.28 20.90
C CYS A 75 22.62 45.48 19.63
N SER A 76 21.53 44.71 19.63
CA SER A 76 21.00 44.01 18.46
C SER A 76 21.91 42.92 17.94
N LYS A 77 22.84 42.41 18.74
CA LYS A 77 23.75 41.35 18.34
C LYS A 77 23.61 40.18 19.29
N ASP A 78 23.67 38.96 18.77
CA ASP A 78 23.53 37.78 19.62
C ASP A 78 24.73 37.59 20.52
N THR A 79 25.95 37.81 20.00
CA THR A 79 27.14 37.64 20.83
C THR A 79 27.17 38.63 21.98
N HIS A 80 26.86 39.89 21.70
CA HIS A 80 26.76 40.88 22.77
C HIS A 80 25.65 40.52 23.75
N ALA A 81 24.55 39.97 23.23
CA ALA A 81 23.46 39.56 24.11
C ALA A 81 23.92 38.49 25.09
N LEU A 82 24.68 37.51 24.61
CA LEU A 82 25.18 36.45 25.50
C LEU A 82 26.18 37.01 26.50
N GLU A 83 27.09 37.86 26.04
CA GLU A 83 28.09 38.43 26.94
C GLU A 83 27.44 39.22 28.07
N GLN A 84 26.36 39.95 27.77
CA GLN A 84 25.66 40.66 28.83
C GLN A 84 24.78 39.71 29.66
N ALA A 85 24.25 38.66 29.04
CA ALA A 85 23.38 37.74 29.77
C ALA A 85 24.14 36.90 30.79
N LEU A 86 25.47 36.82 30.65
CA LEU A 86 26.24 36.12 31.68
C LEU A 86 26.03 36.72 33.08
N ASP A 87 25.65 38.00 33.14
CA ASP A 87 25.48 38.65 34.44
C ASP A 87 24.34 38.01 35.23
N PHE A 88 23.24 37.68 34.55
CA PHE A 88 22.10 37.08 35.23
C PHE A 88 22.47 35.74 35.85
N VAL A 89 23.21 34.91 35.13
CA VAL A 89 23.58 33.61 35.66
C VAL A 89 24.63 33.74 36.76
N ARG A 90 25.58 34.68 36.62
CA ARG A 90 26.56 34.83 37.68
C ARG A 90 25.96 35.43 38.94
N ALA A 91 24.82 36.12 38.83
CA ALA A 91 24.15 36.60 40.04
C ALA A 91 23.64 35.45 40.89
N SER A 92 23.10 34.41 40.27
CA SER A 92 22.51 33.31 41.03
C SER A 92 23.59 32.48 41.72
N LEU A 93 24.64 32.12 40.99
CA LEU A 93 25.71 31.30 41.55
C LEU A 93 26.51 32.06 42.61
N PRO A 116 25.44 40.31 43.15
CA PRO A 116 24.69 39.20 43.75
C PRO A 116 23.32 39.63 44.24
N THR A 117 22.47 40.09 43.33
CA THR A 117 21.13 40.54 43.66
C THR A 117 20.07 39.45 43.49
N ALA A 118 20.46 38.27 43.05
CA ALA A 118 19.55 37.13 42.91
C ALA A 118 18.40 37.44 41.96
N ILE A 119 18.77 37.62 40.69
CA ILE A 119 17.78 37.85 39.63
C ILE A 119 16.77 36.71 39.63
N THR A 120 15.49 37.08 39.57
CA THR A 120 14.39 36.10 39.62
C THR A 120 13.94 35.69 38.23
N GLY A 121 13.59 36.66 37.38
CA GLY A 121 13.20 36.37 36.03
C GLY A 121 13.67 37.47 35.09
N VAL A 122 13.71 37.14 33.81
CA VAL A 122 14.18 38.06 32.77
C VAL A 122 13.04 38.29 31.79
N ILE A 123 12.73 39.56 31.54
CA ILE A 123 11.71 39.93 30.57
C ILE A 123 12.43 40.67 29.45
N GLY A 124 12.59 40.01 28.31
CA GLY A 124 13.30 40.67 27.23
C GLY A 124 13.47 39.75 26.05
N GLY A 125 14.13 40.30 25.04
CA GLY A 125 14.30 39.62 23.76
C GLY A 125 13.39 40.23 22.73
N SER A 126 13.93 41.12 21.90
CA SER A 126 13.14 41.72 20.85
C SER A 126 13.29 40.94 19.55
N TYR A 127 14.51 40.77 19.08
CA TYR A 127 14.76 39.99 17.88
C TYR A 127 14.75 38.50 18.22
N SER A 128 14.54 37.67 17.21
CA SER A 128 14.43 36.24 17.44
C SER A 128 15.77 35.62 17.84
N ASP A 129 16.86 36.03 17.19
CA ASP A 129 18.15 35.40 17.46
C ASP A 129 18.62 35.65 18.89
N VAL A 130 18.45 36.88 19.37
CA VAL A 130 18.84 37.21 20.74
C VAL A 130 18.06 36.36 21.72
N SER A 131 16.75 36.22 21.49
CA SER A 131 15.92 35.41 22.36
C SER A 131 16.37 33.94 22.36
N ILE A 132 16.66 33.40 21.18
CA ILE A 132 17.09 32.00 21.11
C ILE A 132 18.37 31.79 21.90
N GLN A 133 19.36 32.67 21.68
CA GLN A 133 20.65 32.51 22.36
C GLN A 133 20.50 32.63 23.87
N VAL A 134 19.79 33.66 24.33
CA VAL A 134 19.66 33.86 25.78
C VAL A 134 18.85 32.74 26.40
N ALA A 135 17.85 32.22 25.69
CA ALA A 135 17.08 31.10 26.22
C ALA A 135 17.94 29.85 26.36
N ASN A 136 18.78 29.58 25.36
CA ASN A 136 19.68 28.44 25.45
C ASN A 136 20.62 28.58 26.62
N LEU A 137 21.12 29.79 26.86
CA LEU A 137 22.05 29.98 27.98
C LEU A 137 21.32 29.88 29.32
N LEU A 138 20.08 30.37 29.40
CA LEU A 138 19.45 30.53 30.70
C LEU A 138 18.70 29.27 31.13
N ARG A 139 18.39 28.37 30.19
CA ARG A 139 17.70 27.15 30.59
C ARG A 139 18.55 26.30 31.53
N LEU A 140 19.87 26.43 31.42
CA LEU A 140 20.75 25.60 32.25
C LEU A 140 20.61 25.95 33.73
N PHE A 141 20.56 27.24 34.04
CA PHE A 141 20.52 27.70 35.43
C PHE A 141 19.10 27.97 35.90
N GLN A 142 18.09 27.59 35.11
CA GLN A 142 16.70 27.56 35.56
C GLN A 142 16.19 28.95 35.93
N ILE A 143 16.12 29.83 34.96
CA ILE A 143 15.57 31.18 35.11
C ILE A 143 14.44 31.35 34.09
N PRO A 144 13.27 31.81 34.50
CA PRO A 144 12.18 32.00 33.53
C PRO A 144 12.42 33.20 32.62
N GLN A 145 11.68 33.23 31.52
CA GLN A 145 11.83 34.26 30.51
C GLN A 145 10.49 34.54 29.84
N ILE A 146 10.13 35.81 29.73
CA ILE A 146 8.95 36.25 29.01
C ILE A 146 9.37 37.28 27.98
N SER A 147 8.95 37.08 26.73
CA SER A 147 9.38 37.91 25.62
C SER A 147 8.20 38.70 25.08
N TYR A 148 8.45 39.95 24.67
CA TYR A 148 7.35 40.81 24.26
C TYR A 148 7.19 40.83 22.74
N ALA A 149 8.26 40.59 21.99
CA ALA A 149 8.16 40.74 20.55
C ALA A 149 8.89 39.67 19.75
N SER A 150 9.10 38.48 20.31
CA SER A 150 9.74 37.40 19.58
C SER A 150 8.66 36.46 19.04
N THR A 151 8.60 36.31 17.72
CA THR A 151 7.51 35.58 17.08
C THR A 151 7.98 34.42 16.23
N SER A 152 9.24 34.03 16.31
CA SER A 152 9.74 32.95 15.46
C SER A 152 9.12 31.62 15.88
N ALA A 153 8.92 30.76 14.89
CA ALA A 153 8.27 29.48 15.15
C ALA A 153 9.22 28.46 15.75
N LYS A 154 10.52 28.70 15.68
CA LYS A 154 11.48 27.74 16.22
C LYS A 154 11.39 27.66 17.75
N LEU A 155 10.88 28.70 18.39
CA LEU A 155 10.85 28.73 19.85
C LEU A 155 9.73 27.89 20.44
N SER A 156 8.81 27.39 19.63
CA SER A 156 7.71 26.60 20.17
C SER A 156 8.19 25.22 20.63
N ASP A 157 9.31 24.76 20.08
CA ASP A 157 9.88 23.49 20.52
C ASP A 157 10.23 23.56 21.98
N LYS A 158 9.81 22.55 22.75
CA LYS A 158 9.97 22.56 24.19
C LYS A 158 11.13 21.70 24.67
N SER A 159 11.63 20.79 23.84
CA SER A 159 12.82 20.03 24.22
C SER A 159 14.04 20.94 24.28
N ARG A 160 14.21 21.78 23.27
CA ARG A 160 15.38 22.65 23.24
C ARG A 160 15.26 23.80 24.23
N TYR A 161 14.13 24.51 24.20
CA TYR A 161 13.90 25.64 25.10
C TYR A 161 12.65 25.34 25.92
N ASP A 162 12.83 25.11 27.22
CA ASP A 162 11.72 24.75 28.09
C ASP A 162 11.39 25.82 29.10
N TYR A 163 12.09 26.96 29.08
CA TYR A 163 11.81 28.06 30.00
C TYR A 163 11.45 29.34 29.27
N PHE A 164 10.58 29.27 28.26
CA PHE A 164 10.25 30.39 27.41
C PHE A 164 8.75 30.56 27.31
N ALA A 165 8.27 31.75 27.63
CA ALA A 165 6.88 32.11 27.43
C ALA A 165 6.83 33.48 26.76
N ARG A 166 5.89 33.66 25.85
CA ARG A 166 5.77 34.91 25.13
C ARG A 166 4.32 35.36 25.09
N THR A 167 4.11 36.66 25.17
CA THR A 167 2.78 37.23 25.12
C THR A 167 2.33 37.58 23.71
N VAL A 168 3.14 37.28 22.70
CA VAL A 168 2.84 37.59 21.31
C VAL A 168 2.71 36.28 20.56
N PRO A 169 1.67 36.09 19.74
CA PRO A 169 1.45 34.78 19.15
C PRO A 169 2.51 34.46 18.11
N PRO A 170 2.76 33.18 17.84
CA PRO A 170 3.71 32.82 16.80
C PRO A 170 3.19 33.15 15.41
N ASP A 171 4.03 32.88 14.41
CA ASP A 171 3.75 33.34 13.05
C ASP A 171 2.80 32.42 12.29
N PHE A 172 2.89 31.11 12.50
CA PHE A 172 2.11 30.19 11.68
C PHE A 172 0.60 30.34 11.89
N PHE A 173 0.19 31.02 12.96
CA PHE A 173 -1.22 31.42 13.08
C PHE A 173 -1.63 32.30 11.91
N GLN A 174 -0.72 33.11 11.38
CA GLN A 174 -1.03 33.90 10.21
C GLN A 174 -1.29 33.02 9.00
N ALA A 175 -0.52 31.95 8.84
CA ALA A 175 -0.77 31.02 7.75
C ALA A 175 -2.14 30.39 7.88
N LYS A 176 -2.50 30.01 9.11
CA LYS A 176 -3.84 29.46 9.32
C LYS A 176 -4.92 30.47 8.96
N ALA A 177 -4.74 31.73 9.37
CA ALA A 177 -5.73 32.76 9.07
C ALA A 177 -5.84 33.00 7.56
N MET A 178 -4.71 32.97 6.85
CA MET A 178 -4.73 33.14 5.41
C MET A 178 -5.46 32.01 4.72
N ALA A 179 -5.22 30.77 5.17
CA ALA A 179 -5.94 29.64 4.61
C ALA A 179 -7.44 29.81 4.83
N GLU A 180 -7.84 30.24 6.02
CA GLU A 180 -9.25 30.47 6.27
C GLU A 180 -9.83 31.55 5.37
N ILE A 181 -9.08 32.64 5.17
CA ILE A 181 -9.57 33.74 4.34
C ILE A 181 -9.76 33.30 2.90
N LEU A 182 -8.79 32.53 2.38
CA LEU A 182 -8.95 32.02 1.01
C LEU A 182 -10.07 31.00 0.92
N ARG A 183 -10.31 30.24 1.99
CA ARG A 183 -11.38 29.25 1.95
C ARG A 183 -12.75 29.92 2.01
N PHE A 184 -12.84 31.11 2.62
CA PHE A 184 -14.13 31.78 2.73
C PHE A 184 -14.62 32.27 1.38
N PHE A 185 -13.72 32.75 0.54
CA PHE A 185 -14.09 33.30 -0.76
C PHE A 185 -13.97 32.30 -1.90
N ASN A 186 -13.67 31.04 -1.60
CA ASN A 186 -13.67 29.95 -2.59
C ASN A 186 -12.64 30.19 -3.70
N TRP A 187 -11.45 30.62 -3.31
CA TRP A 187 -10.35 30.78 -4.26
C TRP A 187 -9.42 29.57 -4.12
N THR A 188 -9.27 28.83 -5.21
CA THR A 188 -8.58 27.54 -5.15
C THR A 188 -7.30 27.48 -5.97
N TYR A 189 -7.12 28.36 -6.95
CA TYR A 189 -5.90 28.40 -7.75
C TYR A 189 -5.15 29.69 -7.42
N VAL A 190 -4.10 29.57 -6.60
CA VAL A 190 -3.34 30.71 -6.13
C VAL A 190 -1.85 30.43 -6.28
N SER A 191 -1.07 31.51 -6.37
CA SER A 191 0.39 31.43 -6.49
C SER A 191 1.03 32.09 -5.28
N THR A 192 2.19 31.58 -4.87
CA THR A 192 2.86 32.01 -3.66
C THR A 192 4.19 32.67 -4.00
N VAL A 193 4.47 33.80 -3.35
CA VAL A 193 5.75 34.48 -3.43
C VAL A 193 6.28 34.65 -2.02
N ALA A 194 7.53 34.25 -1.80
CA ALA A 194 8.15 34.33 -0.49
C ALA A 194 9.43 35.15 -0.59
N SER A 195 10.10 35.30 0.55
CA SER A 195 11.35 36.04 0.62
C SER A 195 12.38 35.24 1.40
N GLU A 196 13.66 35.48 1.10
CA GLU A 196 14.73 34.78 1.78
C GLU A 196 14.82 35.23 3.24
N GLY A 197 15.13 34.28 4.11
CA GLY A 197 15.15 34.52 5.53
C GLY A 197 14.01 33.83 6.24
N ASP A 198 14.33 33.31 7.43
CA ASP A 198 13.50 32.32 8.14
C ASP A 198 12.01 32.65 8.01
N TYR A 199 11.67 33.94 8.09
CA TYR A 199 10.29 34.38 8.00
C TYR A 199 9.61 33.82 6.75
N GLY A 200 10.23 34.02 5.59
CA GLY A 200 9.59 33.66 4.33
C GLY A 200 9.34 32.17 4.20
N GLU A 201 10.41 31.37 4.33
CA GLU A 201 10.26 29.94 4.08
C GLU A 201 9.39 29.28 5.16
N THR A 202 9.54 29.71 6.41
CA THR A 202 8.69 29.14 7.45
C THR A 202 7.22 29.45 7.19
N GLY A 203 6.90 30.70 6.85
CA GLY A 203 5.53 31.03 6.56
C GLY A 203 4.98 30.29 5.36
N ILE A 204 5.78 30.16 4.30
CA ILE A 204 5.28 29.50 3.10
C ILE A 204 5.08 28.01 3.35
N GLU A 205 5.97 27.38 4.12
CA GLU A 205 5.80 25.97 4.45
C GLU A 205 4.52 25.75 5.25
N ALA A 206 4.29 26.61 6.25
CA ALA A 206 3.07 26.50 7.02
C ALA A 206 1.85 26.68 6.14
N PHE A 207 1.91 27.63 5.20
CA PHE A 207 0.75 27.89 4.34
C PHE A 207 0.47 26.72 3.41
N GLU A 208 1.52 26.11 2.84
CA GLU A 208 1.29 24.95 1.99
C GLU A 208 0.70 23.79 2.79
N LEU A 209 1.19 23.57 4.01
CA LEU A 209 0.62 22.52 4.84
C LEU A 209 -0.86 22.77 5.10
N GLU A 210 -1.21 24.00 5.51
CA GLU A 210 -2.60 24.30 5.81
C GLU A 210 -3.48 24.23 4.56
N ALA A 211 -2.94 24.62 3.40
CA ALA A 211 -3.72 24.59 2.18
C ALA A 211 -3.99 23.16 1.74
N ARG A 212 -2.96 22.30 1.77
CA ARG A 212 -3.17 20.89 1.45
C ARG A 212 -4.14 20.25 2.45
N ALA A 213 -4.18 20.77 3.68
CA ALA A 213 -5.17 20.30 4.63
C ALA A 213 -6.59 20.64 4.16
N ARG A 214 -6.75 21.78 3.48
CA ARG A 214 -8.07 22.26 3.08
C ARG A 214 -8.33 22.11 1.58
N ASN A 215 -7.59 21.23 0.90
CA ASN A 215 -7.81 20.94 -0.52
C ASN A 215 -7.65 22.18 -1.38
N ILE A 216 -6.55 22.90 -1.18
CA ILE A 216 -6.19 24.05 -1.99
C ILE A 216 -4.88 23.73 -2.70
N CYS A 217 -4.88 23.86 -4.02
CA CYS A 217 -3.73 23.49 -4.83
C CYS A 217 -2.97 24.74 -5.25
N VAL A 218 -1.65 24.63 -5.28
CA VAL A 218 -0.78 25.76 -5.62
C VAL A 218 -0.55 25.76 -7.13
N ALA A 219 -0.49 26.94 -7.71
CA ALA A 219 -0.23 27.05 -9.15
C ALA A 219 1.25 27.12 -9.43
N THR A 220 1.93 28.09 -8.84
CA THR A 220 3.35 28.34 -9.09
C THR A 220 3.98 28.88 -7.82
N SER A 221 5.27 28.62 -7.67
CA SER A 221 6.04 29.13 -6.54
C SER A 221 7.17 30.01 -7.05
N GLU A 222 7.55 30.98 -6.23
CA GLU A 222 8.63 31.89 -6.57
C GLU A 222 9.31 32.35 -5.28
N LYS A 223 10.53 32.83 -5.44
CA LYS A 223 11.30 33.35 -4.31
C LYS A 223 11.95 34.66 -4.72
N VAL A 224 12.14 35.53 -3.73
CA VAL A 224 12.76 36.84 -3.95
C VAL A 224 14.08 36.84 -3.21
N GLY A 225 15.16 37.20 -3.92
CA GLY A 225 16.47 37.16 -3.33
C GLY A 225 16.77 38.36 -2.47
N ARG A 226 17.97 38.37 -1.90
CA ARG A 226 18.35 39.45 -1.00
C ARG A 226 18.66 40.73 -1.77
N ALA A 227 19.34 40.61 -2.91
CA ALA A 227 19.85 41.78 -3.64
C ALA A 227 19.58 41.60 -5.14
N MET A 228 18.34 41.28 -5.49
CA MET A 228 17.96 41.28 -6.89
C MET A 228 17.76 42.69 -7.39
N SER A 229 17.85 42.86 -8.72
CA SER A 229 17.67 44.16 -9.33
C SER A 229 16.28 44.27 -9.95
N ARG A 230 16.04 45.41 -10.61
CA ARG A 230 14.72 45.67 -11.19
C ARG A 230 14.39 44.66 -12.28
N ALA A 231 15.39 44.28 -13.08
CA ALA A 231 15.16 43.29 -14.12
C ALA A 231 14.69 41.96 -13.52
N ALA A 232 15.28 41.56 -12.40
CA ALA A 232 14.85 40.32 -11.76
C ALA A 232 13.42 40.42 -11.25
N PHE A 233 13.05 41.59 -10.70
CA PHE A 233 11.68 41.77 -10.25
C PHE A 233 10.70 41.70 -11.41
N GLU A 234 11.05 42.32 -12.55
CA GLU A 234 10.22 42.21 -13.73
C GLU A 234 10.12 40.77 -14.19
N GLY A 235 11.21 40.02 -14.12
CA GLY A 235 11.16 38.61 -14.45
C GLY A 235 10.24 37.82 -13.53
N VAL A 236 10.25 38.16 -12.24
CA VAL A 236 9.36 37.50 -11.30
C VAL A 236 7.91 37.81 -11.63
N VAL A 237 7.62 39.06 -11.97
CA VAL A 237 6.25 39.43 -12.36
C VAL A 237 5.84 38.67 -13.61
N ARG A 238 6.75 38.57 -14.58
CA ARG A 238 6.44 37.84 -15.80
C ARG A 238 6.20 36.36 -15.52
N ALA A 239 7.01 35.78 -14.62
CA ALA A 239 6.83 34.38 -14.26
C ALA A 239 5.48 34.17 -13.58
N LEU A 240 5.07 35.11 -12.73
CA LEU A 240 3.73 35.04 -12.13
C LEU A 240 2.65 35.13 -13.20
N LEU A 241 2.83 36.01 -14.18
CA LEU A 241 1.83 36.16 -15.23
C LEU A 241 1.89 35.04 -16.26
N GLN A 242 2.88 34.16 -16.18
CA GLN A 242 3.04 33.10 -17.17
C GLN A 242 1.79 32.23 -17.23
N LYS A 243 1.29 31.79 -16.08
CA LYS A 243 0.04 31.04 -16.04
C LYS A 243 -1.07 31.98 -15.61
N PRO A 244 -1.98 32.38 -16.50
CA PRO A 244 -3.02 33.34 -16.13
C PRO A 244 -4.24 32.71 -15.46
N SER A 245 -4.20 31.41 -15.16
CA SER A 245 -5.35 30.78 -14.52
C SER A 245 -5.52 31.25 -13.08
N ALA A 246 -4.46 31.79 -12.48
CA ALA A 246 -4.49 32.29 -11.11
C ALA A 246 -4.26 33.80 -11.11
N ARG A 247 -5.14 34.52 -10.42
CA ARG A 247 -5.06 35.98 -10.33
C ARG A 247 -4.98 36.46 -8.88
N VAL A 248 -4.74 35.57 -7.92
CA VAL A 248 -4.63 35.90 -6.51
C VAL A 248 -3.25 35.49 -6.03
N ALA A 249 -2.49 36.43 -5.50
CA ALA A 249 -1.10 36.22 -5.12
C ALA A 249 -0.96 36.30 -3.61
N VAL A 250 -0.34 35.29 -3.02
CA VAL A 250 -0.09 35.24 -1.58
C VAL A 250 1.36 35.65 -1.34
N LEU A 251 1.55 36.66 -0.51
CA LEU A 251 2.87 37.19 -0.22
C LEU A 251 3.27 36.87 1.22
N PHE A 252 4.50 36.40 1.39
CA PHE A 252 5.15 36.31 2.70
C PHE A 252 6.50 36.99 2.56
N THR A 253 6.51 38.31 2.69
CA THR A 253 7.67 39.13 2.36
C THR A 253 7.82 40.28 3.34
N ARG A 254 9.03 40.82 3.40
CA ARG A 254 9.29 42.01 4.17
C ARG A 254 8.90 43.25 3.38
N SER A 255 9.05 44.43 4.02
CA SER A 255 8.52 45.65 3.43
C SER A 255 9.24 46.05 2.15
N GLU A 256 10.58 45.98 2.17
CA GLU A 256 11.35 46.44 1.01
C GLU A 256 11.05 45.61 -0.22
N ASP A 257 10.95 44.29 -0.07
CA ASP A 257 10.60 43.44 -1.20
C ASP A 257 9.18 43.72 -1.67
N ALA A 258 8.25 43.95 -0.73
CA ALA A 258 6.86 44.19 -1.09
C ALA A 258 6.72 45.45 -1.92
N ARG A 259 7.41 46.53 -1.54
CA ARG A 259 7.30 47.76 -2.32
C ARG A 259 7.80 47.57 -3.74
N GLU A 260 8.95 46.91 -3.90
CA GLU A 260 9.51 46.72 -5.24
C GLU A 260 8.60 45.85 -6.09
N LEU A 261 8.07 44.76 -5.54
CA LEU A 261 7.20 43.89 -6.32
C LEU A 261 5.91 44.60 -6.70
N LEU A 262 5.26 45.22 -5.77
CA LEU A 262 3.96 45.80 -6.08
C LEU A 262 4.19 46.90 -7.08
N ALA A 263 5.07 47.84 -6.77
CA ALA A 263 5.21 48.97 -7.70
C ALA A 263 5.69 48.46 -9.05
N ALA A 264 6.42 47.38 -9.06
CA ALA A 264 6.77 46.90 -10.39
C ALA A 264 5.65 46.05 -10.86
N SER A 265 4.51 46.62 -10.96
CA SER A 265 3.36 45.91 -11.55
C SER A 265 2.63 47.00 -12.27
N GLN A 266 3.33 48.08 -12.45
CA GLN A 266 2.79 49.16 -13.28
C GLN A 266 3.86 49.38 -14.37
N ARG A 267 5.13 49.29 -13.96
CA ARG A 267 6.22 49.53 -14.89
C ARG A 267 5.89 48.53 -15.98
N LEU A 268 5.44 47.33 -15.63
CA LEU A 268 4.91 46.41 -16.64
C LEU A 268 3.45 46.25 -16.22
N ASN A 269 2.48 46.63 -17.03
CA ASN A 269 1.08 46.62 -16.54
C ASN A 269 0.72 45.22 -16.13
N ALA A 270 -0.04 45.10 -15.06
CA ALA A 270 -0.45 43.80 -14.53
C ALA A 270 -1.57 44.03 -13.53
N SER A 271 -2.32 43.00 -13.19
CA SER A 271 -3.44 43.16 -12.25
C SER A 271 -3.50 41.91 -11.41
N PHE A 272 -3.56 42.00 -10.10
CA PHE A 272 -3.75 40.82 -9.26
C PHE A 272 -4.51 41.20 -8.01
N THR A 273 -4.99 40.17 -7.31
CA THR A 273 -5.54 40.31 -5.97
C THR A 273 -4.50 39.84 -4.97
N TRP A 274 -4.12 40.71 -4.04
CA TRP A 274 -3.03 40.43 -3.11
C TRP A 274 -3.57 40.01 -1.75
N VAL A 275 -2.95 38.98 -1.18
CA VAL A 275 -3.10 38.62 0.22
C VAL A 275 -1.71 38.64 0.84
N ALA A 276 -1.55 39.38 1.94
CA ALA A 276 -0.22 39.66 2.46
C ALA A 276 -0.16 39.46 3.96
N SER A 277 1.06 39.24 4.45
CA SER A 277 1.33 39.08 5.87
C SER A 277 1.53 40.43 6.53
N ASP A 278 2.04 40.45 7.76
CA ASP A 278 2.18 41.71 8.48
C ASP A 278 3.27 42.57 7.88
N GLY A 279 4.08 42.00 6.98
CA GLY A 279 5.10 42.77 6.30
C GLY A 279 4.48 43.93 5.57
N TRP A 280 3.37 43.66 4.90
CA TRP A 280 2.60 44.74 4.27
C TRP A 280 1.81 45.52 5.32
N GLY A 281 0.88 44.84 6.00
CA GLY A 281 0.18 45.45 7.11
C GLY A 281 -0.60 46.68 6.70
N ALA A 282 -0.62 47.68 7.57
CA ALA A 282 -1.30 48.94 7.33
C ALA A 282 -0.32 50.08 7.06
N LEU A 283 0.90 49.75 6.62
CA LEU A 283 1.91 50.77 6.39
C LEU A 283 1.53 51.64 5.21
N GLU A 284 1.84 52.93 5.32
CA GLU A 284 1.67 53.82 4.18
C GLU A 284 2.95 53.95 3.36
N SER A 285 4.07 53.44 3.88
CA SER A 285 5.33 53.54 3.15
C SER A 285 5.43 52.51 2.04
N VAL A 286 4.89 51.31 2.28
CA VAL A 286 5.03 50.23 1.30
C VAL A 286 4.28 50.56 0.02
N VAL A 287 3.16 51.27 0.14
CA VAL A 287 2.43 51.75 -1.03
C VAL A 287 2.68 53.24 -1.21
N ALA A 288 3.27 53.61 -2.34
CA ALA A 288 3.52 55.01 -2.68
C ALA A 288 3.68 55.12 -4.18
N GLY A 289 2.77 55.83 -4.84
CA GLY A 289 2.86 56.02 -6.26
C GLY A 289 2.43 54.83 -7.09
N SER A 290 1.95 53.76 -6.45
CA SER A 290 1.46 52.57 -7.14
C SER A 290 0.10 52.18 -6.61
N GLU A 291 -0.72 53.18 -6.27
CA GLU A 291 -2.01 52.90 -5.65
C GLU A 291 -2.90 52.10 -6.58
N GLY A 292 -2.65 52.16 -7.88
CA GLY A 292 -3.47 51.40 -8.82
C GLY A 292 -3.28 49.90 -8.64
N ALA A 293 -2.04 49.45 -8.49
CA ALA A 293 -1.79 48.02 -8.41
C ALA A 293 -2.20 47.45 -7.06
N ALA A 294 -2.21 48.29 -6.02
CA ALA A 294 -2.48 47.83 -4.66
C ALA A 294 -3.94 47.86 -4.27
N GLU A 295 -4.82 48.35 -5.14
CA GLU A 295 -6.24 48.40 -4.81
C GLU A 295 -6.81 47.00 -4.67
N GLY A 296 -7.68 46.83 -3.70
CA GLY A 296 -8.34 45.55 -3.47
C GLY A 296 -7.55 44.55 -2.64
N ALA A 297 -6.44 44.97 -2.05
CA ALA A 297 -5.60 44.04 -1.31
C ALA A 297 -6.26 43.63 -0.01
N ILE A 298 -5.75 42.55 0.58
CA ILE A 298 -6.13 42.09 1.91
C ILE A 298 -4.85 41.83 2.70
N THR A 299 -4.74 42.45 3.87
CA THR A 299 -3.55 42.33 4.72
C THR A 299 -3.96 42.01 6.15
N ILE A 300 -3.06 41.35 6.88
CA ILE A 300 -3.29 40.96 8.26
C ILE A 300 -2.28 41.66 9.15
N GLU A 301 -2.74 42.19 10.29
CA GLU A 301 -1.90 42.93 11.21
C GLU A 301 -2.33 42.66 12.63
N LEU A 302 -1.36 42.61 13.53
CA LEU A 302 -1.63 42.33 14.94
C LEU A 302 -2.46 43.44 15.57
N ALA A 303 -3.20 43.09 16.61
CA ALA A 303 -4.17 43.97 17.23
C ALA A 303 -3.61 44.56 18.52
N SER A 304 -3.77 45.88 18.67
CA SER A 304 -3.33 46.57 19.87
C SER A 304 -4.22 47.79 20.11
N TYR A 305 -4.19 48.28 21.34
CA TYR A 305 -4.98 49.44 21.70
C TYR A 305 -4.13 50.45 22.45
N PRO A 306 -4.42 51.74 22.33
CA PRO A 306 -3.59 52.75 23.00
C PRO A 306 -3.74 52.69 24.51
N ILE A 307 -2.67 53.06 25.20
CA ILE A 307 -2.68 53.24 26.65
C ILE A 307 -2.50 54.73 26.90
N SER A 308 -3.53 55.36 27.49
CA SER A 308 -3.56 56.81 27.55
C SER A 308 -2.56 57.36 28.57
N ASP A 309 -2.38 56.65 29.70
CA ASP A 309 -1.52 57.17 30.76
C ASP A 309 -0.06 57.24 30.31
N PHE A 310 0.34 56.35 29.41
CA PHE A 310 1.72 56.36 28.95
C PHE A 310 2.06 57.68 28.26
N ALA A 311 1.07 58.27 27.57
CA ALA A 311 1.31 59.53 26.89
C ALA A 311 1.75 60.61 27.87
N SER A 312 0.97 60.79 28.93
CA SER A 312 1.33 61.80 29.94
C SER A 312 2.66 61.46 30.58
N TYR A 313 2.89 60.18 30.90
CA TYR A 313 4.13 59.81 31.57
C TYR A 313 5.34 60.11 30.69
N PHE A 314 5.27 59.79 29.40
CA PHE A 314 6.42 59.97 28.53
C PHE A 314 6.65 61.43 28.19
N GLN A 315 5.59 62.19 27.91
CA GLN A 315 5.78 63.59 27.57
C GLN A 315 6.21 64.40 28.79
N SER A 316 5.86 63.95 29.99
CA SER A 316 6.23 64.70 31.18
C SER A 316 7.72 64.58 31.50
N LEU A 317 8.42 63.66 30.86
CA LEU A 317 9.81 63.36 31.23
C LEU A 317 10.75 64.49 30.80
N ASP A 318 11.77 64.73 31.62
CA ASP A 318 12.77 65.75 31.37
C ASP A 318 14.11 65.21 31.81
N PRO A 319 15.22 65.63 31.16
CA PRO A 319 16.52 65.03 31.50
C PRO A 319 16.97 65.28 32.92
N TRP A 320 16.71 66.47 33.47
CA TRP A 320 17.12 66.75 34.84
C TRP A 320 16.29 65.95 35.84
N ASN A 321 14.98 65.83 35.58
CA ASN A 321 14.10 65.12 36.51
C ASN A 321 14.32 63.61 36.45
N ASN A 322 14.44 63.05 35.24
CA ASN A 322 14.64 61.61 35.07
C ASN A 322 16.13 61.27 35.01
N SER A 323 16.75 61.27 36.19
CA SER A 323 18.17 61.00 36.30
C SER A 323 18.51 59.52 36.41
N ARG A 324 17.52 58.66 36.67
CA ARG A 324 17.81 57.24 36.88
C ARG A 324 18.16 56.54 35.57
N ASN A 325 17.46 56.87 34.50
CA ASN A 325 17.71 56.27 33.20
C ASN A 325 19.08 56.69 32.69
N PRO A 326 20.00 55.77 32.40
CA PRO A 326 21.33 56.19 31.94
C PRO A 326 21.34 56.70 30.51
N TRP A 327 20.43 56.24 29.66
CA TRP A 327 20.50 56.49 28.23
C TRP A 327 19.60 57.62 27.76
N PHE A 328 19.01 58.41 28.66
CA PHE A 328 18.10 59.46 28.22
C PHE A 328 18.87 60.65 27.65
N ARG A 329 20.03 60.96 28.23
CA ARG A 329 20.81 62.10 27.76
C ARG A 329 21.25 61.92 26.32
N GLU A 330 21.74 60.73 25.97
CA GLU A 330 22.13 60.45 24.60
C GLU A 330 20.94 60.55 23.66
N PHE A 331 19.78 60.06 24.09
CA PHE A 331 18.59 60.12 23.25
C PHE A 331 18.19 61.55 22.96
N TRP A 332 18.23 62.41 23.99
CA TRP A 332 17.92 63.82 23.76
C TRP A 332 18.94 64.47 22.84
N GLU A 333 20.22 64.15 23.03
CA GLU A 333 21.26 64.71 22.16
C GLU A 333 21.01 64.36 20.70
N GLN A 334 20.68 63.11 20.43
CA GLN A 334 20.42 62.70 19.05
C GLN A 334 19.14 63.32 18.53
N ARG A 335 18.10 63.34 19.36
CA ARG A 335 16.77 63.77 18.90
C ARG A 335 16.74 65.25 18.54
N PHE A 336 17.23 66.12 19.41
CA PHE A 336 17.11 67.55 19.19
C PHE A 336 18.36 68.20 18.63
N ARG A 337 19.41 67.42 18.36
CA ARG A 337 20.64 67.91 17.74
C ARG A 337 21.25 69.06 18.54
N CYS A 338 21.53 68.78 19.81
CA CYS A 338 22.10 69.75 20.72
C CYS A 338 23.29 69.13 21.45
N SER A 339 23.90 69.92 22.33
CA SER A 339 25.06 69.46 23.09
C SER A 339 25.04 70.09 24.48
N PHE A 340 25.70 69.41 25.43
CA PHE A 340 25.77 69.92 26.79
C PHE A 340 26.79 71.04 26.92
N ARG A 341 27.87 70.99 26.13
CA ARG A 341 28.93 71.99 26.25
C ARG A 341 28.40 73.38 25.91
N GLN A 342 27.60 73.49 24.87
CA GLN A 342 27.04 74.80 24.50
C GLN A 342 25.87 75.17 25.41
N ARG A 343 25.35 74.19 26.16
CA ARG A 343 24.22 74.40 27.08
C ARG A 343 22.99 74.94 26.36
N ASP A 344 22.74 74.48 25.13
CA ASP A 344 21.59 74.94 24.36
C ASP A 344 20.40 74.01 24.46
N CYS A 345 20.52 72.89 25.18
CA CYS A 345 19.48 71.87 25.15
C CYS A 345 18.25 72.26 25.97
N ALA A 346 18.41 73.20 26.91
CA ALA A 346 17.31 73.52 27.82
C ALA A 346 16.11 74.11 27.08
N ALA A 347 16.33 74.63 25.87
CA ALA A 347 15.25 75.28 25.14
C ALA A 347 14.20 74.28 24.68
N HIS A 348 14.63 73.12 24.19
CA HIS A 348 13.69 72.16 23.62
C HIS A 348 12.86 71.48 24.71
N SER A 349 11.67 71.03 24.35
CA SER A 349 10.77 70.33 25.25
C SER A 349 10.07 69.20 24.51
N LEU A 350 9.70 68.16 25.24
CA LEU A 350 9.10 66.99 24.60
C LEU A 350 7.65 67.23 24.23
N ARG A 351 6.97 68.13 24.94
CA ARG A 351 5.53 68.29 24.73
C ARG A 351 5.21 68.93 23.39
N ALA A 352 6.16 69.63 22.78
CA ALA A 352 5.89 70.34 21.54
C ALA A 352 5.59 69.37 20.40
N VAL A 353 6.46 68.39 20.20
CA VAL A 353 6.37 67.49 19.05
C VAL A 353 5.20 66.52 19.23
N PRO A 354 4.56 66.07 18.14
CA PRO A 354 3.50 65.08 18.27
C PRO A 354 4.04 63.73 18.70
N PHE A 355 3.14 62.91 19.27
CA PHE A 355 3.50 61.62 19.84
C PHE A 355 2.75 60.50 19.14
N GLU A 356 3.46 59.42 18.85
CA GLU A 356 2.87 58.22 18.26
C GLU A 356 3.33 57.02 19.07
N GLN A 357 2.43 56.07 19.28
CA GLN A 357 2.73 54.93 20.13
C GLN A 357 3.27 53.76 19.31
N GLU A 358 4.20 53.01 19.90
CA GLU A 358 4.69 51.79 19.26
C GLU A 358 3.69 50.66 19.47
N SER A 359 3.76 49.67 18.58
CA SER A 359 2.70 48.65 18.52
C SER A 359 2.73 47.71 19.73
N LYS A 360 3.91 47.35 20.23
CA LYS A 360 4.06 46.25 21.17
C LYS A 360 4.20 46.69 22.63
N ILE A 361 3.85 47.93 22.92
CA ILE A 361 3.90 48.39 24.30
C ILE A 361 2.85 47.69 25.15
N MET A 362 1.70 47.38 24.55
CA MET A 362 0.70 46.57 25.25
C MET A 362 1.30 45.26 25.70
N PHE A 363 2.06 44.60 24.83
CA PHE A 363 2.66 43.33 25.18
C PHE A 363 3.71 43.48 26.28
N VAL A 364 4.47 44.58 26.25
CA VAL A 364 5.45 44.80 27.31
C VAL A 364 4.78 44.90 28.67
N VAL A 365 3.75 45.75 28.78
CA VAL A 365 3.08 45.92 30.07
C VAL A 365 2.41 44.61 30.49
N ASN A 366 1.83 43.87 29.53
CA ASN A 366 1.21 42.60 29.86
C ASN A 366 2.23 41.62 30.43
N ALA A 367 3.43 41.57 29.85
CA ALA A 367 4.43 40.65 30.34
C ALA A 367 4.86 40.98 31.76
N VAL A 368 5.08 42.27 32.05
CA VAL A 368 5.44 42.65 33.41
C VAL A 368 4.34 42.24 34.39
N TYR A 369 3.08 42.49 34.03
CA TYR A 369 1.99 42.19 34.95
C TYR A 369 1.82 40.68 35.13
N ALA A 370 2.08 39.90 34.08
CA ALA A 370 2.02 38.44 34.22
C ALA A 370 3.06 37.94 35.20
N MET A 371 4.28 38.47 35.12
CA MET A 371 5.29 38.08 36.09
C MET A 371 4.87 38.45 37.51
N ALA A 372 4.34 39.66 37.68
CA ALA A 372 3.92 40.07 39.03
C ALA A 372 2.81 39.18 39.57
N HIS A 373 1.84 38.81 38.73
CA HIS A 373 0.74 37.96 39.20
C HIS A 373 1.23 36.56 39.54
N ALA A 374 2.18 36.03 38.77
CA ALA A 374 2.75 34.73 39.11
C ALA A 374 3.42 34.77 40.48
N LEU A 375 4.21 35.81 40.74
CA LEU A 375 4.85 35.91 42.06
C LEU A 375 3.81 36.11 43.16
N HIS A 376 2.73 36.83 42.87
CA HIS A 376 1.68 37.02 43.85
C HIS A 376 1.01 35.70 44.23
N ASN A 377 0.74 34.86 43.24
CA ASN A 377 0.17 33.55 43.55
C ASN A 377 1.16 32.69 44.33
N MET A 378 2.46 32.76 43.99
CA MET A 378 3.47 32.13 44.85
C MET A 378 3.34 32.56 46.30
N HIS A 379 3.27 33.87 46.55
CA HIS A 379 3.22 34.35 47.93
C HIS A 379 1.93 33.91 48.62
N ARG A 380 0.82 33.95 47.91
CA ARG A 380 -0.46 33.58 48.52
C ARG A 380 -0.50 32.10 48.87
N ALA A 381 0.03 31.24 47.99
CA ALA A 381 -0.07 29.81 48.23
C ALA A 381 1.00 29.29 49.18
N LEU A 382 2.25 29.72 49.01
CA LEU A 382 3.35 29.10 49.74
C LEU A 382 3.49 29.68 51.14
N CYS A 383 3.27 30.99 51.30
CA CYS A 383 3.42 31.66 52.60
C CYS A 383 2.14 32.43 52.91
N PRO A 384 1.13 31.75 53.45
CA PRO A 384 -0.18 32.39 53.61
C PRO A 384 -0.38 33.08 54.95
N ASN A 385 0.68 33.28 55.71
CA ASN A 385 0.55 33.82 57.06
C ASN A 385 1.02 35.26 57.23
N THR A 386 1.94 35.74 56.39
CA THR A 386 2.47 37.09 56.56
C THR A 386 2.44 37.81 55.22
N THR A 387 2.16 39.12 55.26
CA THR A 387 2.18 39.92 54.04
C THR A 387 3.61 40.14 53.54
N ARG A 388 4.56 40.36 54.44
CA ARG A 388 5.92 40.59 54.04
C ARG A 388 6.55 39.31 53.49
N LEU A 389 7.80 39.45 53.03
CA LEU A 389 8.52 38.32 52.46
C LEU A 389 8.84 37.28 53.53
N CYS A 390 8.76 36.02 53.15
CA CYS A 390 8.97 34.90 54.06
C CYS A 390 10.30 34.21 53.78
N ASP A 391 10.73 33.40 54.75
CA ASP A 391 12.03 32.75 54.65
C ASP A 391 12.02 31.68 53.56
N ALA A 392 10.90 31.00 53.38
CA ALA A 392 10.86 29.88 52.44
C ALA A 392 11.05 30.35 51.01
N MET A 393 10.69 31.60 50.72
CA MET A 393 10.75 32.14 49.37
C MET A 393 12.12 32.69 49.00
N ARG A 394 13.01 32.91 49.98
CA ARG A 394 14.21 33.68 49.71
C ARG A 394 15.05 33.09 48.59
N PRO A 395 15.35 31.79 48.55
CA PRO A 395 15.79 31.19 47.29
C PRO A 395 14.57 30.82 46.44
N VAL A 396 14.30 31.58 45.39
CA VAL A 396 13.12 31.32 44.58
C VAL A 396 13.39 30.18 43.62
N ASN A 397 12.48 29.20 43.59
CA ASN A 397 12.67 28.00 42.79
C ASN A 397 12.04 28.23 41.42
N GLY A 398 12.88 28.22 40.38
CA GLY A 398 12.39 28.49 39.04
C GLY A 398 11.45 27.43 38.52
N ARG A 399 11.75 26.15 38.82
CA ARG A 399 10.95 25.06 38.29
C ARG A 399 9.50 25.14 38.77
N ARG A 400 9.31 25.34 40.08
CA ARG A 400 7.94 25.44 40.60
C ARG A 400 7.20 26.62 39.97
N LEU A 401 7.85 27.79 39.94
CA LEU A 401 7.25 28.97 39.33
C LEU A 401 6.77 28.67 37.92
N TYR A 402 7.68 28.29 37.04
CA TYR A 402 7.31 28.04 35.65
C TYR A 402 6.28 26.94 35.51
N LYS A 403 6.48 25.81 36.19
CA LYS A 403 5.64 24.65 35.93
C LYS A 403 4.22 24.86 36.44
N ASP A 404 4.04 25.61 37.52
CA ASP A 404 2.72 25.66 38.15
C ASP A 404 2.04 27.02 38.09
N PHE A 405 2.76 28.12 38.27
CA PHE A 405 2.07 29.40 38.45
C PHE A 405 2.12 30.32 37.24
N VAL A 406 3.14 30.22 36.39
CA VAL A 406 3.25 31.13 35.25
C VAL A 406 2.26 30.73 34.16
N LEU A 407 2.17 29.43 33.86
CA LEU A 407 1.37 28.98 32.73
C LEU A 407 -0.13 28.97 32.99
N ASN A 408 -0.57 28.99 34.24
CA ASN A 408 -2.00 28.95 34.53
C ASN A 408 -2.55 30.28 35.03
N VAL A 409 -1.88 31.38 34.71
CA VAL A 409 -2.37 32.69 35.13
C VAL A 409 -3.37 33.21 34.11
N LYS A 410 -4.43 33.85 34.59
CA LYS A 410 -5.44 34.45 33.73
C LYS A 410 -6.04 35.64 34.46
N PHE A 411 -6.09 36.79 33.79
CA PHE A 411 -6.58 38.00 34.45
C PHE A 411 -7.08 38.96 33.40
N ASP A 412 -7.60 40.09 33.88
CA ASP A 412 -8.00 41.18 32.99
C ASP A 412 -6.79 42.00 32.60
N ALA A 413 -6.72 42.40 31.33
CA ALA A 413 -5.58 43.15 30.85
C ALA A 413 -5.54 44.53 31.51
N PRO A 414 -4.38 45.01 31.93
CA PRO A 414 -4.31 46.32 32.57
C PRO A 414 -4.45 47.44 31.57
N PHE A 415 -5.14 48.51 31.99
CA PHE A 415 -5.35 49.70 31.17
C PHE A 415 -6.02 49.36 29.84
N ARG A 416 -6.86 48.35 29.85
CA ARG A 416 -7.62 47.94 28.68
C ARG A 416 -8.69 48.96 28.34
N PRO A 417 -9.12 49.01 27.08
CA PRO A 417 -10.22 49.93 26.72
C PRO A 417 -11.51 49.52 27.41
N ALA A 418 -12.36 50.52 27.63
CA ALA A 418 -13.54 50.31 28.47
C ALA A 418 -14.47 49.24 27.89
N ASP A 419 -14.71 49.30 26.58
CA ASP A 419 -15.70 48.39 25.99
C ASP A 419 -15.16 46.98 25.87
N THR A 420 -13.91 46.84 25.45
CA THR A 420 -13.38 45.53 25.09
C THR A 420 -13.16 44.67 26.33
N HIS A 421 -13.03 43.36 26.09
CA HIS A 421 -12.80 42.37 27.15
C HIS A 421 -11.64 41.46 26.72
N ASN A 422 -10.43 41.88 27.04
CA ASN A 422 -9.25 41.09 26.71
C ASN A 422 -8.79 40.28 27.91
N GLU A 423 -7.89 39.33 27.64
CA GLU A 423 -7.40 38.44 28.68
C GLU A 423 -5.96 38.06 28.38
N VAL A 424 -5.22 37.71 29.42
CA VAL A 424 -3.81 37.34 29.32
C VAL A 424 -3.68 35.90 29.79
N ARG A 425 -3.25 35.03 28.88
CA ARG A 425 -3.07 33.62 29.24
C ARG A 425 -2.12 32.98 28.24
N PHE A 426 -1.58 31.83 28.64
CA PHE A 426 -0.66 31.08 27.80
C PHE A 426 -1.19 29.66 27.63
N ASP A 427 -0.91 29.07 26.47
CA ASP A 427 -1.25 27.69 26.24
C ASP A 427 -0.19 26.77 26.84
N ARG A 428 -0.27 25.48 26.49
CA ARG A 428 0.66 24.51 27.04
C ARG A 428 2.10 24.79 26.63
N PHE A 429 2.32 25.23 25.40
CA PHE A 429 3.65 25.43 24.87
C PHE A 429 4.26 26.77 25.25
N GLY A 430 3.54 27.62 25.98
CA GLY A 430 4.04 28.92 26.34
C GLY A 430 3.77 30.03 25.34
N ASP A 431 3.24 29.69 24.17
CA ASP A 431 2.85 30.71 23.19
C ASP A 431 1.53 31.35 23.59
N GLY A 432 1.45 32.67 23.41
CA GLY A 432 0.29 33.41 23.81
C GLY A 432 -0.86 33.26 22.82
N ILE A 433 -1.99 33.88 23.18
CA ILE A 433 -3.17 33.84 22.33
C ILE A 433 -2.94 34.71 21.10
N GLY A 434 -3.82 34.58 20.11
CA GLY A 434 -3.69 35.35 18.89
C GLY A 434 -4.96 36.06 18.46
N ARG A 435 -4.91 37.38 18.40
CA ARG A 435 -5.99 38.19 17.86
C ARG A 435 -5.42 39.10 16.77
N TYR A 436 -6.01 39.02 15.58
CA TYR A 436 -5.54 39.78 14.43
C TYR A 436 -6.66 40.66 13.88
N ASN A 437 -6.27 41.61 13.04
CA ASN A 437 -7.19 42.45 12.31
C ASN A 437 -6.99 42.25 10.82
N ILE A 438 -8.07 42.38 10.05
CA ILE A 438 -8.05 42.19 8.61
C ILE A 438 -8.41 43.50 7.94
N PHE A 439 -7.58 43.94 7.01
CA PHE A 439 -7.73 45.23 6.37
C PHE A 439 -7.88 45.04 4.87
N THR A 440 -8.48 46.02 4.21
CA THR A 440 -8.59 46.05 2.76
C THR A 440 -8.40 47.47 2.27
N TYR A 441 -7.85 47.62 1.08
CA TYR A 441 -7.66 48.95 0.51
C TYR A 441 -9.00 49.52 0.04
N LEU A 442 -9.13 50.84 -0.02
CA LEU A 442 -10.41 51.36 -0.56
C LEU A 442 -10.28 52.80 -1.00
N ARG A 443 -10.75 53.13 -2.20
CA ARG A 443 -10.79 54.55 -2.65
C ARG A 443 -12.26 54.89 -2.87
N ALA A 444 -12.76 55.97 -2.25
CA ALA A 444 -14.21 56.28 -2.35
C ALA A 444 -14.40 57.65 -3.00
N GLY A 445 -14.39 58.72 -2.20
CA GLY A 445 -14.45 60.07 -2.78
C GLY A 445 -13.14 60.31 -3.50
N SER A 446 -13.13 61.20 -4.49
CA SER A 446 -11.88 61.35 -5.29
C SER A 446 -10.73 61.76 -4.37
N GLY A 447 -9.54 61.20 -4.63
CA GLY A 447 -8.37 61.50 -3.78
C GLY A 447 -8.55 61.03 -2.35
N ARG A 448 -9.16 59.86 -2.14
CA ARG A 448 -9.30 59.34 -0.76
C ARG A 448 -8.88 57.86 -0.67
N TYR A 449 -7.69 57.50 -1.17
CA TYR A 449 -7.19 56.10 -0.99
C TYR A 449 -6.83 55.91 0.48
N ARG A 450 -7.23 54.79 1.09
CA ARG A 450 -7.01 54.62 2.54
C ARG A 450 -7.29 53.19 3.00
N TYR A 451 -6.92 52.87 4.26
CA TYR A 451 -7.16 51.55 4.82
C TYR A 451 -8.45 51.55 5.63
N GLN A 452 -9.16 50.43 5.58
CA GLN A 452 -10.37 50.24 6.37
C GLN A 452 -10.40 48.82 6.90
N LYS A 453 -11.04 48.64 8.05
CA LYS A 453 -11.11 47.36 8.72
C LYS A 453 -12.35 46.61 8.25
N VAL A 454 -12.24 45.29 8.13
CA VAL A 454 -13.35 44.47 7.65
C VAL A 454 -13.60 43.27 8.55
N GLY A 455 -12.91 43.14 9.67
CA GLY A 455 -13.19 42.05 10.57
C GLY A 455 -12.04 41.76 11.51
N TYR A 456 -12.08 40.54 12.05
CA TYR A 456 -11.12 40.12 13.05
C TYR A 456 -10.98 38.60 13.02
N TRP A 457 -9.94 38.12 13.68
CA TRP A 457 -9.63 36.69 13.78
C TRP A 457 -9.16 36.42 15.21
N ALA A 458 -10.07 35.93 16.06
CA ALA A 458 -9.68 35.57 17.42
C ALA A 458 -9.40 34.08 17.53
N GLU A 459 -10.42 33.26 17.26
CA GLU A 459 -10.23 31.82 17.13
C GLU A 459 -10.80 31.26 15.85
N GLY A 460 -11.76 31.92 15.23
CA GLY A 460 -12.22 31.55 13.90
C GLY A 460 -12.48 32.80 13.09
N LEU A 461 -12.26 32.69 11.79
CA LEU A 461 -12.30 33.86 10.92
C LEU A 461 -13.70 34.47 10.94
N THR A 462 -13.77 35.79 11.03
CA THR A 462 -15.03 36.51 11.05
C THR A 462 -14.85 37.84 10.34
N LEU A 463 -15.67 38.07 9.33
CA LEU A 463 -15.62 39.32 8.58
C LEU A 463 -16.99 39.56 7.98
N ASP A 464 -17.23 40.78 7.53
CA ASP A 464 -18.44 41.12 6.81
C ASP A 464 -18.06 41.71 5.46
N THR A 465 -18.78 41.33 4.42
CA THR A 465 -18.48 41.83 3.08
C THR A 465 -19.15 43.17 2.81
N SER A 466 -19.89 43.70 3.78
CA SER A 466 -20.69 44.90 3.54
C SER A 466 -19.83 46.08 3.17
N LEU A 467 -18.69 46.17 3.83
CA LEU A 467 -17.87 47.33 3.58
C LEU A 467 -16.98 47.04 2.41
N ILE A 468 -16.72 45.77 2.13
CA ILE A 468 -15.68 45.51 1.10
C ILE A 468 -16.17 46.16 -0.18
N PRO A 469 -15.33 46.85 -0.98
CA PRO A 469 -15.79 47.38 -2.26
C PRO A 469 -16.25 46.32 -3.27
N TRP A 470 -15.53 45.22 -3.39
CA TRP A 470 -15.87 44.30 -4.46
C TRP A 470 -16.65 43.09 -4.02
N ALA A 471 -17.48 43.17 -3.00
CA ALA A 471 -18.35 42.06 -2.61
C ALA A 471 -19.77 42.51 -2.31
N SER A 474 -22.40 43.89 -5.44
CA SER A 474 -22.44 42.91 -6.52
C SER A 474 -22.06 43.55 -7.86
N ALA A 475 -21.06 44.44 -7.81
CA ALA A 475 -20.56 45.10 -9.02
C ALA A 475 -19.74 44.10 -9.82
N GLY A 476 -20.46 43.20 -10.48
CA GLY A 476 -19.85 42.11 -11.20
C GLY A 476 -19.76 40.87 -10.34
N PRO A 477 -19.27 39.78 -10.92
CA PRO A 477 -19.11 38.53 -10.15
C PRO A 477 -17.92 38.62 -9.21
N LEU A 478 -17.91 37.72 -8.24
CA LEU A 478 -16.77 37.64 -7.34
C LEU A 478 -15.52 37.26 -8.13
N PRO A 479 -14.46 38.05 -8.04
CA PRO A 479 -13.21 37.71 -8.72
C PRO A 479 -12.75 36.32 -8.32
N ALA A 480 -12.47 35.48 -9.30
CA ALA A 480 -12.19 34.07 -9.08
C ALA A 480 -10.94 33.65 -9.82
N SER A 481 -10.24 32.67 -9.25
CA SER A 481 -9.10 32.00 -9.89
C SER A 481 -9.25 30.51 -9.59
N ARG A 482 -9.93 29.80 -10.50
CA ARG A 482 -10.11 28.36 -10.38
C ARG A 482 -9.71 27.74 -11.71
N CYS A 483 -8.83 26.75 -11.66
CA CYS A 483 -8.26 26.19 -12.89
C CYS A 483 -9.34 25.54 -13.75
N SER A 484 -10.23 24.77 -13.14
CA SER A 484 -11.29 24.08 -13.87
C SER A 484 -12.62 24.25 -13.17
N GLU A 485 -13.68 24.33 -13.97
CA GLU A 485 -15.03 24.40 -13.43
C GLU A 485 -15.44 23.03 -12.89
N PRO A 486 -16.44 22.99 -12.01
CA PRO A 486 -16.94 21.69 -11.53
C PRO A 486 -17.43 20.84 -12.69
N CYS A 487 -17.16 19.54 -12.60
CA CYS A 487 -17.46 18.64 -13.70
C CYS A 487 -18.88 18.12 -13.61
N LEU A 488 -19.50 17.92 -14.77
CA LEU A 488 -20.88 17.44 -14.82
C LEU A 488 -20.96 16.00 -14.33
N GLN A 489 -22.11 15.62 -13.77
CA GLN A 489 -22.28 14.26 -13.27
C GLN A 489 -22.43 13.27 -14.42
N ASN A 490 -23.35 13.54 -15.35
CA ASN A 490 -23.54 12.64 -16.48
C ASN A 490 -22.31 12.61 -17.38
N GLU A 491 -21.72 13.78 -17.64
CA GLU A 491 -20.50 13.83 -18.43
C GLU A 491 -19.34 13.22 -17.66
N VAL A 492 -18.47 12.50 -18.36
CA VAL A 492 -17.43 11.73 -17.70
C VAL A 492 -16.35 12.66 -17.17
N LYS A 493 -16.11 12.58 -15.85
CA LYS A 493 -15.10 13.40 -15.20
C LYS A 493 -13.72 12.78 -15.42
N SER A 494 -13.13 13.12 -16.56
CA SER A 494 -11.83 12.59 -16.93
C SER A 494 -10.77 13.00 -15.91
N VAL A 495 -9.98 12.02 -15.46
CA VAL A 495 -8.90 12.27 -14.51
C VAL A 495 -7.62 12.39 -15.32
N GLN A 496 -7.16 13.63 -15.51
CA GLN A 496 -5.97 13.90 -16.30
C GLN A 496 -4.71 13.80 -15.44
N GLU A 499 -2.07 19.39 -11.93
CA GLU A 499 -2.53 19.71 -10.55
C GLU A 499 -3.83 18.97 -10.24
N VAL A 500 -4.25 18.99 -8.97
CA VAL A 500 -5.47 18.25 -8.57
C VAL A 500 -6.64 18.89 -9.32
N CYS A 501 -6.68 20.22 -9.36
CA CYS A 501 -7.83 20.92 -9.98
C CYS A 501 -7.58 21.11 -11.47
N CYS A 502 -6.39 20.79 -11.95
CA CYS A 502 -6.06 21.06 -13.37
C CYS A 502 -6.97 20.25 -14.31
N TRP A 503 -7.30 19.00 -13.96
CA TRP A 503 -8.07 18.13 -14.87
C TRP A 503 -9.36 18.77 -15.39
N LEU A 504 -9.53 18.85 -16.71
CA LEU A 504 -10.76 19.29 -17.33
C LEU A 504 -11.70 18.09 -17.53
N CYS A 505 -12.83 18.32 -18.20
CA CYS A 505 -13.83 17.29 -18.41
C CYS A 505 -13.81 16.82 -19.86
N ILE A 506 -13.67 15.51 -20.05
CA ILE A 506 -13.71 14.89 -21.35
C ILE A 506 -14.71 13.74 -21.29
N PRO A 507 -15.91 13.84 -21.96
CA PRO A 507 -16.93 12.78 -21.95
C PRO A 507 -16.84 11.76 -23.10
N CYS A 508 -17.78 10.79 -23.21
CA CYS A 508 -17.64 9.71 -24.24
C CYS A 508 -18.94 8.97 -24.58
N GLN A 509 -18.93 8.16 -25.66
CA GLN A 509 -20.11 7.32 -26.06
C GLN A 509 -20.35 6.35 -24.90
N TYR A 511 -21.84 4.90 -25.78
CA TYR A 511 -22.33 3.57 -25.42
C TYR A 511 -21.82 3.14 -24.06
N GLU A 512 -20.68 3.69 -23.62
CA GLU A 512 -20.14 3.31 -22.34
C GLU A 512 -20.87 4.05 -21.21
N LEU A 515 -20.71 5.79 -14.81
CA LEU A 515 -21.33 5.73 -13.50
C LEU A 515 -20.58 6.60 -12.49
N ASP A 516 -19.25 6.58 -12.54
CA ASP A 516 -18.44 7.33 -11.59
C ASP A 516 -17.45 8.24 -12.29
N GLU A 517 -16.52 8.83 -11.54
CA GLU A 517 -15.54 9.74 -12.11
C GLU A 517 -14.65 9.02 -13.11
N PHE A 518 -14.12 7.85 -12.72
CA PHE A 518 -13.21 7.10 -13.58
C PHE A 518 -13.81 5.77 -14.02
N THR A 519 -15.12 5.58 -13.86
CA THR A 519 -15.76 4.31 -14.20
C THR A 519 -16.50 4.48 -15.53
N CYS A 520 -15.76 4.31 -16.62
CA CYS A 520 -16.33 4.26 -17.97
C CYS A 520 -16.21 2.84 -18.48
N ALA A 521 -17.34 2.12 -18.51
CA ALA A 521 -17.36 0.70 -18.86
C ALA A 521 -18.38 0.47 -19.95
N ASP A 522 -18.06 -0.47 -20.86
CA ASP A 522 -19.00 -0.87 -21.90
C ASP A 522 -20.16 -1.63 -21.28
N CYS A 523 -21.37 -1.35 -21.76
CA CYS A 523 -22.59 -1.96 -21.22
C CYS A 523 -22.82 -3.34 -21.85
N GLY A 524 -21.83 -4.21 -21.67
CA GLY A 524 -21.90 -5.56 -22.19
C GLY A 524 -21.74 -5.62 -23.69
N LEU A 525 -22.14 -6.76 -24.26
CA LEU A 525 -22.08 -6.92 -25.70
C LEU A 525 -22.99 -5.93 -26.40
N GLY A 526 -24.23 -5.81 -25.94
CA GLY A 526 -25.16 -4.81 -26.43
C GLY A 526 -25.22 -3.65 -25.45
N TRP A 528 -26.24 -0.23 -23.89
CA TRP A 528 -27.34 0.72 -23.79
C TRP A 528 -27.37 1.30 -22.39
N PRO A 529 -26.70 2.42 -22.16
CA PRO A 529 -26.78 3.10 -20.86
C PRO A 529 -28.16 3.71 -20.64
N ASN A 530 -28.43 4.01 -19.37
CA ASN A 530 -29.62 4.76 -19.00
C ASN A 530 -29.35 6.26 -19.06
N LEU A 533 -26.71 6.72 -16.41
CA LEU A 533 -25.82 5.55 -16.35
C LEU A 533 -26.18 4.60 -15.21
N THR A 534 -27.48 4.34 -15.05
CA THR A 534 -27.93 3.46 -13.98
C THR A 534 -27.36 2.06 -14.13
N GLY A 535 -27.35 1.55 -15.36
CA GLY A 535 -26.79 0.23 -15.61
C GLY A 535 -26.91 -0.13 -17.08
N CYS A 536 -26.30 -1.26 -17.42
CA CYS A 536 -26.41 -1.77 -18.78
C CYS A 536 -27.84 -2.22 -19.06
N PHE A 537 -28.31 -1.92 -20.27
CA PHE A 537 -29.65 -2.30 -20.71
C PHE A 537 -29.53 -3.27 -21.88
N GLU A 538 -30.28 -4.36 -21.82
CA GLU A 538 -30.29 -5.38 -22.86
C GLU A 538 -31.61 -5.28 -23.61
N LEU A 539 -31.55 -4.77 -24.84
CA LEU A 539 -32.73 -4.58 -25.66
C LEU A 539 -33.31 -5.93 -26.08
N PRO A 540 -34.63 -6.01 -26.23
CA PRO A 540 -35.24 -7.27 -26.67
C PRO A 540 -34.74 -7.67 -28.05
N GLN A 541 -34.61 -8.98 -28.26
CA GLN A 541 -34.09 -9.48 -29.52
C GLN A 541 -35.01 -9.12 -30.67
N GLU A 542 -34.41 -8.83 -31.83
CA GLU A 542 -35.18 -8.56 -33.03
C GLU A 542 -35.83 -9.82 -33.57
N TYR A 543 -37.15 -9.88 -33.54
CA TYR A 543 -37.91 -10.99 -34.09
C TYR A 543 -38.73 -10.47 -35.26
N ILE A 544 -38.58 -11.13 -36.42
CA ILE A 544 -39.37 -10.74 -37.58
C ILE A 544 -40.83 -11.06 -37.31
N ARG A 545 -41.69 -10.08 -37.56
CA ARG A 545 -43.11 -10.26 -37.27
C ARG A 545 -43.72 -11.33 -38.17
N TRP A 546 -44.59 -12.15 -37.57
CA TRP A 546 -45.32 -13.14 -38.36
C TRP A 546 -46.22 -12.46 -39.39
N ASP A 548 -45.41 -9.51 -40.74
CA ASP A 548 -44.59 -8.49 -41.38
C ASP A 548 -45.02 -8.29 -42.83
N ALA A 549 -45.11 -7.02 -43.24
CA ALA A 549 -45.67 -6.69 -44.55
C ALA A 549 -44.81 -7.28 -45.67
N TRP A 550 -43.49 -7.16 -45.56
CA TRP A 550 -42.62 -7.75 -46.58
C TRP A 550 -42.78 -9.26 -46.62
N ALA A 551 -43.09 -9.88 -45.47
CA ALA A 551 -43.21 -11.33 -45.40
C ALA A 551 -44.54 -11.80 -45.99
N VAL A 552 -45.47 -10.88 -46.21
CA VAL A 552 -46.79 -11.27 -46.71
C VAL A 552 -46.68 -11.90 -48.10
N GLY A 553 -45.89 -11.29 -48.98
CA GLY A 553 -45.74 -11.75 -50.34
C GLY A 553 -45.30 -13.20 -50.48
N PRO A 554 -44.22 -13.58 -49.77
CA PRO A 554 -43.81 -14.99 -49.82
C PRO A 554 -44.91 -15.94 -49.40
N VAL A 555 -45.69 -15.57 -48.38
CA VAL A 555 -46.82 -16.41 -48.00
C VAL A 555 -47.84 -16.49 -49.11
N THR A 556 -48.04 -15.37 -49.84
CA THR A 556 -49.02 -15.37 -50.92
C THR A 556 -48.61 -16.31 -52.05
N ILE A 557 -47.35 -16.24 -52.48
CA ILE A 557 -46.90 -17.13 -53.54
C ILE A 557 -46.87 -18.57 -53.05
N ALA A 558 -46.54 -18.79 -51.78
CA ALA A 558 -46.58 -20.14 -51.22
C ALA A 558 -47.99 -20.71 -51.24
N CYS A 559 -48.97 -19.90 -50.86
CA CYS A 559 -50.35 -20.36 -50.87
C CYS A 559 -50.81 -20.65 -52.28
N LEU A 560 -50.39 -19.82 -53.24
CA LEU A 560 -50.69 -20.10 -54.64
C LEU A 560 -50.10 -21.44 -55.07
N GLY A 561 -48.85 -21.70 -54.69
CA GLY A 561 -48.23 -22.97 -55.03
C GLY A 561 -48.96 -24.15 -54.40
N ALA A 562 -49.34 -24.02 -53.13
CA ALA A 562 -50.04 -25.10 -52.46
C ALA A 562 -51.39 -25.39 -53.09
N LEU A 563 -52.14 -24.34 -53.40
CA LEU A 563 -53.44 -24.53 -54.04
C LEU A 563 -53.30 -25.15 -55.42
N ALA A 564 -52.32 -24.69 -56.21
CA ALA A 564 -52.12 -25.25 -57.54
C ALA A 564 -51.70 -26.72 -57.45
N THR A 565 -50.82 -27.04 -56.52
CA THR A 565 -50.39 -28.43 -56.36
C THR A 565 -51.55 -29.32 -55.93
N LEU A 566 -52.40 -28.83 -55.03
CA LEU A 566 -53.58 -29.60 -54.65
C LEU A 566 -54.49 -29.82 -55.84
N PHE A 567 -54.69 -28.79 -56.66
CA PHE A 567 -55.55 -28.93 -57.83
C PHE A 567 -54.98 -29.95 -58.81
N VAL A 568 -53.66 -29.91 -58.99
CA VAL A 568 -53.03 -30.89 -59.89
C VAL A 568 -53.20 -32.29 -59.35
N LEU A 569 -53.01 -32.47 -58.04
CA LEU A 569 -53.19 -33.79 -57.45
C LEU A 569 -54.62 -34.29 -57.63
N GLY A 570 -55.60 -33.41 -57.43
CA GLY A 570 -56.98 -33.81 -57.60
C GLY A 570 -57.30 -34.18 -59.04
N VAL A 571 -56.89 -33.36 -59.99
CA VAL A 571 -57.17 -33.66 -61.39
C VAL A 571 -56.43 -34.92 -61.82
N PHE A 572 -55.33 -35.25 -61.14
CA PHE A 572 -54.67 -36.51 -61.40
C PHE A 572 -55.49 -37.67 -60.84
N VAL A 573 -56.05 -37.49 -59.64
CA VAL A 573 -56.84 -38.56 -59.02
C VAL A 573 -58.08 -38.87 -59.85
N ARG A 574 -58.76 -37.83 -60.34
CA ARG A 574 -59.96 -38.06 -61.15
C ARG A 574 -59.62 -38.78 -62.45
N HIS A 575 -58.50 -38.43 -63.07
CA HIS A 575 -58.12 -38.93 -64.38
C HIS A 575 -57.31 -40.22 -64.31
N ASN A 576 -57.47 -41.03 -63.26
CA ASN A 576 -56.66 -42.23 -63.11
C ASN A 576 -56.93 -43.24 -64.22
N ALA A 577 -58.18 -43.38 -64.64
CA ALA A 577 -58.52 -44.39 -65.64
C ALA A 577 -57.96 -44.02 -67.01
N THR A 578 -57.82 -42.73 -67.29
CA THR A 578 -57.38 -42.30 -68.61
C THR A 578 -55.97 -42.81 -68.91
N PRO A 579 -55.71 -43.20 -70.16
CA PRO A 579 -54.37 -43.75 -70.48
C PRO A 579 -53.23 -42.79 -70.25
N VAL A 580 -53.47 -41.49 -70.40
CA VAL A 580 -52.41 -40.48 -70.33
C VAL A 580 -51.70 -40.56 -68.99
N VAL A 581 -52.46 -40.75 -67.92
CA VAL A 581 -51.92 -40.82 -66.58
C VAL A 581 -51.66 -42.25 -66.15
N LYS A 582 -52.50 -43.19 -66.60
CA LYS A 582 -52.37 -44.56 -66.13
C LYS A 582 -51.22 -45.29 -66.81
N ALA A 583 -50.68 -44.71 -67.88
CA ALA A 583 -49.59 -45.37 -68.59
C ALA A 583 -48.37 -45.55 -67.70
N SER A 584 -47.90 -44.47 -67.06
CA SER A 584 -46.78 -44.60 -66.15
C SER A 584 -47.22 -45.22 -64.83
N GLY A 585 -48.47 -44.99 -64.45
CA GLY A 585 -48.98 -45.39 -63.15
C GLY A 585 -49.04 -44.27 -62.14
N ARG A 586 -48.29 -43.19 -62.36
CA ARG A 586 -48.37 -41.96 -61.55
C ARG A 586 -47.90 -42.17 -60.12
N GLU A 587 -47.23 -43.29 -59.82
CA GLU A 587 -46.63 -43.44 -58.50
C GLU A 587 -45.57 -42.38 -58.27
N LEU A 588 -44.76 -42.10 -59.30
CA LEU A 588 -43.80 -41.01 -59.23
C LEU A 588 -44.52 -39.67 -59.20
N CYS A 589 -45.74 -39.61 -59.73
CA CYS A 589 -46.49 -38.36 -59.70
C CYS A 589 -46.89 -38.00 -58.27
N TYR A 590 -47.30 -39.00 -57.48
CA TYR A 590 -47.65 -38.72 -56.08
C TYR A 590 -46.44 -38.22 -55.30
N ILE A 591 -45.27 -38.84 -55.51
CA ILE A 591 -44.09 -38.43 -54.76
C ILE A 591 -43.59 -37.08 -55.24
N LEU A 592 -43.73 -36.80 -56.54
CA LEU A 592 -43.39 -35.48 -57.05
C LEU A 592 -44.30 -34.42 -56.44
N LEU A 593 -45.59 -34.72 -56.33
CA LEU A 593 -46.52 -33.80 -55.69
C LEU A 593 -46.15 -33.58 -54.23
N GLY A 594 -45.74 -34.65 -53.54
CA GLY A 594 -45.29 -34.51 -52.17
C GLY A 594 -44.05 -33.64 -52.04
N GLY A 595 -43.09 -33.83 -52.93
CA GLY A 595 -41.92 -32.97 -52.93
C GLY A 595 -42.26 -31.53 -53.23
N VAL A 596 -43.21 -31.31 -54.14
CA VAL A 596 -43.68 -29.95 -54.42
C VAL A 596 -44.31 -29.34 -53.18
N PHE A 597 -45.15 -30.12 -52.49
CA PHE A 597 -45.76 -29.63 -51.27
C PHE A 597 -44.70 -29.28 -50.24
N LEU A 598 -43.66 -30.12 -50.11
CA LEU A 598 -42.60 -29.84 -49.15
C LEU A 598 -41.82 -28.58 -49.51
N CYS A 599 -41.50 -28.39 -50.78
CA CYS A 599 -40.69 -27.23 -51.13
C CYS A 599 -41.51 -25.95 -51.02
N TYR A 600 -42.82 -26.04 -51.23
CA TYR A 600 -43.67 -24.92 -50.89
C TYR A 600 -43.70 -24.70 -49.37
N CYS A 601 -43.70 -25.79 -48.61
CA CYS A 601 -43.78 -25.69 -47.16
C CYS A 601 -42.55 -25.03 -46.57
N MET A 602 -41.41 -25.13 -47.25
CA MET A 602 -40.25 -24.38 -46.79
C MET A 602 -40.49 -22.87 -46.78
N THR A 603 -41.44 -22.38 -47.59
CA THR A 603 -41.72 -20.95 -47.51
C THR A 603 -42.23 -20.58 -46.13
N PHE A 604 -43.17 -21.35 -45.59
CA PHE A 604 -43.64 -21.12 -44.23
C PHE A 604 -42.57 -21.45 -43.20
N ILE A 605 -41.82 -22.54 -43.43
CA ILE A 605 -40.86 -22.99 -42.44
C ILE A 605 -39.76 -21.96 -42.23
N PHE A 606 -39.25 -21.38 -43.33
CA PHE A 606 -38.14 -20.44 -43.21
C PHE A 606 -38.53 -19.20 -42.43
N ILE A 607 -39.72 -18.67 -42.69
CA ILE A 607 -40.18 -17.45 -42.04
C ILE A 607 -40.85 -17.79 -40.71
N ALA A 608 -40.05 -17.88 -39.66
CA ALA A 608 -40.56 -18.20 -38.33
C ALA A 608 -39.63 -17.65 -37.27
N LYS A 609 -40.13 -17.55 -36.05
CA LYS A 609 -39.33 -17.02 -34.95
C LYS A 609 -38.15 -17.94 -34.66
N PRO A 610 -36.96 -17.41 -34.46
CA PRO A 610 -35.79 -18.26 -34.23
C PRO A 610 -35.90 -19.03 -32.92
N SER A 611 -35.57 -20.32 -32.98
CA SER A 611 -35.46 -21.17 -31.82
C SER A 611 -34.50 -22.31 -32.14
N THR A 612 -34.00 -22.95 -31.09
CA THR A 612 -33.11 -24.10 -31.30
C THR A 612 -33.78 -25.15 -32.16
N ALA A 613 -34.99 -25.57 -31.78
CA ALA A 613 -35.73 -26.52 -32.60
C ALA A 613 -36.05 -25.93 -33.96
N VAL A 614 -36.38 -24.64 -34.01
CA VAL A 614 -36.67 -23.99 -35.28
C VAL A 614 -35.44 -23.99 -36.18
N CYS A 615 -34.28 -23.64 -35.62
CA CYS A 615 -33.07 -23.62 -36.44
C CYS A 615 -32.71 -25.01 -36.93
N THR A 616 -32.88 -26.02 -36.07
CA THR A 616 -32.58 -27.39 -36.46
C THR A 616 -33.50 -27.85 -37.58
N LEU A 617 -34.81 -27.60 -37.46
CA LEU A 617 -35.73 -27.99 -38.52
C LEU A 617 -35.44 -27.23 -39.80
N ARG A 618 -35.09 -25.94 -39.69
CA ARG A 618 -34.77 -25.15 -40.87
C ARG A 618 -33.57 -25.71 -41.60
N ARG A 619 -32.54 -26.09 -40.85
CA ARG A 619 -31.40 -26.75 -41.47
C ARG A 619 -31.78 -28.09 -42.08
N LEU A 620 -32.58 -28.89 -41.36
CA LEU A 620 -32.86 -30.24 -41.82
C LEU A 620 -33.66 -30.25 -43.12
N GLY A 621 -34.78 -29.54 -43.15
CA GLY A 621 -35.66 -29.66 -44.30
C GLY A 621 -35.07 -29.06 -45.57
N LEU A 622 -34.08 -28.18 -45.41
CA LEU A 622 -33.57 -27.42 -46.54
C LEU A 622 -33.02 -28.34 -47.61
N GLY A 623 -32.13 -29.24 -47.23
CA GLY A 623 -31.64 -30.23 -48.18
C GLY A 623 -32.72 -31.23 -48.55
N THR A 624 -33.66 -31.48 -47.63
CA THR A 624 -34.64 -32.52 -47.84
C THR A 624 -35.52 -32.23 -49.04
N ALA A 625 -35.96 -30.98 -49.17
CA ALA A 625 -36.88 -30.64 -50.25
C ALA A 625 -36.24 -30.86 -51.61
N PHE A 626 -35.05 -30.30 -51.81
CA PHE A 626 -34.34 -30.48 -53.07
C PHE A 626 -34.02 -31.94 -53.31
N SER A 627 -33.60 -32.67 -52.27
CA SER A 627 -33.25 -34.07 -52.46
C SER A 627 -34.44 -34.87 -52.93
N VAL A 628 -35.61 -34.66 -52.31
CA VAL A 628 -36.80 -35.39 -52.72
C VAL A 628 -37.16 -35.07 -54.16
N CYS A 629 -37.15 -33.78 -54.52
CA CYS A 629 -37.52 -33.41 -55.87
C CYS A 629 -36.56 -33.99 -56.90
N TYR A 630 -35.26 -33.84 -56.66
CA TYR A 630 -34.25 -34.30 -57.60
C TYR A 630 -34.28 -35.81 -57.73
N SER A 631 -34.46 -36.52 -56.61
CA SER A 631 -34.57 -37.96 -56.68
C SER A 631 -35.79 -38.37 -57.48
N ALA A 632 -36.92 -37.68 -57.30
CA ALA A 632 -38.11 -38.01 -58.06
C ALA A 632 -37.85 -37.89 -59.56
N LEU A 633 -37.35 -36.73 -59.99
CA LEU A 633 -37.08 -36.55 -61.42
C LEU A 633 -36.04 -37.55 -61.92
N LEU A 634 -34.98 -37.76 -61.14
CA LEU A 634 -33.91 -38.66 -61.55
C LEU A 634 -34.42 -40.09 -61.69
N THR A 635 -35.27 -40.53 -60.77
CA THR A 635 -35.84 -41.87 -60.88
C THR A 635 -36.76 -41.95 -62.09
N LYS A 636 -37.51 -40.88 -62.36
CA LYS A 636 -38.38 -40.87 -63.53
C LYS A 636 -37.56 -41.05 -64.81
N THR A 637 -36.36 -40.48 -64.83
CA THR A 637 -35.47 -40.72 -65.96
C THR A 637 -34.88 -42.13 -65.92
N ASN A 638 -34.43 -42.57 -64.75
CA ASN A 638 -33.58 -43.76 -64.66
C ASN A 638 -34.38 -45.04 -64.90
N ARG A 639 -35.64 -45.07 -64.47
CA ARG A 639 -36.42 -46.29 -64.59
C ARG A 639 -36.58 -46.73 -66.04
N ILE A 640 -36.56 -45.77 -66.97
CA ILE A 640 -36.61 -46.08 -68.40
C ILE A 640 -35.28 -45.82 -69.09
N ALA A 641 -34.29 -45.30 -68.36
CA ALA A 641 -32.95 -45.17 -68.95
C ALA A 641 -32.40 -46.52 -69.36
N ARG A 642 -32.82 -47.59 -68.69
CA ARG A 642 -32.38 -48.93 -69.04
C ARG A 642 -33.08 -49.42 -70.30
N SER A 658 -38.78 -54.32 -62.34
CA SER A 658 -39.70 -54.18 -61.22
C SER A 658 -40.01 -52.71 -60.95
N PRO A 659 -41.24 -52.30 -61.28
CA PRO A 659 -41.62 -50.89 -61.03
C PRO A 659 -41.48 -50.49 -59.57
N ALA A 660 -41.84 -51.39 -58.65
CA ALA A 660 -41.74 -51.06 -57.23
C ALA A 660 -40.29 -50.95 -56.79
N SER A 661 -39.38 -51.61 -57.51
CA SER A 661 -37.96 -51.49 -57.20
C SER A 661 -37.47 -50.07 -57.45
N GLN A 662 -38.11 -49.33 -58.36
CA GLN A 662 -37.78 -47.92 -58.53
C GLN A 662 -38.04 -47.14 -57.26
N VAL A 663 -39.10 -47.50 -56.54
CA VAL A 663 -39.37 -46.88 -55.24
C VAL A 663 -38.22 -47.16 -54.28
N ALA A 664 -37.66 -48.36 -54.32
CA ALA A 664 -36.52 -48.69 -53.46
C ALA A 664 -35.28 -47.89 -53.86
N ILE A 665 -35.07 -47.71 -55.16
CA ILE A 665 -33.94 -46.90 -55.62
C ILE A 665 -34.10 -45.46 -55.16
N CYS A 666 -35.32 -44.94 -55.17
CA CYS A 666 -35.59 -43.64 -54.59
C CYS A 666 -35.32 -43.62 -53.10
N LEU A 667 -35.74 -44.68 -52.40
CA LEU A 667 -35.62 -44.76 -50.96
C LEU A 667 -34.16 -44.73 -50.53
N ALA A 668 -33.29 -45.39 -51.28
CA ALA A 668 -31.87 -45.40 -50.92
C ALA A 668 -31.31 -43.99 -50.86
N LEU A 669 -31.56 -43.20 -51.92
CA LEU A 669 -31.03 -41.85 -51.98
C LEU A 669 -31.64 -40.96 -50.90
N ILE A 670 -32.96 -41.05 -50.70
CA ILE A 670 -33.59 -40.16 -49.73
C ILE A 670 -33.11 -40.51 -48.32
N SER A 671 -32.92 -41.81 -48.06
CA SER A 671 -32.39 -42.22 -46.76
C SER A 671 -30.97 -41.72 -46.56
N GLY A 672 -30.16 -41.74 -47.62
CA GLY A 672 -28.81 -41.20 -47.50
C GLY A 672 -28.81 -39.72 -47.19
N GLN A 673 -29.68 -38.97 -47.87
CA GLN A 673 -29.80 -37.55 -47.58
C GLN A 673 -30.22 -37.33 -46.14
N LEU A 674 -31.21 -38.09 -45.67
CA LEU A 674 -31.66 -37.96 -44.29
C LEU A 674 -30.52 -38.26 -43.33
N LEU A 675 -29.75 -39.32 -43.60
CA LEU A 675 -28.66 -39.70 -42.71
C LEU A 675 -27.61 -38.60 -42.63
N ILE A 676 -27.22 -38.04 -43.76
CA ILE A 676 -26.17 -37.04 -43.73
C ILE A 676 -26.65 -35.79 -42.99
N VAL A 677 -27.91 -35.37 -43.23
CA VAL A 677 -28.37 -34.16 -42.57
C VAL A 677 -28.47 -34.39 -41.06
N VAL A 678 -28.97 -35.56 -40.63
CA VAL A 678 -29.12 -35.74 -39.19
C VAL A 678 -27.76 -35.83 -38.53
N ALA A 679 -26.79 -36.45 -39.20
CA ALA A 679 -25.45 -36.51 -38.63
C ALA A 679 -24.85 -35.11 -38.47
N TRP A 680 -24.93 -34.29 -39.53
CA TRP A 680 -24.39 -32.95 -39.43
C TRP A 680 -25.13 -32.13 -38.38
N LEU A 681 -26.42 -32.41 -38.20
CA LEU A 681 -27.20 -31.71 -37.16
C LEU A 681 -26.75 -32.13 -35.77
N VAL A 682 -26.91 -33.41 -35.63
CA VAL A 682 -26.69 -33.83 -34.24
C VAL A 682 -25.32 -33.36 -33.85
N VAL A 683 -24.42 -33.37 -34.79
CA VAL A 683 -23.03 -33.18 -34.34
C VAL A 683 -22.92 -31.89 -33.57
N GLU A 684 -23.58 -30.84 -34.02
CA GLU A 684 -23.35 -29.54 -33.36
C GLU A 684 -24.64 -29.09 -32.74
N ALA A 685 -24.58 -28.69 -31.50
CA ALA A 685 -25.84 -28.31 -30.88
C ALA A 685 -26.35 -27.22 -31.75
N PRO A 686 -27.61 -27.30 -32.19
CA PRO A 686 -28.18 -26.24 -32.93
C PRO A 686 -28.76 -25.39 -31.80
N GLY A 687 -28.54 -24.09 -31.88
CA GLY A 687 -28.99 -23.24 -30.79
C GLY A 687 -29.16 -21.83 -31.24
N THR A 688 -29.96 -21.06 -30.53
CA THR A 688 -30.19 -19.66 -30.84
C THR A 688 -29.86 -18.76 -29.65
N GLU A 691 -26.94 -11.53 -32.09
CA GLU A 691 -25.83 -11.15 -32.95
C GLU A 691 -25.35 -9.75 -32.65
N THR A 692 -24.13 -9.64 -32.13
CA THR A 692 -23.55 -8.35 -31.80
C THR A 692 -23.35 -7.53 -33.07
N ALA A 693 -23.67 -6.24 -33.01
CA ALA A 693 -23.58 -5.37 -34.17
C ALA A 693 -23.43 -3.94 -33.69
N PRO A 694 -22.85 -3.06 -34.52
CA PRO A 694 -22.68 -1.65 -34.10
C PRO A 694 -23.97 -0.86 -34.17
N GLU A 695 -23.88 0.43 -33.93
CA GLU A 695 -24.97 1.41 -33.94
C GLU A 695 -25.95 1.20 -32.80
N ARG A 696 -25.71 0.23 -31.91
CA ARG A 696 -26.55 -0.01 -30.73
C ARG A 696 -28.01 -0.26 -31.09
N ARG A 697 -28.28 -0.48 -32.38
CA ARG A 697 -29.63 -0.78 -32.85
C ARG A 697 -29.71 -2.04 -33.69
N GLU A 698 -28.62 -2.47 -34.32
CA GLU A 698 -28.59 -3.74 -35.04
C GLU A 698 -28.21 -4.91 -34.14
N VAL A 699 -27.83 -4.64 -32.88
CA VAL A 699 -27.41 -5.72 -31.98
C VAL A 699 -28.61 -6.54 -31.54
N VAL A 700 -29.82 -5.98 -31.67
CA VAL A 700 -31.03 -6.72 -31.31
C VAL A 700 -31.18 -7.95 -32.19
N THR A 701 -30.61 -7.92 -33.39
CA THR A 701 -30.67 -9.07 -34.28
C THR A 701 -29.90 -10.25 -33.68
N LEU A 702 -30.43 -11.45 -33.89
CA LEU A 702 -29.80 -12.67 -33.42
C LEU A 702 -30.00 -13.77 -34.46
N ARG A 703 -29.12 -14.76 -34.42
CA ARG A 703 -29.15 -15.86 -35.36
C ARG A 703 -28.84 -17.16 -34.64
N CYS A 704 -29.23 -18.27 -35.26
CA CYS A 704 -28.93 -19.58 -34.68
C CYS A 704 -27.42 -19.82 -34.72
N ASN A 705 -26.91 -20.41 -33.63
CA ASN A 705 -25.46 -20.50 -33.44
C ASN A 705 -24.80 -21.41 -34.46
N HIS A 706 -25.57 -22.25 -35.14
CA HIS A 706 -24.99 -23.16 -36.12
C HIS A 706 -24.32 -22.37 -37.25
N ARG A 707 -23.14 -22.84 -37.65
CA ARG A 707 -22.39 -22.16 -38.70
C ARG A 707 -23.12 -22.27 -40.03
N ASP A 708 -23.30 -21.13 -40.70
CA ASP A 708 -24.00 -21.12 -41.97
C ASP A 708 -23.17 -21.76 -43.07
N ALA A 709 -21.84 -21.67 -42.96
CA ALA A 709 -20.97 -22.29 -43.96
C ALA A 709 -21.11 -23.82 -43.94
N SER A 710 -21.25 -24.40 -42.73
CA SER A 710 -21.48 -25.84 -42.63
C SER A 710 -22.75 -26.23 -43.37
N MET A 711 -23.73 -25.35 -43.42
CA MET A 711 -24.92 -25.61 -44.21
C MET A 711 -24.58 -25.73 -45.68
N LEU A 712 -23.69 -24.87 -46.19
CA LEU A 712 -23.25 -24.99 -47.58
C LEU A 712 -22.49 -26.28 -47.80
N GLY A 713 -21.64 -26.65 -46.84
CA GLY A 713 -20.93 -27.92 -46.95
C GLY A 713 -21.87 -29.10 -47.03
N SER A 714 -22.95 -29.07 -46.25
CA SER A 714 -23.96 -30.12 -46.33
C SER A 714 -24.68 -30.08 -47.67
N LEU A 715 -25.09 -28.89 -48.10
CA LEU A 715 -25.83 -28.74 -49.35
C LEU A 715 -24.98 -29.10 -50.56
N ALA A 716 -23.67 -29.25 -50.37
CA ALA A 716 -22.82 -29.71 -51.47
C ALA A 716 -23.32 -31.05 -52.01
N TYR A 717 -23.89 -31.89 -51.15
CA TYR A 717 -24.46 -33.14 -51.64
C TYR A 717 -25.62 -32.87 -52.59
N ASN A 718 -26.53 -31.98 -52.21
CA ASN A 718 -27.64 -31.64 -53.09
C ASN A 718 -27.14 -30.97 -54.36
N VAL A 719 -26.02 -30.25 -54.28
CA VAL A 719 -25.41 -29.67 -55.47
C VAL A 719 -24.93 -30.77 -56.41
N LEU A 720 -24.32 -31.80 -55.84
CA LEU A 720 -23.97 -32.98 -56.62
C LEU A 720 -25.21 -33.60 -57.25
N LEU A 721 -26.32 -33.59 -56.52
CA LEU A 721 -27.57 -34.09 -57.08
C LEU A 721 -28.06 -33.24 -58.24
N ILE A 722 -27.90 -31.92 -58.12
CA ILE A 722 -28.26 -31.01 -59.20
C ILE A 722 -27.44 -31.32 -60.45
N LEU A 724 -26.10 -34.22 -61.05
CA LEU A 724 -26.41 -35.59 -61.45
C LEU A 724 -27.68 -35.65 -62.31
N CYS A 725 -28.71 -34.89 -61.95
CA CYS A 725 -29.96 -34.99 -62.69
C CYS A 725 -29.78 -34.52 -64.13
N THR A 726 -29.13 -33.37 -64.32
CA THR A 726 -28.83 -32.90 -65.66
C THR A 726 -27.89 -33.85 -66.40
N LEU A 727 -26.89 -34.42 -65.71
CA LEU A 727 -26.02 -35.39 -66.36
C LEU A 727 -26.81 -36.56 -66.91
N TYR A 728 -27.64 -37.18 -66.08
CA TYR A 728 -28.40 -38.34 -66.52
C TYR A 728 -29.45 -37.97 -67.57
N ALA A 729 -29.91 -36.72 -67.58
CA ALA A 729 -30.88 -36.31 -68.59
C ALA A 729 -30.20 -36.07 -69.94
N PHE A 730 -28.95 -35.59 -69.93
CA PHE A 730 -28.33 -35.16 -71.18
C PHE A 730 -28.17 -36.32 -72.16
N LYS A 731 -27.70 -37.47 -71.68
CA LYS A 731 -27.47 -38.60 -72.57
C LYS A 731 -28.77 -39.12 -73.17
N THR A 732 -29.82 -39.23 -72.37
CA THR A 732 -31.12 -39.71 -72.83
C THR A 732 -31.85 -38.68 -73.68
N ARG A 733 -31.35 -37.45 -73.75
CA ARG A 733 -32.02 -36.41 -74.53
C ARG A 733 -32.10 -36.79 -76.00
N LYS A 734 -31.21 -37.67 -76.47
CA LYS A 734 -31.28 -38.12 -77.85
C LYS A 734 -32.45 -39.06 -78.06
N CYS A 735 -32.79 -39.87 -77.05
CA CYS A 735 -33.86 -40.84 -77.20
C CYS A 735 -35.20 -40.12 -77.32
N PRO A 736 -35.99 -40.43 -78.35
CA PRO A 736 -37.29 -39.74 -78.57
C PRO A 736 -38.40 -40.31 -77.69
N GLU A 737 -38.43 -39.85 -76.44
CA GLU A 737 -39.45 -40.32 -75.50
C GLU A 737 -40.83 -39.89 -75.95
N ASN A 738 -41.84 -40.67 -75.55
CA ASN A 738 -43.21 -40.30 -75.85
C ASN A 738 -43.55 -38.95 -75.25
N PHE A 739 -44.16 -38.08 -76.06
CA PHE A 739 -44.54 -36.73 -75.68
C PHE A 739 -43.35 -35.87 -75.27
N ASN A 740 -42.15 -36.19 -75.75
CA ASN A 740 -40.95 -35.38 -75.53
C ASN A 740 -40.68 -35.18 -74.03
N GLU A 741 -40.85 -36.24 -73.26
CA GLU A 741 -40.61 -36.15 -71.81
C GLU A 741 -39.15 -35.82 -71.51
N ALA A 742 -38.22 -36.41 -72.26
CA ALA A 742 -36.81 -36.16 -72.02
C ALA A 742 -36.45 -34.70 -72.27
N LYS A 743 -37.03 -34.10 -73.31
CA LYS A 743 -36.79 -32.68 -73.57
C LYS A 743 -37.30 -31.82 -72.43
N PHE A 744 -38.47 -32.16 -71.89
CA PHE A 744 -38.99 -31.43 -70.74
C PHE A 744 -38.05 -31.56 -69.56
N ILE A 745 -37.54 -32.77 -69.31
CA ILE A 745 -36.64 -32.97 -68.17
C ILE A 745 -35.37 -32.16 -68.34
N GLY A 746 -34.81 -32.14 -69.56
CA GLY A 746 -33.61 -31.38 -69.80
C GLY A 746 -33.82 -29.88 -69.65
N PHE A 747 -34.96 -29.39 -70.16
CA PHE A 747 -35.29 -27.98 -69.96
C PHE A 747 -35.45 -27.67 -68.48
N THR A 748 -36.04 -28.59 -67.72
CA THR A 748 -36.18 -28.38 -66.28
C THR A 748 -34.83 -28.30 -65.59
N MET A 749 -33.91 -29.18 -65.96
CA MET A 749 -32.59 -29.16 -65.35
C MET A 749 -31.85 -27.87 -65.68
N TYR A 750 -31.95 -27.42 -66.94
CA TYR A 750 -31.35 -26.15 -67.30
C TYR A 750 -31.97 -24.99 -66.53
N THR A 751 -33.30 -25.01 -66.37
CA THR A 751 -33.97 -23.96 -65.62
C THR A 751 -33.52 -23.95 -64.16
N THR A 752 -33.44 -25.13 -63.56
CA THR A 752 -32.96 -25.22 -62.18
C THR A 752 -31.54 -24.69 -62.05
N CYS A 753 -30.69 -25.01 -63.02
CA CYS A 753 -29.32 -24.48 -63.01
C CYS A 753 -29.32 -22.97 -63.12
N ILE A 754 -30.20 -22.41 -63.96
CA ILE A 754 -30.26 -20.96 -64.13
C ILE A 754 -30.70 -20.30 -62.83
N ILE A 755 -31.73 -20.86 -62.19
CA ILE A 755 -32.22 -20.31 -60.94
C ILE A 755 -31.13 -20.40 -59.86
N TRP A 756 -30.43 -21.53 -59.81
CA TRP A 756 -29.36 -21.70 -58.83
C TRP A 756 -28.24 -20.70 -59.08
N LEU A 757 -27.87 -20.48 -60.34
CA LEU A 757 -26.83 -19.51 -60.65
C LEU A 757 -27.25 -18.11 -60.23
N ALA A 758 -28.50 -17.73 -60.53
CA ALA A 758 -28.98 -16.43 -60.11
C ALA A 758 -29.02 -16.30 -58.60
N PHE A 759 -29.19 -17.43 -57.90
CA PHE A 759 -29.18 -17.41 -56.44
C PHE A 759 -27.83 -16.97 -55.89
N LEU A 760 -26.75 -17.30 -56.58
CA LEU A 760 -25.41 -17.09 -56.02
C LEU A 760 -25.10 -15.62 -55.72
N PRO A 761 -25.30 -14.67 -56.63
CA PRO A 761 -24.93 -13.28 -56.30
C PRO A 761 -25.70 -12.70 -55.13
N ILE A 762 -26.96 -13.10 -54.96
CA ILE A 762 -27.80 -12.50 -53.92
C ILE A 762 -27.25 -12.77 -52.54
N PHE A 763 -26.81 -14.01 -52.28
CA PHE A 763 -26.29 -14.35 -50.96
C PHE A 763 -25.07 -13.49 -50.63
N TYR A 764 -24.12 -13.40 -51.56
CA TYR A 764 -22.94 -12.60 -51.33
C TYR A 764 -23.29 -11.13 -51.15
N VAL A 765 -24.24 -10.63 -51.94
CA VAL A 765 -24.58 -9.21 -51.89
C VAL A 765 -25.22 -8.84 -50.56
N THR A 766 -26.23 -9.62 -50.13
CA THR A 766 -27.01 -9.23 -48.97
C THR A 766 -26.89 -10.22 -47.80
N SER A 767 -25.75 -10.86 -47.62
CA SER A 767 -25.50 -11.55 -46.35
C SER A 767 -25.57 -10.58 -45.18
N SER A 768 -25.36 -9.28 -45.43
CA SER A 768 -25.45 -8.29 -44.37
C SER A 768 -26.89 -8.13 -43.88
N ASP A 769 -27.85 -8.09 -44.80
CA ASP A 769 -29.25 -7.86 -44.46
C ASP A 769 -29.99 -9.18 -44.45
N TYR A 770 -30.54 -9.54 -43.27
CA TYR A 770 -31.26 -10.80 -43.13
C TYR A 770 -32.52 -10.82 -43.99
N ARG A 771 -33.23 -9.69 -44.06
CA ARG A 771 -34.51 -9.66 -44.74
C ARG A 771 -34.35 -9.97 -46.23
N VAL A 772 -33.42 -9.28 -46.88
CA VAL A 772 -33.25 -9.45 -48.32
C VAL A 772 -32.79 -10.86 -48.64
N GLN A 773 -31.83 -11.37 -47.89
CA GLN A 773 -31.35 -12.73 -48.13
C GLN A 773 -32.46 -13.76 -47.95
N THR A 774 -33.23 -13.63 -46.86
CA THR A 774 -34.31 -14.58 -46.63
C THR A 774 -35.36 -14.52 -47.72
N THR A 775 -35.77 -13.31 -48.10
CA THR A 775 -36.79 -13.17 -49.13
C THR A 775 -36.31 -13.73 -50.45
N THR A 776 -35.06 -13.45 -50.83
CA THR A 776 -34.53 -13.97 -52.08
C THR A 776 -34.43 -15.48 -52.03
N MET A 777 -34.01 -16.04 -50.90
CA MET A 777 -33.89 -17.50 -50.80
C MET A 777 -35.24 -18.17 -50.97
N CYS A 778 -36.25 -17.71 -50.21
CA CYS A 778 -37.57 -18.30 -50.34
C CYS A 778 -38.13 -18.11 -51.74
N VAL A 779 -37.93 -16.92 -52.31
CA VAL A 779 -38.43 -16.65 -53.66
C VAL A 779 -37.81 -17.62 -54.65
N SER A 780 -36.49 -17.81 -54.56
CA SER A 780 -35.82 -18.72 -55.48
C SER A 780 -36.31 -20.14 -55.31
N VAL A 781 -36.48 -20.58 -54.06
CA VAL A 781 -36.94 -21.95 -53.83
C VAL A 781 -38.32 -22.14 -54.43
N SER A 782 -39.23 -21.21 -54.16
CA SER A 782 -40.59 -21.32 -54.68
C SER A 782 -40.60 -21.23 -56.20
N LEU A 783 -39.77 -20.36 -56.78
CA LEU A 783 -39.67 -20.25 -58.22
C LEU A 783 -39.23 -21.56 -58.85
N SER A 784 -38.19 -22.17 -58.27
CA SER A 784 -37.71 -23.45 -58.76
C SER A 784 -38.81 -24.49 -58.66
N GLY A 785 -39.50 -24.52 -57.52
CA GLY A 785 -40.55 -25.52 -57.34
C GLY A 785 -41.68 -25.35 -58.34
N SER A 786 -42.15 -24.12 -58.51
CA SER A 786 -43.24 -23.87 -59.44
C SER A 786 -42.82 -24.18 -60.87
N VAL A 787 -41.61 -23.78 -61.26
CA VAL A 787 -41.12 -24.05 -62.60
C VAL A 787 -41.02 -25.56 -62.83
N VAL A 788 -40.45 -26.28 -61.87
CA VAL A 788 -40.27 -27.72 -62.03
C VAL A 788 -41.62 -28.41 -62.13
N LEU A 789 -42.56 -28.06 -61.26
CA LEU A 789 -43.87 -28.69 -61.29
C LEU A 789 -44.58 -28.39 -62.61
N GLY A 790 -44.56 -27.14 -63.05
CA GLY A 790 -45.18 -26.82 -64.32
C GLY A 790 -44.57 -27.57 -65.47
N CYS A 791 -43.23 -27.61 -65.53
CA CYS A 791 -42.56 -28.31 -66.62
C CYS A 791 -42.89 -29.79 -66.61
N LEU A 792 -42.90 -30.41 -65.43
CA LEU A 792 -43.11 -31.85 -65.35
C LEU A 792 -44.54 -32.22 -65.70
N PHE A 793 -45.51 -31.45 -65.22
CA PHE A 793 -46.91 -31.83 -65.40
C PHE A 793 -47.63 -31.02 -66.47
N ALA A 794 -46.90 -30.29 -67.32
CA ALA A 794 -47.53 -29.69 -68.50
C ALA A 794 -48.22 -30.71 -69.40
N PRO A 795 -47.62 -31.87 -69.75
CA PRO A 795 -48.34 -32.81 -70.61
C PRO A 795 -49.61 -33.35 -69.98
N LYS A 796 -49.54 -33.73 -68.70
CA LYS A 796 -50.72 -34.25 -68.03
C LYS A 796 -51.83 -33.22 -67.95
N LEU A 797 -51.47 -31.97 -67.60
CA LEU A 797 -52.47 -30.92 -67.51
C LEU A 797 -53.09 -30.62 -68.86
N HIS A 798 -52.27 -30.56 -69.91
CA HIS A 798 -52.79 -30.29 -71.24
C HIS A 798 -53.73 -31.40 -71.70
N ILE A 799 -53.37 -32.66 -71.41
CA ILE A 799 -54.23 -33.78 -71.80
C ILE A 799 -55.54 -33.76 -71.02
N ILE A 800 -55.46 -33.47 -69.72
CA ILE A 800 -56.65 -33.54 -68.87
C ILE A 800 -57.60 -32.40 -69.20
N LEU A 801 -57.15 -31.16 -69.03
CA LEU A 801 -58.01 -30.01 -69.26
C LEU A 801 -57.62 -29.29 -70.55
N LYS B 7 40.06 24.35 44.34
CA LYS B 7 41.37 24.73 43.83
C LYS B 7 41.49 24.42 42.34
N VAL B 8 42.57 24.88 41.74
CA VAL B 8 42.84 24.65 40.32
C VAL B 8 44.30 24.24 40.15
N LEU B 9 44.57 23.52 39.06
CA LEU B 9 45.92 23.18 38.67
C LEU B 9 46.27 23.99 37.43
N THR B 10 47.40 24.68 37.47
CA THR B 10 47.79 25.59 36.39
C THR B 10 49.23 25.32 35.99
N LEU B 11 49.52 25.44 34.70
CA LEU B 11 50.86 25.33 34.16
C LEU B 11 51.00 26.32 33.02
N GLU B 12 51.90 27.29 33.18
CA GLU B 12 52.03 28.37 32.21
C GLU B 12 52.55 27.85 30.87
N GLY B 13 52.08 28.46 29.81
CA GLY B 13 52.51 28.09 28.47
C GLY B 13 51.89 29.03 27.45
N ASP B 14 52.33 28.85 26.20
CA ASP B 14 51.79 29.67 25.12
C ASP B 14 50.32 29.38 24.87
N LEU B 15 49.97 28.10 24.75
CA LEU B 15 48.59 27.67 24.63
C LEU B 15 48.25 26.78 25.81
N VAL B 16 47.02 26.89 26.30
CA VAL B 16 46.57 26.17 27.48
C VAL B 16 45.39 25.28 27.11
N LEU B 17 45.45 24.02 27.51
CA LEU B 17 44.37 23.06 27.30
C LEU B 17 43.68 22.80 28.63
N GLY B 18 42.38 23.06 28.67
CA GLY B 18 41.63 22.79 29.88
C GLY B 18 41.31 21.32 30.04
N GLY B 19 40.98 20.94 31.26
CA GLY B 19 40.65 19.56 31.55
C GLY B 19 39.64 19.49 32.66
N LEU B 20 38.90 18.38 32.71
CA LEU B 20 37.85 18.19 33.67
C LEU B 20 37.79 16.72 34.07
N PHE B 21 38.03 16.44 35.35
CA PHE B 21 38.15 15.07 35.84
C PHE B 21 37.34 14.90 37.11
N PRO B 22 36.83 13.69 37.37
CA PRO B 22 36.07 13.41 38.60
C PRO B 22 36.97 12.99 39.76
N VAL B 23 37.61 13.98 40.40
CA VAL B 23 38.56 13.67 41.45
C VAL B 23 37.86 13.21 42.72
N HIS B 24 36.83 13.94 43.16
CA HIS B 24 36.10 13.61 44.37
C HIS B 24 34.75 12.99 44.02
N GLN B 25 34.25 12.14 44.91
CA GLN B 25 32.97 11.48 44.70
C GLN B 25 31.82 12.42 45.01
N LYS B 26 30.61 11.88 44.95
CA LYS B 26 29.41 12.68 45.20
C LYS B 26 29.22 12.95 46.68
N PRO B 29 23.52 14.84 50.78
CA PRO B 29 23.83 15.49 52.04
C PRO B 29 24.20 16.97 51.86
N ALA B 30 24.65 17.61 52.94
CA ALA B 30 24.99 19.03 52.87
C ALA B 30 26.19 19.28 51.99
N GLU B 31 27.23 18.45 52.11
CA GLU B 31 28.44 18.65 51.33
C GLU B 31 28.21 18.28 49.87
N ASP B 32 29.00 18.89 49.00
CA ASP B 32 28.89 18.63 47.56
C ASP B 32 29.96 17.68 47.04
N CYS B 33 31.05 17.49 47.78
CA CYS B 33 32.14 16.63 47.35
C CYS B 33 32.62 15.79 48.51
N GLY B 34 32.70 14.48 48.31
CA GLY B 34 33.05 13.55 49.36
C GLY B 34 34.49 13.09 49.32
N PRO B 35 34.71 11.78 49.47
CA PRO B 35 36.07 11.24 49.50
C PRO B 35 36.71 11.23 48.12
N VAL B 36 38.02 10.92 48.12
CA VAL B 36 38.79 10.95 46.87
C VAL B 36 38.62 9.64 46.10
N ASN B 37 38.43 9.78 44.79
CA ASN B 37 38.38 8.64 43.88
C ASN B 37 39.78 8.43 43.34
N GLU B 38 40.37 7.27 43.66
CA GLU B 38 41.75 7.03 43.26
C GLU B 38 41.84 6.67 41.78
N HIS B 39 41.21 5.56 41.39
CA HIS B 39 41.43 5.01 40.06
C HIS B 39 41.00 5.97 38.96
N ARG B 40 39.77 6.47 39.03
CA ARG B 40 39.24 7.29 37.95
C ARG B 40 39.85 8.68 37.96
N GLY B 41 40.05 9.25 39.15
CA GLY B 41 40.54 10.61 39.21
C GLY B 41 42.04 10.73 39.03
N ILE B 42 42.81 10.19 39.97
CA ILE B 42 44.23 10.50 40.06
C ILE B 42 45.01 9.87 38.92
N GLN B 43 44.72 8.61 38.59
CA GLN B 43 45.44 7.95 37.50
C GLN B 43 45.22 8.68 36.18
N ARG B 44 43.98 9.05 35.87
CA ARG B 44 43.71 9.72 34.61
C ARG B 44 44.32 11.13 34.59
N LEU B 45 44.26 11.84 35.71
CA LEU B 45 44.86 13.17 35.74
C LEU B 45 46.37 13.09 35.54
N GLU B 46 47.03 12.13 36.18
CA GLU B 46 48.46 11.97 35.98
C GLU B 46 48.78 11.50 34.57
N ALA B 47 47.88 10.73 33.95
CA ALA B 47 48.06 10.37 32.55
C ALA B 47 48.04 11.60 31.66
N MET B 48 47.13 12.54 31.93
CA MET B 48 47.12 13.77 31.15
C MET B 48 48.41 14.56 31.33
N LEU B 49 48.90 14.66 32.57
CA LEU B 49 50.15 15.38 32.78
C LEU B 49 51.32 14.68 32.07
N PHE B 50 51.32 13.35 32.09
CA PHE B 50 52.32 12.57 31.36
C PHE B 50 52.29 12.89 29.87
N ALA B 51 51.10 12.93 29.29
CA ALA B 51 50.98 13.24 27.86
C ALA B 51 51.48 14.64 27.56
N LEU B 52 51.14 15.60 28.43
CA LEU B 52 51.61 16.97 28.19
C LEU B 52 53.12 17.08 28.27
N ASP B 53 53.76 16.39 29.21
CA ASP B 53 55.22 16.41 29.24
C ASP B 53 55.82 15.77 27.99
N ARG B 54 55.29 14.61 27.60
CA ARG B 54 55.84 13.92 26.43
C ARG B 54 55.68 14.74 25.16
N ILE B 55 54.57 15.47 25.02
CA ILE B 55 54.36 16.27 23.82
C ILE B 55 55.31 17.45 23.78
N ASN B 56 55.50 18.11 24.92
CA ASN B 56 56.44 19.22 24.98
C ASN B 56 57.89 18.78 24.82
N ARG B 57 58.21 17.51 25.05
CA ARG B 57 59.57 17.01 24.83
C ARG B 57 59.81 16.56 23.39
N ASP B 58 58.75 16.27 22.63
CA ASP B 58 58.79 15.75 21.27
C ASP B 58 59.22 16.82 20.30
N PRO B 59 60.19 16.55 19.41
CA PRO B 59 60.65 17.59 18.48
C PRO B 59 60.00 17.54 17.11
N HIS B 60 58.92 16.77 16.93
CA HIS B 60 58.18 16.78 15.68
C HIS B 60 56.78 17.35 15.84
N LEU B 61 56.16 17.15 16.99
CA LEU B 61 54.86 17.75 17.28
C LEU B 61 55.06 19.06 18.02
N LEU B 62 54.57 20.16 17.45
CA LEU B 62 54.67 21.49 18.04
C LEU B 62 56.10 21.81 18.44
N PRO B 63 57.01 22.00 17.49
CA PRO B 63 58.41 22.28 17.86
C PRO B 63 58.58 23.55 18.67
N GLY B 64 57.82 24.59 18.38
CA GLY B 64 58.03 25.86 19.05
C GLY B 64 57.07 26.17 20.18
N VAL B 65 55.78 25.98 19.95
CA VAL B 65 54.77 26.39 20.91
C VAL B 65 54.70 25.39 22.06
N ARG B 66 54.60 25.91 23.28
CA ARG B 66 54.53 25.12 24.49
C ARG B 66 53.11 25.05 25.00
N LEU B 67 52.70 23.87 25.46
CA LEU B 67 51.34 23.64 25.92
C LEU B 67 51.25 23.72 27.44
N GLY B 68 50.17 24.31 27.93
CA GLY B 68 49.90 24.36 29.35
C GLY B 68 48.55 23.74 29.66
N ALA B 69 48.19 23.77 30.94
CA ALA B 69 46.97 23.12 31.39
C ALA B 69 46.25 23.99 32.41
N HIS B 70 44.93 23.84 32.45
CA HIS B 70 44.06 24.47 33.44
C HIS B 70 42.98 23.46 33.83
N ILE B 71 43.25 22.67 34.87
CA ILE B 71 42.42 21.50 35.16
C ILE B 71 41.48 21.80 36.32
N LEU B 72 40.23 21.36 36.18
CA LEU B 72 39.22 21.56 37.20
C LEU B 72 38.71 20.21 37.68
N ASP B 73 37.84 20.25 38.69
CA ASP B 73 37.30 19.05 39.31
C ASP B 73 35.81 19.04 39.02
N SER B 74 35.24 17.85 38.88
CA SER B 74 33.84 17.73 38.51
C SER B 74 32.96 17.35 39.70
N CYS B 75 33.52 16.61 40.65
CA CYS B 75 32.81 16.12 41.83
C CYS B 75 31.60 15.25 41.47
N SER B 76 31.59 14.68 40.27
CA SER B 76 30.60 13.73 39.79
C SER B 76 29.18 14.28 39.77
N LYS B 77 29.01 15.60 39.75
CA LYS B 77 27.70 16.22 39.73
C LYS B 77 27.63 17.22 38.59
N ASP B 78 26.53 17.18 37.84
CA ASP B 78 26.40 18.07 36.68
C ASP B 78 26.33 19.53 37.10
N THR B 79 25.64 19.83 38.20
CA THR B 79 25.52 21.22 38.64
C THR B 79 26.88 21.82 38.96
N HIS B 80 27.72 21.10 39.68
CA HIS B 80 29.04 21.62 40.04
C HIS B 80 29.91 21.84 38.81
N ALA B 81 29.90 20.88 37.88
CA ALA B 81 30.70 21.02 36.67
C ALA B 81 30.22 22.19 35.82
N LEU B 82 28.90 22.36 35.72
CA LEU B 82 28.36 23.49 34.98
C LEU B 82 28.73 24.80 35.63
N GLU B 83 28.78 24.83 36.96
CA GLU B 83 29.22 26.03 37.65
C GLU B 83 30.70 26.32 37.36
N GLN B 84 31.52 25.27 37.27
CA GLN B 84 32.95 25.48 37.10
C GLN B 84 33.31 25.86 35.66
N ALA B 85 32.53 25.39 34.68
CA ALA B 85 32.85 25.71 33.28
C ALA B 85 32.74 27.20 32.98
N LEU B 86 32.09 27.96 33.86
CA LEU B 86 32.04 29.39 33.68
C LEU B 86 33.43 30.01 33.73
N ASP B 87 34.39 29.37 34.41
CA ASP B 87 35.76 29.87 34.38
C ASP B 87 36.32 29.81 32.96
N PHE B 88 36.11 28.70 32.26
CA PHE B 88 36.56 28.59 30.88
C PHE B 88 35.89 29.62 30.00
N VAL B 89 34.56 29.76 30.12
CA VAL B 89 33.86 30.66 29.22
C VAL B 89 34.25 32.11 29.49
N ARG B 90 34.48 32.46 30.76
CA ARG B 90 34.91 33.82 31.09
C ARG B 90 36.32 34.08 30.58
N ALA B 91 37.21 33.10 30.71
CA ALA B 91 38.56 33.26 30.17
C ALA B 91 38.52 33.42 28.66
N SER B 92 37.51 32.84 28.01
CA SER B 92 37.39 32.97 26.56
C SER B 92 37.21 34.43 26.15
N LEU B 93 36.42 35.19 26.90
CA LEU B 93 36.22 36.60 26.62
C LEU B 93 37.49 37.40 26.89
N PRO B 116 42.60 36.10 31.54
CA PRO B 116 44.06 36.25 31.42
C PRO B 116 44.65 35.28 30.39
N THR B 117 44.20 34.02 30.43
CA THR B 117 44.65 33.00 29.50
C THR B 117 43.45 32.46 28.74
N ALA B 118 43.60 32.28 27.44
CA ALA B 118 42.52 31.84 26.57
C ALA B 118 42.60 30.33 26.39
N ILE B 119 41.53 29.63 26.75
CA ILE B 119 41.49 28.18 26.70
C ILE B 119 41.17 27.75 25.26
N THR B 120 42.09 27.02 24.64
CA THR B 120 41.86 26.55 23.28
C THR B 120 40.83 25.42 23.24
N GLY B 121 40.96 24.46 24.15
CA GLY B 121 40.06 23.31 24.15
C GLY B 121 39.92 22.70 25.51
N VAL B 122 38.93 21.81 25.63
CA VAL B 122 38.63 21.12 26.88
C VAL B 122 38.71 19.62 26.63
N ILE B 123 39.52 18.93 27.41
CA ILE B 123 39.64 17.48 27.36
C ILE B 123 39.00 16.94 28.64
N GLY B 124 37.72 16.58 28.57
CA GLY B 124 37.08 16.17 29.80
C GLY B 124 35.72 15.57 29.56
N GLY B 125 35.07 15.22 30.66
CA GLY B 125 33.81 14.53 30.63
C GLY B 125 33.99 13.05 30.91
N SER B 126 33.73 12.64 32.14
CA SER B 126 33.86 11.23 32.48
C SER B 126 32.50 10.55 32.45
N TYR B 127 31.48 11.20 33.00
CA TYR B 127 30.12 10.68 33.00
C TYR B 127 29.34 11.34 31.87
N SER B 128 28.24 10.70 31.48
CA SER B 128 27.46 11.20 30.35
C SER B 128 26.81 12.55 30.68
N ASP B 129 26.27 12.70 31.88
CA ASP B 129 25.50 13.91 32.19
C ASP B 129 26.39 15.15 32.26
N VAL B 130 27.57 15.01 32.88
CA VAL B 130 28.50 16.13 32.94
C VAL B 130 28.89 16.57 31.54
N SER B 131 29.15 15.60 30.66
CA SER B 131 29.49 15.93 29.28
C SER B 131 28.34 16.65 28.59
N ILE B 132 27.10 16.20 28.80
CA ILE B 132 25.96 16.85 28.17
C ILE B 132 25.88 18.31 28.60
N GLN B 133 25.94 18.56 29.91
CA GLN B 133 25.80 19.92 30.40
C GLN B 133 26.94 20.81 29.89
N VAL B 134 28.17 20.33 29.95
CA VAL B 134 29.30 21.15 29.54
C VAL B 134 29.24 21.41 28.03
N ALA B 135 28.79 20.43 27.25
CA ALA B 135 28.65 20.65 25.81
C ALA B 135 27.60 21.71 25.51
N ASN B 136 26.46 21.65 26.19
CA ASN B 136 25.43 22.66 25.98
C ASN B 136 25.93 24.05 26.34
N LEU B 137 26.76 24.14 27.38
CA LEU B 137 27.26 25.46 27.75
C LEU B 137 28.32 25.96 26.77
N LEU B 138 29.18 25.05 26.29
CA LEU B 138 30.36 25.51 25.54
C LEU B 138 30.06 25.70 24.06
N ARG B 139 29.02 25.06 23.53
CA ARG B 139 28.74 25.23 22.11
C ARG B 139 28.42 26.67 21.75
N LEU B 140 27.95 27.44 22.74
CA LEU B 140 27.59 28.83 22.47
C LEU B 140 28.83 29.68 22.23
N PHE B 141 29.88 29.47 23.02
CA PHE B 141 31.09 30.26 22.93
C PHE B 141 32.15 29.65 22.03
N GLN B 142 31.83 28.55 21.35
CA GLN B 142 32.69 27.98 20.31
C GLN B 142 34.02 27.49 20.87
N ILE B 143 33.96 26.49 21.74
CA ILE B 143 35.14 25.84 22.30
C ILE B 143 35.06 24.36 21.96
N PRO B 144 36.11 23.76 21.40
CA PRO B 144 36.07 22.32 21.11
C PRO B 144 36.16 21.48 22.38
N GLN B 145 35.75 20.23 22.27
CA GLN B 145 35.73 19.31 23.40
C GLN B 145 36.00 17.89 22.91
N ILE B 146 36.91 17.20 23.59
CA ILE B 146 37.19 15.80 23.33
C ILE B 146 37.04 15.03 24.65
N SER B 147 36.24 13.98 24.64
CA SER B 147 35.88 13.25 25.86
C SER B 147 36.43 11.84 25.78
N TYR B 148 37.05 11.38 26.87
CA TYR B 148 37.79 10.12 26.83
C TYR B 148 36.93 8.94 27.25
N ALA B 149 35.89 9.17 28.05
CA ALA B 149 35.12 8.05 28.60
C ALA B 149 33.63 8.31 28.63
N SER B 150 33.10 9.13 27.72
CA SER B 150 31.67 9.34 27.62
C SER B 150 31.13 8.55 26.44
N THR B 151 30.24 7.61 26.70
CA THR B 151 29.75 6.70 25.67
C THR B 151 28.24 6.73 25.51
N SER B 152 27.57 7.79 25.95
CA SER B 152 26.12 7.85 25.85
C SER B 152 25.70 7.97 24.39
N ALA B 153 24.55 7.39 24.06
CA ALA B 153 24.11 7.36 22.67
C ALA B 153 23.41 8.66 22.27
N LYS B 154 23.05 9.50 23.23
CA LYS B 154 22.36 10.74 22.92
C LYS B 154 23.29 11.81 22.39
N LEU B 155 24.59 11.53 22.34
CA LEU B 155 25.59 12.55 22.04
C LEU B 155 26.05 12.52 20.58
N SER B 156 25.45 11.70 19.74
CA SER B 156 25.77 11.68 18.32
C SER B 156 24.88 12.62 17.51
N ASP B 157 23.94 13.30 18.16
CA ASP B 157 23.04 14.22 17.48
C ASP B 157 23.76 15.56 17.37
N LYS B 158 24.43 15.79 16.24
CA LYS B 158 25.23 16.99 16.08
C LYS B 158 24.39 18.25 15.92
N SER B 159 23.07 18.12 15.77
CA SER B 159 22.21 19.29 15.73
C SER B 159 22.23 20.04 17.04
N ARG B 160 22.26 19.30 18.17
CA ARG B 160 22.23 19.94 19.47
C ARG B 160 23.64 20.20 20.00
N TYR B 161 24.53 19.23 19.87
CA TYR B 161 25.91 19.33 20.35
C TYR B 161 26.82 19.47 19.14
N ASP B 162 27.03 20.72 18.71
CA ASP B 162 27.77 20.97 17.48
C ASP B 162 29.23 20.58 17.60
N TYR B 163 29.85 20.84 18.75
CA TYR B 163 31.29 20.79 18.91
C TYR B 163 31.77 19.67 19.81
N PHE B 164 31.28 18.45 19.62
CA PHE B 164 31.68 17.32 20.43
C PHE B 164 32.55 16.35 19.63
N ALA B 165 33.55 15.78 20.30
CA ALA B 165 34.32 14.68 19.76
C ALA B 165 34.67 13.74 20.90
N ARG B 166 34.84 12.46 20.59
CA ARG B 166 35.20 11.47 21.59
C ARG B 166 36.09 10.43 20.95
N THR B 167 36.90 9.77 21.78
CA THR B 167 37.79 8.72 21.32
C THR B 167 37.31 7.32 21.72
N VAL B 168 36.09 7.20 22.23
CA VAL B 168 35.50 5.91 22.58
C VAL B 168 34.26 5.71 21.72
N PRO B 169 33.97 4.49 21.27
CA PRO B 169 32.80 4.29 20.43
C PRO B 169 31.53 4.48 21.23
N PRO B 170 30.44 4.84 20.56
CA PRO B 170 29.15 4.93 21.26
C PRO B 170 28.65 3.54 21.66
N ASP B 171 27.72 3.55 22.62
CA ASP B 171 27.29 2.31 23.24
C ASP B 171 26.51 1.41 22.29
N PHE B 172 25.81 1.98 21.30
CA PHE B 172 24.89 1.20 20.49
C PHE B 172 25.61 0.25 19.54
N PHE B 173 26.93 0.35 19.40
CA PHE B 173 27.66 -0.61 18.59
C PHE B 173 27.60 -2.00 19.20
N GLN B 174 27.44 -2.08 20.52
CA GLN B 174 27.35 -3.38 21.19
C GLN B 174 26.12 -4.12 20.73
N ALA B 175 25.04 -3.41 20.44
CA ALA B 175 23.84 -4.07 19.93
C ALA B 175 24.12 -4.73 18.59
N LYS B 176 24.83 -4.04 17.69
CA LYS B 176 25.19 -4.63 16.41
C LYS B 176 26.07 -5.85 16.60
N ALA B 177 27.06 -5.75 17.48
CA ALA B 177 27.96 -6.88 17.71
C ALA B 177 27.22 -8.08 18.27
N MET B 178 26.32 -7.85 19.23
CA MET B 178 25.59 -8.95 19.84
C MET B 178 24.61 -9.58 18.85
N ALA B 179 23.97 -8.75 18.03
CA ALA B 179 23.09 -9.29 17.00
C ALA B 179 23.86 -10.17 16.03
N GLU B 180 25.05 -9.72 15.61
CA GLU B 180 25.86 -10.54 14.72
C GLU B 180 26.31 -11.84 15.39
N ILE B 181 26.69 -11.78 16.66
CA ILE B 181 27.11 -12.99 17.37
C ILE B 181 25.96 -13.98 17.46
N LEU B 182 24.76 -13.49 17.76
CA LEU B 182 23.59 -14.37 17.79
C LEU B 182 23.31 -14.97 16.42
N ARG B 183 23.38 -14.14 15.37
CA ARG B 183 23.04 -14.63 14.04
C ARG B 183 24.01 -15.69 13.56
N PHE B 184 25.30 -15.53 13.86
CA PHE B 184 26.30 -16.41 13.27
C PHE B 184 26.20 -17.82 13.84
N PHE B 185 25.57 -17.96 15.00
CA PHE B 185 25.32 -19.27 15.61
C PHE B 185 23.93 -19.82 15.29
N ASN B 186 23.17 -19.14 14.43
CA ASN B 186 21.84 -19.60 14.02
C ASN B 186 20.92 -19.78 15.24
N TRP B 187 20.66 -18.65 15.90
CA TRP B 187 19.65 -18.57 16.96
C TRP B 187 18.62 -17.53 16.54
N THR B 188 17.35 -17.94 16.54
CA THR B 188 16.27 -17.05 16.11
C THR B 188 15.36 -16.61 17.24
N TYR B 189 15.07 -17.49 18.20
CA TYR B 189 14.19 -17.18 19.32
C TYR B 189 15.06 -16.79 20.51
N VAL B 190 14.94 -15.55 20.95
CA VAL B 190 15.79 -15.03 22.01
C VAL B 190 14.94 -14.28 23.03
N SER B 191 15.45 -14.21 24.26
CA SER B 191 14.84 -13.45 25.34
C SER B 191 15.78 -12.35 25.79
N THR B 192 15.22 -11.19 26.14
CA THR B 192 16.00 -10.01 26.47
C THR B 192 15.65 -9.53 27.87
N VAL B 193 16.66 -9.10 28.60
CA VAL B 193 16.49 -8.50 29.92
C VAL B 193 17.30 -7.22 29.97
N ALA B 194 16.70 -6.14 30.45
CA ALA B 194 17.34 -4.84 30.50
C ALA B 194 17.12 -4.21 31.87
N SER B 195 17.99 -3.27 32.21
CA SER B 195 17.90 -2.57 33.48
C SER B 195 17.27 -1.19 33.29
N GLU B 196 16.68 -0.68 34.37
CA GLU B 196 16.07 0.65 34.33
C GLU B 196 17.15 1.72 34.24
N GLY B 197 16.84 2.79 33.50
CA GLY B 197 17.79 3.84 33.22
C GLY B 197 18.11 3.91 31.74
N ASP B 198 19.04 4.80 31.41
CA ASP B 198 19.40 5.00 30.01
C ASP B 198 20.17 3.83 29.44
N TYR B 199 21.12 3.29 30.21
CA TYR B 199 22.05 2.28 29.68
C TYR B 199 21.29 1.06 29.19
N GLY B 200 20.46 0.47 30.04
CA GLY B 200 19.71 -0.70 29.63
C GLY B 200 18.72 -0.39 28.53
N GLU B 201 17.99 0.72 28.68
CA GLU B 201 16.93 1.04 27.73
C GLU B 201 17.49 1.23 26.32
N THR B 202 18.25 2.32 26.12
CA THR B 202 18.64 2.68 24.76
C THR B 202 19.29 1.50 24.05
N GLY B 203 20.10 0.74 24.79
CA GLY B 203 20.63 -0.50 24.26
C GLY B 203 19.55 -1.49 23.87
N ILE B 204 18.47 -1.57 24.65
CA ILE B 204 17.46 -2.57 24.36
C ILE B 204 16.70 -2.23 23.09
N GLU B 205 16.35 -0.94 22.90
CA GLU B 205 15.74 -0.62 21.60
C GLU B 205 16.73 -0.77 20.46
N ALA B 206 18.00 -0.47 20.68
CA ALA B 206 18.98 -0.69 19.61
C ALA B 206 19.03 -2.15 19.20
N PHE B 207 19.09 -3.05 20.19
CA PHE B 207 19.14 -4.48 19.89
C PHE B 207 17.86 -4.94 19.22
N GLU B 208 16.71 -4.42 19.66
CA GLU B 208 15.45 -4.80 19.02
C GLU B 208 15.44 -4.39 17.56
N LEU B 209 15.88 -3.16 17.27
CA LEU B 209 15.91 -2.69 15.89
C LEU B 209 16.85 -3.53 15.03
N GLU B 210 18.02 -3.89 15.57
CA GLU B 210 18.95 -4.69 14.78
C GLU B 210 18.46 -6.12 14.59
N ALA B 211 17.84 -6.70 15.63
CA ALA B 211 17.34 -8.06 15.52
C ALA B 211 16.19 -8.16 14.53
N ARG B 212 15.35 -7.12 14.47
CA ARG B 212 14.30 -7.10 13.47
C ARG B 212 14.89 -7.12 12.06
N ALA B 213 15.95 -6.36 11.83
CA ALA B 213 16.60 -6.35 10.52
C ALA B 213 17.22 -7.70 10.20
N ARG B 214 17.87 -8.33 11.17
CA ARG B 214 18.54 -9.60 10.95
C ARG B 214 17.59 -10.79 10.99
N ASN B 215 16.28 -10.55 10.91
CA ASN B 215 15.28 -11.61 10.90
C ASN B 215 15.34 -12.46 12.16
N ILE B 216 15.51 -11.80 13.31
CA ILE B 216 15.54 -12.46 14.60
C ILE B 216 14.37 -11.96 15.43
N CYS B 217 13.65 -12.88 16.06
CA CYS B 217 12.44 -12.54 16.81
C CYS B 217 12.70 -12.65 18.30
N VAL B 218 12.24 -11.65 19.05
CA VAL B 218 12.43 -11.60 20.49
C VAL B 218 11.22 -12.24 21.16
N ALA B 219 11.47 -13.19 22.05
CA ALA B 219 10.36 -13.84 22.75
C ALA B 219 9.70 -12.92 23.76
N THR B 220 10.44 -12.55 24.81
CA THR B 220 9.90 -11.70 25.86
C THR B 220 10.92 -10.62 26.20
N SER B 221 10.41 -9.50 26.74
CA SER B 221 11.25 -8.40 27.18
C SER B 221 10.88 -8.04 28.60
N GLU B 222 11.87 -8.05 29.49
CA GLU B 222 11.64 -7.79 30.91
C GLU B 222 12.32 -6.49 31.31
N LYS B 223 12.30 -6.21 32.61
CA LYS B 223 12.96 -5.05 33.19
C LYS B 223 13.33 -5.35 34.63
N VAL B 224 14.50 -4.87 35.04
CA VAL B 224 15.01 -5.08 36.39
C VAL B 224 15.26 -3.72 37.03
N GLY B 225 14.75 -3.53 38.24
CA GLY B 225 14.87 -2.27 38.94
C GLY B 225 16.11 -2.18 39.80
N ARG B 226 16.29 -0.99 40.40
CA ARG B 226 17.46 -0.75 41.23
C ARG B 226 17.38 -1.52 42.55
N ALA B 227 16.22 -1.47 43.21
CA ALA B 227 16.01 -2.16 44.47
C ALA B 227 14.94 -3.22 44.26
N MET B 228 15.33 -4.48 44.36
CA MET B 228 14.48 -5.59 43.96
C MET B 228 14.81 -6.76 44.85
N SER B 229 13.79 -7.43 45.36
CA SER B 229 14.02 -8.47 46.37
C SER B 229 14.39 -9.80 45.70
N ARG B 230 14.85 -10.75 46.52
CA ARG B 230 15.26 -12.05 45.99
C ARG B 230 14.08 -12.81 45.40
N ALA B 231 12.93 -12.80 46.09
CA ALA B 231 11.75 -13.42 45.52
C ALA B 231 11.26 -12.66 44.30
N ALA B 232 11.43 -11.34 44.31
CA ALA B 232 11.10 -10.55 43.13
C ALA B 232 12.00 -10.90 41.97
N PHE B 233 13.26 -11.27 42.24
CA PHE B 233 14.13 -11.77 41.19
C PHE B 233 13.71 -13.16 40.74
N GLU B 234 13.20 -13.98 41.68
CA GLU B 234 12.60 -15.24 41.29
C GLU B 234 11.45 -15.01 40.33
N GLY B 235 10.72 -13.91 40.52
CA GLY B 235 9.69 -13.55 39.56
C GLY B 235 10.26 -13.36 38.16
N VAL B 236 11.41 -12.68 38.05
CA VAL B 236 12.00 -12.44 36.73
C VAL B 236 12.47 -13.75 36.10
N VAL B 237 13.13 -14.60 36.87
CA VAL B 237 13.61 -15.85 36.28
C VAL B 237 12.44 -16.75 35.92
N ARG B 238 11.37 -16.72 36.71
CA ARG B 238 10.17 -17.48 36.36
C ARG B 238 9.54 -16.95 35.07
N ALA B 239 9.55 -15.62 34.90
CA ALA B 239 9.08 -15.05 33.65
C ALA B 239 9.93 -15.50 32.48
N LEU B 240 11.24 -15.60 32.68
CA LEU B 240 12.10 -16.16 31.63
C LEU B 240 11.75 -17.61 31.34
N LEU B 241 11.49 -18.41 32.37
CA LEU B 241 11.16 -19.81 32.17
C LEU B 241 9.73 -20.01 31.68
N GLN B 242 8.94 -18.93 31.60
CA GLN B 242 7.56 -19.06 31.17
C GLN B 242 7.45 -19.68 29.78
N LYS B 243 8.35 -19.30 28.87
CA LYS B 243 8.34 -19.88 27.53
C LYS B 243 9.63 -20.65 27.32
N PRO B 244 9.65 -21.96 27.56
CA PRO B 244 10.86 -22.74 27.28
C PRO B 244 11.18 -22.82 25.79
N SER B 245 12.22 -23.58 25.46
CA SER B 245 12.76 -23.73 24.11
C SER B 245 13.51 -22.47 23.67
N ALA B 246 13.63 -21.50 24.57
CA ALA B 246 14.48 -20.34 24.33
C ALA B 246 15.61 -20.34 25.37
N ARG B 247 16.80 -20.74 24.95
CA ARG B 247 17.91 -20.98 25.85
C ARG B 247 19.03 -19.96 25.68
N VAL B 248 18.74 -18.81 25.08
CA VAL B 248 19.70 -17.73 24.91
C VAL B 248 19.08 -16.47 25.49
N ALA B 249 19.69 -15.93 26.53
CA ALA B 249 19.19 -14.76 27.24
C ALA B 249 20.16 -13.61 27.06
N VAL B 250 19.70 -12.54 26.38
CA VAL B 250 20.53 -11.36 26.21
C VAL B 250 20.35 -10.43 27.39
N LEU B 251 21.44 -10.05 28.02
CA LEU B 251 21.42 -9.15 29.17
C LEU B 251 22.05 -7.82 28.78
N PHE B 252 21.40 -6.74 29.16
CA PHE B 252 21.95 -5.39 29.04
C PHE B 252 21.79 -4.74 30.41
N THR B 253 22.73 -5.04 31.32
CA THR B 253 22.52 -4.78 32.73
C THR B 253 23.79 -4.25 33.39
N ARG B 254 23.60 -3.58 34.52
CA ARG B 254 24.72 -3.14 35.33
C ARG B 254 25.29 -4.32 36.13
N SER B 255 26.29 -4.02 36.96
CA SER B 255 27.01 -5.10 37.65
C SER B 255 26.16 -5.74 38.75
N GLU B 256 25.55 -4.93 39.61
CA GLU B 256 24.81 -5.49 40.75
C GLU B 256 23.57 -6.24 40.29
N ASP B 257 22.87 -5.71 39.29
CA ASP B 257 21.68 -6.39 38.77
C ASP B 257 22.04 -7.74 38.18
N ALA B 258 23.15 -7.80 37.42
CA ALA B 258 23.59 -9.07 36.88
C ALA B 258 23.97 -10.04 38.00
N ARG B 259 24.63 -9.54 39.03
CA ARG B 259 24.99 -10.41 40.15
C ARG B 259 23.75 -11.03 40.78
N GLU B 260 22.73 -10.22 41.04
CA GLU B 260 21.51 -10.74 41.65
C GLU B 260 20.81 -11.71 40.72
N LEU B 261 20.78 -11.42 39.42
CA LEU B 261 20.13 -12.32 38.48
C LEU B 261 20.81 -13.67 38.43
N LEU B 262 22.15 -13.68 38.41
CA LEU B 262 22.87 -14.95 38.43
C LEU B 262 22.67 -15.70 39.74
N ALA B 263 22.61 -14.99 40.86
CA ALA B 263 22.32 -15.67 42.12
C ALA B 263 20.93 -16.32 42.08
N ALA B 264 19.93 -15.59 41.60
CA ALA B 264 18.58 -16.13 41.52
C ALA B 264 18.52 -17.33 40.58
N SER B 265 19.26 -17.27 39.48
CA SER B 265 19.34 -18.42 38.59
C SER B 265 19.99 -19.61 39.28
N GLN B 266 20.98 -19.37 40.14
CA GLN B 266 21.55 -20.47 40.92
C GLN B 266 20.51 -21.10 41.83
N ARG B 267 19.72 -20.29 42.52
CA ARG B 267 18.79 -20.83 43.51
C ARG B 267 17.82 -21.81 42.87
N LEU B 268 17.26 -21.46 41.71
CA LEU B 268 16.20 -22.23 41.09
C LEU B 268 16.71 -23.27 40.10
N ASN B 269 18.02 -23.51 40.06
CA ASN B 269 18.62 -24.56 39.23
C ASN B 269 18.21 -24.42 37.76
N ALA B 270 18.26 -23.21 37.25
CA ALA B 270 17.94 -22.93 35.84
C ALA B 270 19.21 -22.45 35.14
N SER B 271 19.51 -23.06 33.99
CA SER B 271 20.71 -22.76 33.23
C SER B 271 20.34 -22.36 31.81
N PHE B 272 20.97 -21.31 31.30
CA PHE B 272 20.83 -20.88 29.92
C PHE B 272 22.21 -20.60 29.34
N THR B 273 22.21 -20.04 28.13
CA THR B 273 23.41 -19.48 27.51
C THR B 273 23.26 -17.97 27.44
N TRP B 274 24.08 -17.25 28.21
CA TRP B 274 23.94 -15.81 28.36
C TRP B 274 24.87 -15.07 27.41
N VAL B 275 24.33 -14.04 26.78
CA VAL B 275 25.10 -13.08 25.99
C VAL B 275 24.92 -11.71 26.65
N ALA B 276 26.03 -11.07 27.00
CA ALA B 276 25.98 -9.87 27.81
C ALA B 276 26.73 -8.73 27.14
N SER B 277 26.45 -7.52 27.63
CA SER B 277 27.15 -6.32 27.19
C SER B 277 28.37 -6.12 28.09
N ASP B 278 29.00 -4.95 28.01
CA ASP B 278 30.22 -4.73 28.78
C ASP B 278 29.95 -4.53 30.27
N GLY B 279 28.69 -4.43 30.68
CA GLY B 279 28.40 -4.38 32.10
C GLY B 279 28.87 -5.63 32.81
N TRP B 280 28.56 -6.79 32.24
CA TRP B 280 29.14 -8.04 32.73
C TRP B 280 30.64 -8.07 32.46
N GLY B 281 31.04 -7.79 31.22
CA GLY B 281 32.45 -7.65 30.91
C GLY B 281 33.26 -8.86 31.28
N ALA B 282 34.47 -8.62 31.78
CA ALA B 282 35.33 -9.67 32.29
C ALA B 282 35.57 -9.51 33.78
N LEU B 283 34.65 -8.88 34.49
CA LEU B 283 34.79 -8.69 35.93
C LEU B 283 34.71 -10.03 36.65
N GLU B 284 35.34 -10.10 37.82
CA GLU B 284 35.28 -11.31 38.63
C GLU B 284 34.18 -11.22 39.68
N SER B 285 33.75 -10.01 40.04
CA SER B 285 32.77 -9.86 41.11
C SER B 285 31.41 -10.43 40.70
N VAL B 286 31.05 -10.28 39.43
CA VAL B 286 29.72 -10.69 38.99
C VAL B 286 29.56 -12.20 39.08
N VAL B 287 30.65 -12.94 38.83
CA VAL B 287 30.64 -14.40 39.01
C VAL B 287 31.42 -14.67 40.29
N ALA B 288 30.69 -14.75 41.40
CA ALA B 288 31.29 -15.00 42.71
C ALA B 288 30.28 -15.70 43.59
N GLY B 289 30.51 -16.99 43.86
CA GLY B 289 29.59 -17.75 44.67
C GLY B 289 28.41 -18.33 43.92
N SER B 290 28.22 -17.97 42.66
CA SER B 290 27.20 -18.54 41.79
C SER B 290 27.82 -19.01 40.49
N GLU B 291 29.02 -19.59 40.56
CA GLU B 291 29.81 -19.84 39.36
C GLU B 291 29.18 -20.89 38.47
N GLY B 292 28.37 -21.79 39.04
CA GLY B 292 27.87 -22.92 38.27
C GLY B 292 27.03 -22.50 37.08
N ALA B 293 26.23 -21.45 37.24
CA ALA B 293 25.35 -21.03 36.17
C ALA B 293 26.12 -20.33 35.05
N ALA B 294 27.23 -19.68 35.39
CA ALA B 294 27.92 -18.78 34.48
C ALA B 294 28.69 -19.48 33.38
N GLU B 295 28.55 -20.80 33.23
CA GLU B 295 29.23 -21.51 32.16
C GLU B 295 28.69 -21.09 30.80
N GLY B 296 29.58 -20.97 29.82
CA GLY B 296 29.17 -20.74 28.46
C GLY B 296 28.74 -19.33 28.13
N ALA B 297 28.90 -18.38 29.04
CA ALA B 297 28.52 -17.00 28.76
C ALA B 297 29.46 -16.38 27.74
N ILE B 298 28.88 -15.64 26.80
CA ILE B 298 29.63 -14.88 25.81
C ILE B 298 29.49 -13.40 26.14
N THR B 299 30.61 -12.72 26.33
CA THR B 299 30.62 -11.34 26.78
C THR B 299 31.50 -10.50 25.85
N ILE B 300 31.24 -9.20 25.84
CA ILE B 300 31.98 -8.24 25.02
C ILE B 300 32.57 -7.18 25.92
N GLU B 301 33.83 -6.80 25.65
CA GLU B 301 34.52 -5.80 26.44
C GLU B 301 35.31 -4.89 25.52
N LEU B 302 35.48 -3.63 25.95
CA LEU B 302 36.34 -2.69 25.26
C LEU B 302 37.79 -3.17 25.30
N ALA B 303 38.53 -2.85 24.24
CA ALA B 303 39.88 -3.37 24.04
C ALA B 303 40.90 -2.34 24.46
N SER B 304 41.94 -2.78 25.18
CA SER B 304 42.97 -1.88 25.66
C SER B 304 44.29 -2.61 25.80
N TYR B 305 45.36 -1.84 25.83
CA TYR B 305 46.72 -2.34 26.02
C TYR B 305 47.45 -1.46 27.02
N PRO B 306 48.42 -2.02 27.75
CA PRO B 306 49.15 -1.23 28.75
C PRO B 306 50.09 -0.24 28.09
N ILE B 307 50.23 0.93 28.71
CA ILE B 307 51.25 1.91 28.35
C ILE B 307 52.43 1.68 29.27
N SER B 308 53.55 1.23 28.72
CA SER B 308 54.65 0.72 29.54
C SER B 308 55.27 1.83 30.39
N ASP B 309 55.47 3.01 29.81
CA ASP B 309 56.20 4.06 30.53
C ASP B 309 55.35 4.69 31.61
N PHE B 310 54.02 4.60 31.52
CA PHE B 310 53.16 5.23 32.49
C PHE B 310 53.31 4.60 33.86
N ALA B 311 53.48 3.28 33.91
CA ALA B 311 53.67 2.60 35.19
C ALA B 311 54.93 3.11 35.89
N SER B 312 56.04 3.18 35.14
CA SER B 312 57.28 3.66 35.71
C SER B 312 57.16 5.11 36.16
N TYR B 313 56.45 5.93 35.39
CA TYR B 313 56.26 7.33 35.78
C TYR B 313 55.43 7.44 37.06
N PHE B 314 54.39 6.62 37.19
CA PHE B 314 53.47 6.77 38.30
C PHE B 314 54.03 6.21 39.59
N GLN B 315 54.87 5.16 39.51
CA GLN B 315 55.37 4.52 40.72
C GLN B 315 56.22 5.47 41.55
N SER B 316 56.86 6.45 40.92
CA SER B 316 57.87 7.27 41.60
C SER B 316 57.30 8.54 42.20
N LEU B 317 55.98 8.67 42.33
CA LEU B 317 55.41 9.89 42.86
C LEU B 317 55.57 9.95 44.38
N ASP B 318 55.90 11.13 44.87
CA ASP B 318 55.99 11.41 46.30
C ASP B 318 55.41 12.80 46.56
N PRO B 319 54.83 13.02 47.74
CA PRO B 319 54.21 14.33 47.99
C PRO B 319 55.18 15.50 47.95
N TRP B 320 56.43 15.30 48.37
CA TRP B 320 57.34 16.43 48.48
C TRP B 320 57.83 16.89 47.11
N ASN B 321 58.10 15.95 46.20
CA ASN B 321 58.55 16.35 44.86
C ASN B 321 57.40 16.79 43.99
N ASN B 322 56.24 16.15 44.12
CA ASN B 322 55.06 16.47 43.31
C ASN B 322 54.31 17.62 43.97
N SER B 323 54.62 18.84 43.54
CA SER B 323 53.93 20.03 44.01
C SER B 323 52.94 20.58 43.02
N ARG B 324 52.97 20.13 41.76
CA ARG B 324 52.02 20.63 40.77
C ARG B 324 50.59 20.23 41.12
N ASN B 325 50.41 19.02 41.63
CA ASN B 325 49.10 18.45 41.89
C ASN B 325 48.58 18.92 43.24
N PRO B 326 47.48 19.67 43.27
CA PRO B 326 46.93 20.10 44.57
C PRO B 326 46.25 18.99 45.34
N TRP B 327 45.80 17.93 44.67
CA TRP B 327 45.06 16.86 45.32
C TRP B 327 45.90 15.61 45.56
N PHE B 328 47.21 15.74 45.66
CA PHE B 328 48.04 14.57 45.94
C PHE B 328 48.14 14.30 47.43
N ARG B 329 48.19 15.36 48.24
CA ARG B 329 48.30 15.18 49.70
C ARG B 329 47.09 14.44 50.24
N GLU B 330 45.89 14.84 49.81
CA GLU B 330 44.68 14.21 50.32
C GLU B 330 44.59 12.77 49.85
N PHE B 331 44.99 12.51 48.61
CA PHE B 331 44.99 11.14 48.10
C PHE B 331 45.95 10.26 48.90
N TRP B 332 47.13 10.77 49.21
CA TRP B 332 48.09 10.00 50.01
C TRP B 332 47.55 9.74 51.40
N GLU B 333 46.93 10.76 52.01
CA GLU B 333 46.36 10.57 53.35
C GLU B 333 45.27 9.50 53.34
N GLN B 334 44.41 9.52 52.32
CA GLN B 334 43.36 8.50 52.26
C GLN B 334 43.93 7.13 51.96
N ARG B 335 44.95 7.05 51.10
CA ARG B 335 45.46 5.76 50.66
C ARG B 335 46.22 5.05 51.77
N PHE B 336 47.07 5.77 52.49
CA PHE B 336 47.91 5.14 53.51
C PHE B 336 47.40 5.36 54.92
N ARG B 337 46.21 5.93 55.08
CA ARG B 337 45.55 6.05 56.39
C ARG B 337 46.46 6.72 57.42
N CYS B 338 47.14 7.77 57.00
CA CYS B 338 48.08 8.48 57.84
C CYS B 338 47.85 9.98 57.74
N SER B 339 48.38 10.71 58.71
CA SER B 339 48.31 12.16 58.75
C SER B 339 49.70 12.76 58.67
N PHE B 340 49.80 13.95 58.06
CA PHE B 340 51.09 14.57 57.80
C PHE B 340 51.60 15.42 58.94
N ARG B 341 50.73 15.88 59.84
CA ARG B 341 51.17 16.68 60.97
C ARG B 341 52.10 15.88 61.88
N GLN B 342 51.76 14.62 62.14
CA GLN B 342 52.57 13.77 63.01
C GLN B 342 53.87 13.32 62.35
N ARG B 343 54.06 13.61 61.06
CA ARG B 343 55.25 13.19 60.32
C ARG B 343 55.39 11.66 60.34
N ASP B 344 54.29 10.97 60.09
CA ASP B 344 54.26 9.52 60.06
C ASP B 344 53.98 8.95 58.66
N CYS B 345 53.98 9.79 57.63
CA CYS B 345 53.64 9.34 56.28
C CYS B 345 54.86 9.13 55.40
N ALA B 346 56.07 9.48 55.86
CA ALA B 346 57.24 9.36 55.01
C ALA B 346 57.60 7.90 54.75
N ALA B 347 57.16 6.99 55.62
CA ALA B 347 57.58 5.60 55.51
C ALA B 347 56.99 4.93 54.28
N HIS B 348 55.71 5.18 54.00
CA HIS B 348 55.02 4.46 52.95
C HIS B 348 55.54 4.84 51.57
N SER B 349 55.51 3.87 50.65
CA SER B 349 55.95 4.09 49.28
C SER B 349 55.10 3.26 48.34
N LEU B 350 54.81 3.81 47.16
CA LEU B 350 53.92 3.15 46.22
C LEU B 350 54.58 1.97 45.54
N ARG B 351 55.92 1.89 45.59
CA ARG B 351 56.61 0.79 44.91
C ARG B 351 56.31 -0.55 45.57
N ALA B 352 55.98 -0.54 46.86
CA ALA B 352 55.71 -1.79 47.56
C ALA B 352 54.39 -2.40 47.14
N VAL B 353 53.34 -1.59 47.04
CA VAL B 353 52.00 -2.09 46.75
C VAL B 353 51.88 -2.43 45.27
N PRO B 354 51.08 -3.42 44.89
CA PRO B 354 50.92 -3.74 43.47
C PRO B 354 50.17 -2.64 42.74
N PHE B 355 50.42 -2.55 41.44
CA PHE B 355 49.79 -1.54 40.58
C PHE B 355 49.03 -2.22 39.46
N GLU B 356 47.74 -1.90 39.34
CA GLU B 356 46.90 -2.41 38.27
C GLU B 356 46.39 -1.21 37.48
N GLN B 357 46.89 -1.04 36.26
CA GLN B 357 46.57 0.13 35.47
C GLN B 357 45.11 0.14 35.05
N GLU B 358 44.47 1.29 35.14
CA GLU B 358 43.06 1.43 34.84
C GLU B 358 42.83 1.31 33.33
N SER B 359 41.61 0.92 32.96
CA SER B 359 41.32 0.49 31.60
C SER B 359 41.49 1.61 30.57
N LYS B 360 41.03 2.81 30.89
CA LYS B 360 40.88 3.88 29.91
C LYS B 360 41.97 4.95 29.99
N ILE B 361 43.21 4.56 30.28
CA ILE B 361 44.31 5.52 30.21
C ILE B 361 44.66 5.80 28.75
N MET B 362 44.58 4.76 27.91
CA MET B 362 44.87 4.90 26.49
C MET B 362 44.04 6.00 25.87
N PHE B 363 42.76 6.08 26.22
CA PHE B 363 41.89 7.06 25.59
C PHE B 363 42.25 8.48 26.01
N VAL B 364 42.70 8.66 27.24
CA VAL B 364 43.17 9.99 27.68
C VAL B 364 44.38 10.41 26.89
N VAL B 365 45.37 9.52 26.76
CA VAL B 365 46.57 9.87 26.01
C VAL B 365 46.22 10.15 24.55
N ASN B 366 45.34 9.33 23.96
CA ASN B 366 44.95 9.55 22.57
C ASN B 366 44.24 10.89 22.39
N ALA B 367 43.36 11.27 23.32
CA ALA B 367 42.67 12.55 23.20
C ALA B 367 43.65 13.71 23.22
N VAL B 368 44.57 13.71 24.19
CA VAL B 368 45.54 14.80 24.27
C VAL B 368 46.38 14.87 22.98
N TYR B 369 46.83 13.71 22.50
CA TYR B 369 47.64 13.69 21.29
C TYR B 369 46.85 14.15 20.07
N ALA B 370 45.56 13.81 20.00
CA ALA B 370 44.76 14.24 18.87
C ALA B 370 44.61 15.75 18.83
N MET B 371 44.36 16.36 20.00
CA MET B 371 44.31 17.81 20.04
C MET B 371 45.65 18.43 19.62
N ALA B 372 46.75 17.83 20.10
CA ALA B 372 48.07 18.36 19.74
C ALA B 372 48.31 18.28 18.23
N HIS B 373 47.94 17.15 17.61
CA HIS B 373 48.13 17.01 16.16
C HIS B 373 47.26 17.99 15.39
N ALA B 374 46.03 18.24 15.86
CA ALA B 374 45.18 19.22 15.19
C ALA B 374 45.82 20.60 15.23
N LEU B 375 46.33 21.01 16.39
CA LEU B 375 46.98 22.31 16.46
C LEU B 375 48.24 22.36 15.60
N HIS B 376 48.96 21.24 15.51
CA HIS B 376 50.15 21.20 14.66
C HIS B 376 49.80 21.41 13.20
N ASN B 377 48.74 20.76 12.72
CA ASN B 377 48.32 20.97 11.33
C ASN B 377 47.87 22.41 11.12
N MET B 378 47.18 22.98 12.10
CA MET B 378 46.79 24.39 11.98
C MET B 378 48.02 25.29 11.88
N HIS B 379 49.06 24.98 12.63
CA HIS B 379 50.31 25.74 12.52
C HIS B 379 50.93 25.59 11.14
N ARG B 380 50.97 24.37 10.61
CA ARG B 380 51.60 24.16 9.31
C ARG B 380 50.82 24.84 8.20
N ALA B 381 49.51 24.98 8.37
CA ALA B 381 48.68 25.64 7.36
C ALA B 381 48.68 27.17 7.49
N LEU B 382 48.23 27.70 8.62
CA LEU B 382 48.04 29.15 8.73
C LEU B 382 49.37 29.89 8.83
N CYS B 383 50.28 29.43 9.70
CA CYS B 383 51.55 30.11 9.84
C CYS B 383 52.47 29.60 8.75
N PRO B 384 52.89 30.43 7.79
CA PRO B 384 53.63 29.89 6.64
C PRO B 384 55.01 29.37 6.96
N ASN B 385 55.85 30.18 7.63
CA ASN B 385 57.28 29.87 7.72
C ASN B 385 57.89 30.15 9.09
N THR B 386 57.06 30.37 10.12
CA THR B 386 57.57 30.70 11.45
C THR B 386 57.36 29.51 12.39
N THR B 387 58.44 29.08 13.03
CA THR B 387 58.32 28.04 14.05
C THR B 387 57.54 28.53 15.25
N ARG B 388 57.75 29.78 15.66
CA ARG B 388 57.06 30.34 16.79
C ARG B 388 55.57 30.59 16.44
N LEU B 389 54.84 31.09 17.42
CA LEU B 389 53.42 31.37 17.25
C LEU B 389 53.23 32.61 16.39
N CYS B 390 52.63 32.45 15.21
CA CYS B 390 52.43 33.61 14.36
C CYS B 390 51.23 34.42 14.84
N ASP B 391 51.19 35.68 14.41
CA ASP B 391 50.15 36.60 14.89
C ASP B 391 48.79 36.27 14.28
N ALA B 392 48.74 35.36 13.30
CA ALA B 392 47.46 34.97 12.74
C ALA B 392 46.63 34.14 13.70
N MET B 393 47.27 33.56 14.72
CA MET B 393 46.60 32.65 15.63
C MET B 393 46.50 33.18 17.06
N ARG B 394 46.68 34.49 17.27
CA ARG B 394 46.63 35.00 18.64
C ARG B 394 45.27 34.80 19.27
N PRO B 395 44.13 35.19 18.65
CA PRO B 395 42.89 34.44 18.91
C PRO B 395 42.87 33.20 18.06
N VAL B 396 42.28 32.11 18.53
CA VAL B 396 42.22 30.86 17.79
C VAL B 396 40.77 30.59 17.43
N ASN B 397 40.52 30.31 16.14
CA ASN B 397 39.16 30.13 15.65
C ASN B 397 38.71 28.70 15.89
N GLY B 398 37.72 28.53 16.75
CA GLY B 398 37.23 27.19 17.05
C GLY B 398 36.53 26.54 15.87
N ARG B 399 35.72 27.31 15.14
CA ARG B 399 34.89 26.71 14.10
C ARG B 399 35.75 26.08 13.00
N ARG B 400 36.71 26.83 12.47
CA ARG B 400 37.57 26.29 11.42
C ARG B 400 38.38 25.10 11.94
N LEU B 401 38.92 25.22 13.15
CA LEU B 401 39.75 24.15 13.70
C LEU B 401 38.95 22.85 13.80
N TYR B 402 37.81 22.90 14.49
CA TYR B 402 36.99 21.70 14.62
C TYR B 402 36.53 21.17 13.28
N LYS B 403 36.02 22.04 12.41
CA LYS B 403 35.38 21.56 11.19
C LYS B 403 36.40 21.01 10.19
N ASP B 404 37.65 21.46 10.25
CA ASP B 404 38.59 21.06 9.21
C ASP B 404 39.70 20.16 9.76
N PHE B 405 40.42 20.60 10.78
CA PHE B 405 41.65 19.92 11.19
C PHE B 405 41.45 18.92 12.33
N VAL B 406 40.61 19.22 13.31
CA VAL B 406 40.39 18.26 14.40
C VAL B 406 39.73 17.00 13.86
N LEU B 407 38.72 17.15 13.00
CA LEU B 407 37.96 16.01 12.52
C LEU B 407 38.67 15.24 11.41
N ASN B 408 39.90 15.61 11.06
CA ASN B 408 40.65 14.97 9.99
C ASN B 408 42.03 14.55 10.45
N VAL B 409 42.12 13.88 11.60
CA VAL B 409 43.39 13.51 12.20
C VAL B 409 43.58 12.01 12.03
N LYS B 410 44.73 11.61 11.51
CA LYS B 410 45.10 10.19 11.39
C LYS B 410 46.55 10.03 11.77
N PHE B 411 46.83 9.18 12.75
CA PHE B 411 48.19 8.90 13.18
C PHE B 411 48.25 7.55 13.86
N ASP B 412 49.47 7.03 14.00
CA ASP B 412 49.67 5.82 14.77
C ASP B 412 49.52 6.13 16.26
N ALA B 413 48.88 5.23 16.99
CA ALA B 413 48.60 5.48 18.39
C ALA B 413 49.89 5.58 19.18
N PRO B 414 50.06 6.63 20.00
CA PRO B 414 51.29 6.75 20.78
C PRO B 414 51.43 5.63 21.80
N PHE B 415 52.68 5.19 21.98
CA PHE B 415 53.02 4.13 22.94
C PHE B 415 52.26 2.84 22.65
N ARG B 416 52.04 2.54 21.38
CA ARG B 416 51.30 1.35 21.01
C ARG B 416 52.17 0.12 21.23
N PRO B 417 51.55 -1.07 21.34
CA PRO B 417 52.33 -2.30 21.39
C PRO B 417 53.14 -2.46 20.10
N ALA B 418 54.29 -3.12 20.24
CA ALA B 418 55.24 -3.16 19.14
C ALA B 418 54.64 -3.81 17.89
N ASP B 419 53.91 -4.91 18.06
CA ASP B 419 53.40 -5.63 16.91
C ASP B 419 52.18 -4.95 16.30
N THR B 420 51.34 -4.34 17.14
CA THR B 420 50.03 -3.87 16.69
C THR B 420 50.17 -2.67 15.75
N HIS B 421 49.05 -2.31 15.12
CA HIS B 421 48.98 -1.20 14.18
C HIS B 421 47.74 -0.34 14.42
N ASN B 422 47.48 0.02 15.69
CA ASN B 422 46.31 0.83 16.00
C ASN B 422 46.46 2.25 15.48
N GLU B 423 45.34 2.83 15.05
CA GLU B 423 45.34 4.19 14.52
C GLU B 423 44.14 4.95 15.06
N VAL B 424 44.26 6.26 15.13
CA VAL B 424 43.24 7.14 15.68
C VAL B 424 42.60 7.93 14.54
N ARG B 425 41.29 7.86 14.43
CA ARG B 425 40.58 8.61 13.40
C ARG B 425 39.14 8.83 13.86
N PHE B 426 38.59 9.99 13.50
CA PHE B 426 37.24 10.37 13.90
C PHE B 426 36.30 10.23 12.72
N ASP B 427 35.17 9.57 12.96
CA ASP B 427 34.11 9.48 11.97
C ASP B 427 33.42 10.84 11.84
N ARG B 428 32.68 11.01 10.74
CA ARG B 428 32.06 12.30 10.43
C ARG B 428 31.13 12.75 11.55
N PHE B 429 30.37 11.83 12.13
CA PHE B 429 29.44 12.20 13.19
C PHE B 429 30.15 12.58 14.48
N GLY B 430 31.45 12.35 14.58
CA GLY B 430 32.23 12.71 15.75
C GLY B 430 32.58 11.56 16.67
N ASP B 431 31.99 10.39 16.48
CA ASP B 431 32.30 9.24 17.32
C ASP B 431 33.53 8.52 16.81
N GLY B 432 34.34 8.01 17.73
CA GLY B 432 35.55 7.32 17.35
C GLY B 432 35.30 5.92 16.84
N ILE B 433 36.37 5.30 16.32
CA ILE B 433 36.27 3.95 15.80
C ILE B 433 36.11 2.97 16.95
N GLY B 434 35.69 1.75 16.62
CA GLY B 434 35.41 0.76 17.64
C GLY B 434 36.14 -0.55 17.49
N ARG B 435 36.71 -1.04 18.59
CA ARG B 435 37.28 -2.37 18.66
C ARG B 435 36.88 -3.02 19.97
N TYR B 436 36.38 -4.25 19.90
CA TYR B 436 35.91 -4.98 21.06
C TYR B 436 36.59 -6.34 21.14
N ASN B 437 36.62 -6.90 22.35
CA ASN B 437 37.10 -8.25 22.58
C ASN B 437 35.94 -9.13 23.00
N ILE B 438 35.93 -10.38 22.53
CA ILE B 438 34.88 -11.34 22.84
C ILE B 438 35.46 -12.41 23.75
N PHE B 439 34.76 -12.71 24.84
CA PHE B 439 35.21 -13.66 25.84
C PHE B 439 34.18 -14.74 26.06
N THR B 440 34.64 -15.88 26.59
CA THR B 440 33.78 -16.95 27.04
C THR B 440 34.31 -17.47 28.37
N TYR B 441 33.47 -18.21 29.08
CA TYR B 441 33.81 -18.78 30.37
C TYR B 441 34.19 -20.24 30.16
N LEU B 442 35.39 -20.62 30.60
CA LEU B 442 36.02 -21.87 30.21
C LEU B 442 36.14 -22.81 31.39
N ARG B 443 35.94 -24.10 31.14
CA ARG B 443 35.99 -25.13 32.16
C ARG B 443 37.43 -25.67 32.28
N ALA B 444 38.29 -24.83 32.82
CA ALA B 444 39.65 -25.25 33.12
C ALA B 444 39.68 -26.07 34.40
N GLY B 445 40.67 -26.95 34.51
CA GLY B 445 40.79 -27.81 35.67
C GLY B 445 41.73 -27.28 36.74
N GLY B 447 36.75 -27.09 37.91
CA GLY B 447 37.96 -26.75 38.62
C GLY B 447 38.21 -25.25 38.75
N ARG B 448 39.40 -24.81 38.35
CA ARG B 448 39.76 -23.40 38.38
C ARG B 448 39.27 -22.75 37.08
N TYR B 449 38.00 -22.34 37.11
CA TYR B 449 37.39 -21.72 35.93
C TYR B 449 37.93 -20.31 35.76
N ARG B 450 38.09 -19.90 34.50
CA ARG B 450 38.66 -18.60 34.18
C ARG B 450 38.13 -18.11 32.85
N TYR B 451 38.22 -16.80 32.64
CA TYR B 451 37.86 -16.20 31.37
C TYR B 451 38.91 -16.51 30.31
N GLN B 452 38.44 -16.65 29.06
CA GLN B 452 39.32 -16.88 27.93
C GLN B 452 38.85 -16.05 26.76
N LYS B 453 39.77 -15.77 25.84
CA LYS B 453 39.50 -14.90 24.70
C LYS B 453 39.28 -15.75 23.47
N VAL B 454 38.34 -15.34 22.62
CA VAL B 454 37.94 -16.14 21.47
C VAL B 454 37.89 -15.33 20.17
N GLY B 455 38.04 -14.02 20.21
CA GLY B 455 38.00 -13.25 18.98
C GLY B 455 37.89 -11.76 19.28
N TYR B 456 37.50 -11.02 18.24
CA TYR B 456 37.37 -9.57 18.35
C TYR B 456 36.40 -9.06 17.31
N TRP B 457 36.02 -7.78 17.45
CA TRP B 457 35.08 -7.11 16.56
C TRP B 457 35.70 -5.77 16.15
N ALA B 458 36.31 -5.74 14.96
CA ALA B 458 36.81 -4.49 14.43
C ALA B 458 35.82 -3.88 13.45
N GLU B 459 35.53 -4.61 12.37
CA GLU B 459 34.43 -4.26 11.48
C GLU B 459 33.45 -5.41 11.27
N GLY B 460 33.80 -6.62 11.66
CA GLY B 460 32.88 -7.75 11.59
C GLY B 460 33.32 -8.84 12.53
N LEU B 461 32.39 -9.72 12.86
CA LEU B 461 32.68 -10.82 13.78
C LEU B 461 33.78 -11.71 13.22
N THR B 462 34.76 -12.04 14.06
CA THR B 462 35.92 -12.83 13.64
C THR B 462 36.22 -13.93 14.66
N LEU B 463 35.19 -14.69 15.02
CA LEU B 463 35.29 -15.68 16.08
C LEU B 463 36.18 -16.84 15.66
N ASP B 464 36.93 -17.38 16.62
CA ASP B 464 37.63 -18.66 16.47
C ASP B 464 36.86 -19.70 17.26
N THR B 465 36.15 -20.58 16.55
CA THR B 465 35.22 -21.49 17.22
C THR B 465 35.91 -22.63 17.94
N SER B 466 37.18 -22.91 17.61
CA SER B 466 37.84 -24.07 18.21
C SER B 466 38.10 -23.86 19.69
N LEU B 467 38.09 -22.63 20.13
CA LEU B 467 38.55 -22.41 21.50
C LEU B 467 37.41 -22.17 22.48
N ILE B 468 36.17 -22.58 22.17
CA ILE B 468 35.04 -22.50 23.15
C ILE B 468 34.65 -23.93 23.49
N PRO B 469 34.60 -24.36 24.75
CA PRO B 469 34.35 -25.74 25.05
C PRO B 469 33.00 -26.24 24.56
N TRP B 470 32.05 -25.39 24.25
CA TRP B 470 30.80 -25.98 23.72
C TRP B 470 30.73 -26.08 22.20
N ALA B 471 31.84 -25.96 21.45
CA ALA B 471 31.70 -26.14 19.98
C ALA B 471 32.79 -27.00 19.37
N SER B 472 34.03 -27.03 19.86
CA SER B 472 35.00 -27.94 19.25
C SER B 472 34.62 -29.41 19.35
N PRO B 473 34.25 -29.96 20.52
CA PRO B 473 33.98 -31.41 20.58
C PRO B 473 32.79 -31.84 19.75
N SER B 474 31.90 -30.93 19.38
CA SER B 474 30.70 -31.24 18.61
C SER B 474 29.84 -32.28 19.32
N ALA B 475 29.67 -32.10 20.62
CA ALA B 475 28.82 -32.99 21.42
C ALA B 475 27.37 -32.67 21.12
N GLY B 476 26.83 -33.30 20.09
CA GLY B 476 25.48 -33.02 19.66
C GLY B 476 25.39 -31.70 18.92
N PRO B 477 24.18 -31.30 18.53
CA PRO B 477 24.02 -30.01 17.88
C PRO B 477 24.32 -28.87 18.84
N LEU B 478 24.72 -27.74 18.27
CA LEU B 478 25.02 -26.56 19.07
C LEU B 478 23.76 -26.13 19.83
N PRO B 479 23.91 -25.75 21.09
CA PRO B 479 22.75 -25.30 21.88
C PRO B 479 21.88 -24.34 21.10
N ALA B 480 20.66 -24.77 20.81
CA ALA B 480 19.83 -24.12 19.81
C ALA B 480 18.67 -23.39 20.47
N SER B 481 18.38 -22.20 19.96
CA SER B 481 17.23 -21.40 20.40
C SER B 481 16.48 -20.98 19.14
N ARG B 482 15.59 -21.85 18.68
CA ARG B 482 14.77 -21.61 17.51
C ARG B 482 13.37 -22.11 17.77
N CYS B 483 12.39 -21.47 17.15
CA CYS B 483 10.99 -21.84 17.40
C CYS B 483 10.51 -22.90 16.43
N SER B 484 10.56 -22.62 15.13
CA SER B 484 10.04 -23.53 14.12
C SER B 484 11.07 -23.73 13.03
N GLU B 485 11.12 -24.94 12.49
CA GLU B 485 12.03 -25.25 11.40
C GLU B 485 11.30 -25.12 10.06
N PRO B 486 12.01 -24.71 9.00
CA PRO B 486 11.37 -24.60 7.69
C PRO B 486 10.97 -25.96 7.15
N LEU B 488 9.11 -28.03 3.49
CA LEU B 488 8.92 -27.94 2.04
C LEU B 488 7.48 -27.55 1.70
N GLN B 489 7.26 -27.29 0.40
CA GLN B 489 5.93 -26.89 -0.06
C GLN B 489 4.91 -28.00 0.07
N ASN B 490 5.34 -29.23 0.32
CA ASN B 490 4.40 -30.34 0.48
C ASN B 490 3.47 -30.10 1.66
N GLU B 491 4.01 -29.63 2.78
CA GLU B 491 3.21 -29.27 3.94
C GLU B 491 3.09 -27.76 4.00
N VAL B 492 1.85 -27.26 4.11
CA VAL B 492 1.63 -25.82 4.11
C VAL B 492 2.26 -25.19 5.34
N LYS B 493 2.91 -24.04 5.13
CA LYS B 493 3.52 -23.28 6.23
C LYS B 493 2.41 -22.46 6.89
N SER B 494 1.64 -23.13 7.74
CA SER B 494 0.50 -22.50 8.39
C SER B 494 0.97 -21.42 9.36
N VAL B 495 0.12 -20.42 9.56
CA VAL B 495 0.41 -19.35 10.52
C VAL B 495 0.15 -19.91 11.92
N GLN B 496 1.16 -19.88 12.77
CA GLN B 496 1.03 -20.44 14.11
C GLN B 496 0.05 -19.61 14.94
N PRO B 497 -0.82 -20.27 15.71
CA PRO B 497 -1.75 -19.54 16.57
C PRO B 497 -1.07 -18.74 17.67
N GLU B 499 3.00 -17.28 18.69
CA GLU B 499 3.87 -16.17 18.27
C GLU B 499 3.76 -15.95 16.77
N VAL B 500 3.72 -14.68 16.38
CA VAL B 500 3.63 -14.33 14.96
C VAL B 500 4.88 -14.77 14.22
N CYS B 501 6.04 -14.68 14.88
CA CYS B 501 7.29 -15.08 14.25
C CYS B 501 7.29 -16.56 13.90
N CYS B 502 6.79 -17.40 14.81
CA CYS B 502 6.80 -18.84 14.60
C CYS B 502 5.86 -19.22 13.46
N TRP B 503 6.26 -20.22 12.67
CA TRP B 503 5.44 -20.72 11.55
C TRP B 503 5.31 -22.24 11.69
N LEU B 504 4.14 -22.68 12.18
CA LEU B 504 3.88 -24.10 12.30
C LEU B 504 3.61 -24.72 10.92
N CYS B 505 4.15 -25.91 10.73
CA CYS B 505 4.01 -26.63 9.47
C CYS B 505 2.86 -27.63 9.58
N ILE B 506 1.86 -27.46 8.74
CA ILE B 506 0.69 -28.33 8.69
C ILE B 506 0.54 -28.84 7.27
N PRO B 507 0.43 -30.15 7.05
CA PRO B 507 0.23 -30.66 5.69
C PRO B 507 -1.08 -30.16 5.11
N GLN B 509 -4.18 -30.31 1.96
CA GLN B 509 -5.12 -31.35 1.54
C GLN B 509 -4.41 -32.33 0.60
N PRO B 510 -4.39 -33.62 0.93
CA PRO B 510 -3.74 -34.59 0.04
C PRO B 510 -4.38 -34.64 -1.33
N TYR B 511 -5.71 -34.46 -1.35
CA TYR B 511 -6.45 -34.60 -2.59
C TYR B 511 -6.44 -33.31 -3.41
N GLU B 512 -6.47 -32.16 -2.73
CA GLU B 512 -6.68 -30.88 -3.39
C GLU B 512 -5.42 -30.03 -3.37
N ARG B 514 -3.21 -26.38 -3.43
CA ARG B 514 -3.17 -25.19 -2.60
C ARG B 514 -2.91 -23.97 -3.47
N LEU B 515 -3.78 -22.98 -3.38
CA LEU B 515 -3.60 -21.76 -4.16
C LEU B 515 -2.48 -20.90 -3.56
N ASP B 516 -2.41 -20.82 -2.23
CA ASP B 516 -1.42 -20.03 -1.54
C ASP B 516 -0.49 -20.94 -0.74
N GLU B 517 0.56 -20.34 -0.18
CA GLU B 517 1.49 -21.08 0.65
C GLU B 517 0.82 -21.60 1.92
N PHE B 518 0.00 -20.77 2.55
CA PHE B 518 -0.68 -21.13 3.79
C PHE B 518 -2.15 -21.46 3.59
N THR B 519 -2.66 -21.44 2.36
CA THR B 519 -4.06 -21.71 2.09
C THR B 519 -4.16 -22.81 1.03
N CYS B 520 -5.19 -23.64 1.16
CA CYS B 520 -5.44 -24.75 0.25
C CYS B 520 -6.71 -24.48 -0.53
N ALA B 521 -6.65 -24.71 -1.84
CA ALA B 521 -7.78 -24.47 -2.73
C ALA B 521 -8.50 -25.79 -3.00
N ASP B 522 -9.50 -25.77 -3.88
CA ASP B 522 -10.24 -26.95 -4.27
C ASP B 522 -10.04 -27.20 -5.76
N GLY B 524 -11.75 -29.39 -7.58
CA GLY B 524 -13.01 -29.65 -8.22
C GLY B 524 -12.98 -30.96 -9.01
N LEU B 525 -14.10 -31.23 -9.67
CA LEU B 525 -14.23 -32.46 -10.44
C LEU B 525 -13.23 -32.46 -11.60
N GLY B 526 -12.66 -33.64 -11.87
CA GLY B 526 -11.78 -33.83 -13.01
C GLY B 526 -10.44 -33.14 -12.91
N PRO B 529 -4.11 -31.85 -8.07
CA PRO B 529 -3.07 -30.86 -7.76
C PRO B 529 -1.89 -30.97 -8.71
N ASN B 530 -1.36 -29.81 -9.10
CA ASN B 530 -0.27 -29.73 -10.04
C ASN B 530 1.06 -30.10 -9.39
N ALA B 531 2.07 -30.33 -10.22
CA ALA B 531 3.39 -30.67 -9.72
C ALA B 531 4.00 -29.51 -8.93
N SER B 532 3.79 -28.28 -9.40
CA SER B 532 4.33 -27.12 -8.71
C SER B 532 3.71 -26.96 -7.32
N LEU B 533 2.54 -27.56 -7.11
CA LEU B 533 1.80 -27.58 -5.85
C LEU B 533 1.23 -26.23 -5.46
N THR B 534 1.51 -25.18 -6.22
CA THR B 534 0.86 -23.89 -6.05
C THR B 534 -0.32 -23.71 -6.99
N GLY B 535 -0.53 -24.63 -7.93
CA GLY B 535 -1.65 -24.56 -8.84
C GLY B 535 -2.27 -25.93 -9.02
N CYS B 536 -3.21 -25.99 -9.95
CA CYS B 536 -3.94 -27.22 -10.22
C CYS B 536 -3.84 -27.56 -11.71
N PHE B 537 -3.70 -28.86 -11.99
CA PHE B 537 -3.67 -29.37 -13.35
C PHE B 537 -4.89 -30.25 -13.58
N GLU B 538 -5.53 -30.09 -14.73
CA GLU B 538 -6.78 -30.79 -15.00
C GLU B 538 -6.51 -32.25 -15.35
N LEU B 539 -7.09 -33.15 -14.58
CA LEU B 539 -6.97 -34.57 -14.88
C LEU B 539 -7.77 -34.93 -16.13
N PRO B 540 -7.30 -35.91 -16.90
CA PRO B 540 -8.03 -36.31 -18.10
C PRO B 540 -9.43 -36.82 -17.75
N GLN B 541 -10.39 -36.49 -18.61
CA GLN B 541 -11.77 -36.92 -18.42
C GLN B 541 -11.94 -38.29 -19.08
N GLU B 542 -12.11 -39.32 -18.26
CA GLU B 542 -12.16 -40.69 -18.76
C GLU B 542 -13.39 -40.90 -19.63
N TYR B 543 -13.23 -41.74 -20.65
CA TYR B 543 -14.33 -42.10 -21.53
C TYR B 543 -14.01 -43.41 -22.23
N ILE B 544 -15.06 -44.10 -22.66
CA ILE B 544 -14.87 -45.31 -23.46
C ILE B 544 -14.48 -44.90 -24.88
N ARG B 545 -13.30 -45.33 -25.32
CA ARG B 545 -12.74 -44.93 -26.60
C ARG B 545 -12.97 -46.03 -27.64
N TRP B 546 -13.06 -45.61 -28.90
CA TRP B 546 -13.23 -46.57 -29.98
C TRP B 546 -12.02 -47.47 -30.13
N GLY B 547 -10.85 -46.98 -29.72
CA GLY B 547 -9.64 -47.78 -29.84
C GLY B 547 -9.62 -48.97 -28.90
N ASP B 548 -10.44 -48.93 -27.86
CA ASP B 548 -10.48 -50.01 -26.88
C ASP B 548 -10.95 -51.31 -27.53
N TRP B 550 -12.55 -53.65 -26.24
CA TRP B 550 -13.88 -54.05 -25.79
C TRP B 550 -14.95 -53.70 -26.84
N ALA B 551 -14.82 -52.54 -27.47
CA ALA B 551 -15.83 -52.11 -28.42
C ALA B 551 -15.64 -52.78 -29.79
N VAL B 552 -14.52 -53.47 -29.97
CA VAL B 552 -14.19 -54.02 -31.29
C VAL B 552 -15.21 -55.07 -31.72
N GLY B 553 -15.52 -56.02 -30.85
CA GLY B 553 -16.44 -57.08 -31.15
C GLY B 553 -17.85 -56.60 -31.47
N PRO B 554 -18.40 -55.72 -30.63
CA PRO B 554 -19.72 -55.16 -30.96
C PRO B 554 -19.77 -54.49 -32.31
N VAL B 555 -18.72 -53.77 -32.71
CA VAL B 555 -18.71 -53.13 -34.02
C VAL B 555 -18.75 -54.17 -35.12
N THR B 556 -17.95 -55.23 -34.99
CA THR B 556 -17.90 -56.25 -36.03
C THR B 556 -19.24 -56.97 -36.16
N ILE B 557 -19.82 -57.38 -35.04
CA ILE B 557 -21.11 -58.08 -35.10
C ILE B 557 -22.18 -57.12 -35.63
N ALA B 558 -22.08 -55.84 -35.29
CA ALA B 558 -23.06 -54.87 -35.78
C ALA B 558 -22.99 -54.75 -37.29
N CYS B 559 -21.79 -54.62 -37.85
CA CYS B 559 -21.69 -54.52 -39.31
C CYS B 559 -22.18 -55.80 -39.98
N LEU B 560 -21.82 -56.96 -39.42
CA LEU B 560 -22.27 -58.21 -40.01
C LEU B 560 -23.79 -58.28 -40.04
N GLY B 561 -24.44 -57.99 -38.90
CA GLY B 561 -25.88 -58.05 -38.85
C GLY B 561 -26.54 -57.03 -39.74
N ALA B 562 -25.98 -55.82 -39.81
CA ALA B 562 -26.55 -54.80 -40.68
C ALA B 562 -26.51 -55.24 -42.13
N LEU B 563 -25.37 -55.78 -42.57
CA LEU B 563 -25.27 -56.25 -43.96
C LEU B 563 -26.25 -57.38 -44.22
N ALA B 564 -26.37 -58.32 -43.28
CA ALA B 564 -27.32 -59.41 -43.46
C ALA B 564 -28.74 -58.90 -43.55
N THR B 565 -29.09 -57.92 -42.71
CA THR B 565 -30.43 -57.37 -42.75
C THR B 565 -30.70 -56.65 -44.07
N LEU B 566 -29.69 -55.95 -44.59
CA LEU B 566 -29.85 -55.31 -45.89
C LEU B 566 -30.11 -56.35 -46.99
N PHE B 567 -29.34 -57.44 -46.99
CA PHE B 567 -29.54 -58.48 -47.99
C PHE B 567 -30.92 -59.10 -47.86
N VAL B 568 -31.38 -59.31 -46.61
CA VAL B 568 -32.70 -59.88 -46.37
C VAL B 568 -33.78 -58.94 -46.89
N LEU B 569 -33.63 -57.63 -46.64
CA LEU B 569 -34.58 -56.67 -47.15
C LEU B 569 -34.61 -56.67 -48.67
N GLY B 570 -33.43 -56.75 -49.30
CA GLY B 570 -33.39 -56.79 -50.75
C GLY B 570 -34.07 -58.02 -51.34
N VAL B 571 -33.78 -59.20 -50.77
CA VAL B 571 -34.40 -60.40 -51.31
C VAL B 571 -35.89 -60.42 -50.99
N PHE B 572 -36.29 -59.70 -49.94
CA PHE B 572 -37.71 -59.60 -49.64
C PHE B 572 -38.43 -58.72 -50.65
N VAL B 573 -37.85 -57.56 -50.96
CA VAL B 573 -38.54 -56.65 -51.89
C VAL B 573 -38.50 -57.22 -53.30
N ARG B 574 -37.49 -58.03 -53.61
CA ARG B 574 -37.34 -58.52 -54.98
C ARG B 574 -38.54 -59.34 -55.42
N HIS B 575 -39.08 -60.17 -54.53
CA HIS B 575 -40.16 -61.09 -54.87
C HIS B 575 -41.47 -60.74 -54.16
N ASN B 576 -41.78 -59.45 -54.01
CA ASN B 576 -43.01 -59.06 -53.34
C ASN B 576 -44.23 -59.48 -54.16
N THR B 578 -44.76 -62.05 -55.79
CA THR B 578 -45.05 -63.47 -55.68
C THR B 578 -46.11 -63.70 -54.61
N VAL B 580 -46.74 -66.20 -52.82
CA VAL B 580 -46.19 -66.88 -51.65
C VAL B 580 -45.78 -65.85 -50.60
N VAL B 581 -45.43 -64.66 -51.03
CA VAL B 581 -45.16 -63.57 -50.10
C VAL B 581 -46.46 -62.91 -49.67
N LYS B 582 -47.37 -62.67 -50.62
CA LYS B 582 -48.55 -61.86 -50.35
C LYS B 582 -49.57 -62.60 -49.48
N ALA B 583 -49.37 -63.91 -49.28
CA ALA B 583 -50.34 -64.69 -48.51
C ALA B 583 -50.45 -64.20 -47.07
N SER B 584 -49.33 -64.10 -46.37
CA SER B 584 -49.32 -63.79 -44.94
C SER B 584 -49.04 -62.31 -44.70
N GLY B 585 -50.03 -61.47 -44.99
CA GLY B 585 -49.91 -60.04 -44.73
C GLY B 585 -48.96 -59.35 -45.68
N ARG B 586 -47.71 -59.83 -45.70
CA ARG B 586 -46.65 -59.42 -46.62
C ARG B 586 -46.12 -58.02 -46.30
N GLU B 587 -46.79 -57.33 -45.39
CA GLU B 587 -46.30 -56.01 -44.98
C GLU B 587 -45.62 -56.11 -43.63
N LEU B 588 -46.11 -56.99 -42.76
CA LEU B 588 -45.48 -57.20 -41.48
C LEU B 588 -44.07 -57.73 -41.64
N CYS B 589 -43.79 -58.40 -42.76
CA CYS B 589 -42.44 -58.92 -42.97
C CYS B 589 -41.42 -57.80 -43.14
N TYR B 590 -41.77 -56.76 -43.90
CA TYR B 590 -40.82 -55.67 -44.14
C TYR B 590 -40.55 -54.89 -42.87
N ILE B 591 -41.58 -54.54 -42.12
CA ILE B 591 -41.36 -53.86 -40.85
C ILE B 591 -40.67 -54.80 -39.87
N LEU B 592 -40.89 -56.12 -40.02
CA LEU B 592 -40.17 -57.07 -39.20
C LEU B 592 -38.68 -56.98 -39.44
N LEU B 593 -38.28 -56.88 -40.71
CA LEU B 593 -36.88 -56.63 -41.02
C LEU B 593 -36.43 -55.26 -40.51
N GLY B 594 -37.30 -54.27 -40.63
CA GLY B 594 -36.91 -52.92 -40.27
C GLY B 594 -36.63 -52.77 -38.79
N GLY B 595 -37.39 -53.46 -37.96
CA GLY B 595 -37.12 -53.42 -36.53
C GLY B 595 -35.76 -54.01 -36.20
N VAL B 596 -35.41 -55.14 -36.83
CA VAL B 596 -34.09 -55.72 -36.66
C VAL B 596 -33.02 -54.72 -37.06
N PHE B 597 -33.25 -54.06 -38.21
CA PHE B 597 -32.27 -53.05 -38.68
C PHE B 597 -32.20 -51.92 -37.65
N LEU B 598 -33.36 -51.52 -37.14
CA LEU B 598 -33.37 -50.40 -36.17
C LEU B 598 -32.57 -50.86 -34.97
N CYS B 599 -32.70 -52.13 -34.61
CA CYS B 599 -32.00 -52.63 -33.41
C CYS B 599 -30.50 -52.49 -33.65
N TYR B 600 -30.06 -52.81 -34.87
CA TYR B 600 -28.61 -52.76 -35.16
C TYR B 600 -28.13 -51.32 -35.04
N CYS B 601 -28.97 -50.37 -35.44
CA CYS B 601 -28.56 -48.96 -35.39
C CYS B 601 -28.26 -48.63 -33.93
N MET B 602 -29.09 -49.12 -33.00
CA MET B 602 -28.92 -48.82 -31.56
C MET B 602 -27.54 -49.32 -31.12
N THR B 603 -27.09 -50.45 -31.67
CA THR B 603 -25.81 -51.02 -31.19
C THR B 603 -24.68 -49.99 -31.41
N PHE B 604 -24.62 -49.37 -32.58
CA PHE B 604 -23.59 -48.31 -32.78
C PHE B 604 -23.92 -47.12 -31.89
N ILE B 605 -25.21 -46.73 -31.86
CA ILE B 605 -25.60 -45.58 -31.06
C ILE B 605 -25.03 -45.71 -29.64
N PHE B 606 -25.06 -46.92 -29.09
CA PHE B 606 -24.79 -47.11 -27.67
C PHE B 606 -23.38 -46.68 -27.29
N ILE B 607 -22.37 -47.20 -27.99
CA ILE B 607 -20.98 -46.96 -27.60
C ILE B 607 -20.45 -45.73 -28.31
N ALA B 608 -20.61 -44.57 -27.69
CA ALA B 608 -20.19 -43.31 -28.28
C ALA B 608 -19.91 -42.31 -27.18
N LYS B 609 -19.31 -41.19 -27.56
CA LYS B 609 -18.96 -40.15 -26.61
C LYS B 609 -20.23 -39.63 -25.95
N PRO B 610 -20.26 -39.51 -24.62
CA PRO B 610 -21.50 -39.10 -23.95
C PRO B 610 -21.67 -37.59 -23.98
N SER B 611 -22.73 -37.14 -24.63
CA SER B 611 -23.12 -35.74 -24.58
C SER B 611 -24.63 -35.69 -24.42
N THR B 612 -25.17 -34.47 -24.31
CA THR B 612 -26.61 -34.34 -24.18
C THR B 612 -27.33 -34.90 -25.41
N ALA B 613 -26.77 -34.65 -26.60
CA ALA B 613 -27.35 -35.20 -27.82
C ALA B 613 -27.28 -36.73 -27.81
N VAL B 614 -26.13 -37.28 -27.45
CA VAL B 614 -25.97 -38.73 -27.44
C VAL B 614 -26.89 -39.35 -26.40
N CYS B 615 -27.00 -38.73 -25.23
CA CYS B 615 -27.88 -39.26 -24.20
C CYS B 615 -29.33 -39.24 -24.65
N THR B 616 -29.76 -38.15 -25.31
CA THR B 616 -31.11 -38.12 -25.83
C THR B 616 -31.32 -39.23 -26.86
N LEU B 617 -30.36 -39.40 -27.76
CA LEU B 617 -30.51 -40.39 -28.82
C LEU B 617 -30.64 -41.79 -28.24
N ARG B 618 -29.78 -42.13 -27.27
CA ARG B 618 -29.86 -43.47 -26.70
C ARG B 618 -31.11 -43.65 -25.85
N ARG B 619 -31.47 -42.63 -25.06
CA ARG B 619 -32.68 -42.72 -24.26
C ARG B 619 -33.93 -42.87 -25.10
N LEU B 620 -33.90 -42.44 -26.36
CA LEU B 620 -35.05 -42.64 -27.23
C LEU B 620 -34.99 -43.92 -28.05
N GLY B 621 -33.82 -44.29 -28.58
CA GLY B 621 -33.77 -45.30 -29.62
C GLY B 621 -34.14 -46.69 -29.16
N LEU B 622 -33.76 -47.05 -27.93
CA LEU B 622 -34.05 -48.39 -27.43
C LEU B 622 -35.54 -48.64 -27.40
N GLY B 623 -36.31 -47.67 -26.91
CA GLY B 623 -37.75 -47.84 -26.84
C GLY B 623 -38.36 -48.05 -28.21
N THR B 624 -37.98 -47.20 -29.17
CA THR B 624 -38.52 -47.34 -30.52
C THR B 624 -38.20 -48.70 -31.10
N ALA B 625 -36.94 -49.12 -31.01
CA ALA B 625 -36.53 -50.38 -31.62
C ALA B 625 -37.26 -51.56 -30.99
N PHE B 626 -37.21 -51.67 -29.66
CA PHE B 626 -37.84 -52.81 -29.00
C PHE B 626 -39.34 -52.81 -29.25
N SER B 627 -39.97 -51.65 -29.14
CA SER B 627 -41.40 -51.55 -29.34
C SER B 627 -41.80 -51.99 -30.74
N VAL B 628 -41.11 -51.51 -31.77
CA VAL B 628 -41.48 -51.88 -33.13
C VAL B 628 -41.27 -53.37 -33.33
N CYS B 629 -40.12 -53.90 -32.88
CA CYS B 629 -39.80 -55.30 -33.08
C CYS B 629 -40.87 -56.20 -32.49
N TYR B 630 -41.29 -55.91 -31.27
CA TYR B 630 -42.30 -56.77 -30.66
C TYR B 630 -43.69 -56.48 -31.20
N SER B 631 -43.97 -55.24 -31.60
CA SER B 631 -45.29 -54.87 -32.10
C SER B 631 -45.63 -55.63 -33.37
N ALA B 632 -44.65 -55.74 -34.28
CA ALA B 632 -44.88 -56.52 -35.49
C ALA B 632 -45.36 -57.93 -35.14
N LEU B 633 -44.65 -58.58 -34.22
CA LEU B 633 -44.99 -59.94 -33.83
C LEU B 633 -46.36 -60.01 -33.17
N LEU B 634 -46.67 -59.01 -32.34
CA LEU B 634 -48.00 -58.96 -31.69
C LEU B 634 -49.06 -58.99 -32.78
N THR B 635 -48.95 -58.09 -33.75
CA THR B 635 -49.97 -57.98 -34.79
C THR B 635 -50.10 -59.28 -35.58
N LYS B 636 -48.96 -59.88 -35.91
CA LYS B 636 -49.00 -61.14 -36.66
C LYS B 636 -49.72 -62.21 -35.86
N THR B 637 -49.32 -62.40 -34.60
CA THR B 637 -49.94 -63.42 -33.76
C THR B 637 -51.42 -63.17 -33.57
N ASN B 638 -51.80 -61.89 -33.43
CA ASN B 638 -53.22 -61.56 -33.29
C ASN B 638 -53.97 -62.01 -34.52
N ARG B 639 -53.43 -61.74 -35.71
CA ARG B 639 -54.16 -62.13 -36.91
C ARG B 639 -54.25 -63.64 -37.06
N ILE B 640 -53.26 -64.39 -36.59
CA ILE B 640 -53.36 -65.84 -36.69
C ILE B 640 -54.60 -66.32 -35.97
N ALA B 641 -55.40 -67.14 -36.64
CA ALA B 641 -56.64 -67.71 -36.10
C ALA B 641 -57.61 -66.62 -35.64
N ARG B 642 -57.54 -65.45 -36.28
CA ARG B 642 -58.40 -64.35 -35.87
C ARG B 642 -59.87 -64.69 -36.06
N ILE B 643 -60.21 -65.30 -37.19
CA ILE B 643 -61.60 -65.72 -37.42
C ILE B 643 -61.98 -66.81 -36.44
N PHE B 644 -61.09 -67.77 -36.22
CA PHE B 644 -61.35 -68.87 -35.30
C PHE B 644 -60.05 -69.51 -34.83
N PHE B 656 -61.38 -54.53 -38.56
CA PHE B 656 -61.31 -55.93 -38.13
C PHE B 656 -60.05 -56.57 -38.68
N ILE B 657 -60.22 -57.43 -39.68
CA ILE B 657 -59.11 -58.13 -40.33
C ILE B 657 -59.00 -57.59 -41.76
N SER B 658 -57.92 -56.87 -42.03
CA SER B 658 -57.71 -56.26 -43.33
C SER B 658 -56.27 -55.78 -43.40
N PRO B 659 -55.73 -55.60 -44.62
CA PRO B 659 -54.36 -55.06 -44.72
C PRO B 659 -54.22 -53.66 -44.14
N ALA B 660 -55.25 -52.83 -44.27
CA ALA B 660 -55.14 -51.44 -43.81
C ALA B 660 -55.23 -51.34 -42.29
N SER B 661 -56.10 -52.15 -41.68
CA SER B 661 -56.33 -52.03 -40.24
C SER B 661 -55.12 -52.50 -39.44
N GLN B 662 -54.48 -53.58 -39.88
CA GLN B 662 -53.38 -54.16 -39.10
C GLN B 662 -52.24 -53.17 -38.93
N VAL B 663 -51.90 -52.44 -39.99
CA VAL B 663 -50.85 -51.43 -39.88
C VAL B 663 -51.30 -50.33 -38.94
N ALA B 664 -52.59 -50.02 -38.91
CA ALA B 664 -53.08 -49.00 -37.99
C ALA B 664 -52.91 -49.43 -36.54
N ILE B 665 -53.22 -50.71 -36.25
CA ILE B 665 -53.07 -51.20 -34.89
C ILE B 665 -51.61 -51.20 -34.47
N CYS B 666 -50.73 -51.68 -35.36
CA CYS B 666 -49.30 -51.70 -35.06
C CYS B 666 -48.78 -50.30 -34.82
N LEU B 667 -49.16 -49.35 -35.68
CA LEU B 667 -48.73 -47.97 -35.51
C LEU B 667 -49.28 -47.38 -34.23
N ALA B 668 -50.50 -47.76 -33.84
CA ALA B 668 -51.09 -47.27 -32.60
C ALA B 668 -50.25 -47.72 -31.41
N LEU B 669 -49.89 -49.00 -31.36
CA LEU B 669 -49.07 -49.48 -30.25
C LEU B 669 -47.69 -48.84 -30.26
N ILE B 670 -47.08 -48.72 -31.44
CA ILE B 670 -45.75 -48.12 -31.53
C ILE B 670 -45.80 -46.67 -31.05
N SER B 671 -46.85 -45.94 -31.45
CA SER B 671 -46.97 -44.55 -31.02
C SER B 671 -47.21 -44.45 -29.52
N GLY B 672 -47.96 -45.40 -28.96
CA GLY B 672 -48.16 -45.38 -27.51
C GLY B 672 -46.86 -45.56 -26.76
N GLN B 673 -46.07 -46.56 -27.16
CA GLN B 673 -44.77 -46.75 -26.54
C GLN B 673 -43.87 -45.53 -26.74
N LEU B 674 -43.90 -44.96 -27.95
CA LEU B 674 -43.08 -43.79 -28.25
C LEU B 674 -43.49 -42.59 -27.41
N LEU B 675 -44.79 -42.38 -27.22
CA LEU B 675 -45.25 -41.26 -26.41
C LEU B 675 -44.86 -41.44 -24.95
N ILE B 676 -44.97 -42.67 -24.44
CA ILE B 676 -44.47 -42.92 -23.09
C ILE B 676 -42.99 -42.60 -23.01
N VAL B 677 -42.22 -43.00 -24.02
CA VAL B 677 -40.78 -42.73 -24.03
C VAL B 677 -40.51 -41.23 -24.08
N VAL B 678 -41.29 -40.50 -24.88
CA VAL B 678 -41.10 -39.06 -25.01
C VAL B 678 -41.38 -38.36 -23.69
N ALA B 679 -42.41 -38.77 -23.02
CA ALA B 679 -42.66 -38.03 -21.78
C ALA B 679 -41.53 -38.27 -20.79
N TRP B 680 -40.97 -39.47 -20.73
CA TRP B 680 -40.01 -39.76 -19.65
C TRP B 680 -38.83 -38.90 -19.81
N LEU B 681 -38.26 -38.98 -20.99
CA LEU B 681 -37.06 -38.19 -21.31
C LEU B 681 -37.40 -36.73 -21.39
N VAL B 682 -38.57 -36.40 -21.93
CA VAL B 682 -38.95 -34.95 -21.91
C VAL B 682 -39.04 -34.50 -20.45
N VAL B 683 -39.64 -35.31 -19.57
CA VAL B 683 -39.59 -34.97 -18.13
C VAL B 683 -38.12 -35.06 -17.75
N GLU B 684 -37.49 -36.14 -18.14
CA GLU B 684 -36.09 -36.33 -17.73
C GLU B 684 -35.21 -35.64 -18.76
N ALA B 685 -35.17 -34.30 -18.75
CA ALA B 685 -34.29 -33.58 -19.69
C ALA B 685 -32.89 -34.11 -19.43
N PRO B 686 -32.04 -34.25 -20.44
CA PRO B 686 -30.74 -34.93 -20.23
C PRO B 686 -29.51 -34.15 -19.72
N GLY B 687 -28.51 -34.87 -19.17
CA GLY B 687 -27.32 -34.12 -18.82
C GLY B 687 -26.17 -35.07 -18.58
N THR B 688 -25.02 -34.70 -19.14
CA THR B 688 -23.82 -35.53 -19.07
C THR B 688 -22.68 -34.72 -18.45
N THR B 692 -17.72 -37.87 -10.91
CA THR B 692 -16.84 -37.76 -9.75
C THR B 692 -17.31 -38.71 -8.64
N ALA B 693 -16.36 -39.20 -7.87
CA ALA B 693 -16.63 -40.10 -6.77
C ALA B 693 -15.91 -39.58 -5.53
N PRO B 694 -16.44 -39.89 -4.34
CA PRO B 694 -15.73 -39.49 -3.11
C PRO B 694 -14.35 -40.11 -3.01
N GLU B 695 -14.16 -41.22 -3.71
CA GLU B 695 -12.78 -41.74 -3.79
C GLU B 695 -12.10 -40.64 -4.57
N VAL B 699 -9.90 -39.39 -11.22
CA VAL B 699 -10.54 -39.97 -12.44
C VAL B 699 -11.81 -39.19 -12.73
N VAL B 700 -12.05 -38.87 -13.99
CA VAL B 700 -13.22 -38.00 -14.33
C VAL B 700 -14.07 -38.69 -15.41
N THR B 701 -14.82 -39.73 -15.05
CA THR B 701 -15.61 -40.50 -16.05
C THR B 701 -16.73 -39.62 -16.62
N LEU B 702 -17.08 -39.67 -17.92
CA LEU B 702 -18.26 -38.91 -18.32
C LEU B 702 -19.46 -39.83 -18.43
N ARG B 703 -20.56 -39.48 -17.76
CA ARG B 703 -21.76 -40.29 -17.78
C ARG B 703 -22.98 -39.39 -17.78
N CYS B 704 -24.06 -39.87 -18.40
CA CYS B 704 -25.32 -39.13 -18.37
C CYS B 704 -26.00 -39.31 -17.02
N ASN B 705 -26.44 -38.20 -16.43
CA ASN B 705 -26.98 -38.25 -15.07
C ASN B 705 -28.31 -38.98 -15.02
N HIS B 706 -28.96 -39.17 -16.17
CA HIS B 706 -30.26 -39.81 -16.21
C HIS B 706 -30.20 -41.22 -15.64
N ARG B 707 -31.24 -41.60 -14.90
CA ARG B 707 -31.31 -42.92 -14.30
C ARG B 707 -31.86 -43.94 -15.31
N ASP B 708 -31.72 -45.22 -14.96
CA ASP B 708 -32.10 -46.31 -15.85
C ASP B 708 -33.48 -46.87 -15.54
N ALA B 709 -34.22 -46.30 -14.59
CA ALA B 709 -35.53 -46.82 -14.25
C ALA B 709 -36.50 -46.69 -15.43
N SER B 710 -36.39 -45.61 -16.19
CA SER B 710 -37.25 -45.45 -17.37
C SER B 710 -36.94 -46.50 -18.42
N MET B 711 -35.66 -46.82 -18.60
CA MET B 711 -35.31 -47.92 -19.50
C MET B 711 -35.91 -49.23 -19.00
N LEU B 712 -35.91 -49.43 -17.68
CA LEU B 712 -36.56 -50.61 -17.11
C LEU B 712 -38.05 -50.61 -17.41
N GLY B 713 -38.69 -49.44 -17.37
CA GLY B 713 -40.11 -49.38 -17.69
C GLY B 713 -40.38 -49.70 -19.15
N SER B 714 -39.51 -49.22 -20.04
CA SER B 714 -39.64 -49.57 -21.45
C SER B 714 -39.47 -51.07 -21.65
N LEU B 715 -38.51 -51.67 -20.96
CA LEU B 715 -38.34 -53.12 -21.01
C LEU B 715 -39.55 -53.84 -20.44
N ALA B 716 -40.19 -53.26 -19.42
CA ALA B 716 -41.39 -53.87 -18.85
C ALA B 716 -42.55 -53.84 -19.83
N TYR B 717 -42.72 -52.73 -20.54
CA TYR B 717 -43.74 -52.68 -21.58
C TYR B 717 -43.45 -53.69 -22.68
N ASN B 718 -42.17 -53.81 -23.05
CA ASN B 718 -41.77 -54.83 -24.00
C ASN B 718 -42.11 -56.23 -23.50
N VAL B 719 -41.89 -56.48 -22.21
CA VAL B 719 -42.19 -57.78 -21.64
C VAL B 719 -43.68 -58.06 -21.66
N LEU B 720 -44.49 -57.03 -21.42
CA LEU B 720 -45.94 -57.19 -21.54
C LEU B 720 -46.30 -57.57 -22.97
N LEU B 721 -45.67 -56.90 -23.94
CA LEU B 721 -45.90 -57.25 -25.34
C LEU B 721 -45.53 -58.71 -25.61
N ILE B 722 -44.37 -59.13 -25.12
CA ILE B 722 -43.91 -60.50 -25.38
C ILE B 722 -44.83 -61.50 -24.71
N ALA B 723 -45.36 -61.15 -23.53
CA ALA B 723 -46.31 -62.04 -22.86
C ALA B 723 -47.58 -62.19 -23.67
N LEU B 724 -48.06 -61.10 -24.25
CA LEU B 724 -49.21 -61.21 -25.13
C LEU B 724 -48.90 -62.11 -26.32
N CYS B 725 -47.69 -61.98 -26.89
CA CYS B 725 -47.28 -62.90 -27.95
C CYS B 725 -47.28 -64.34 -27.49
N THR B 726 -46.77 -64.59 -26.28
CA THR B 726 -46.70 -65.95 -25.77
C THR B 726 -48.10 -66.55 -25.61
N LEU B 727 -49.04 -65.76 -25.09
CA LEU B 727 -50.41 -66.24 -24.97
C LEU B 727 -51.03 -66.53 -26.32
N TYR B 728 -50.83 -65.61 -27.28
CA TYR B 728 -51.42 -65.81 -28.61
C TYR B 728 -50.83 -67.03 -29.32
N ALA B 729 -49.52 -67.24 -29.19
CA ALA B 729 -48.91 -68.42 -29.77
C ALA B 729 -49.33 -69.68 -29.04
N PHE B 730 -49.65 -69.55 -27.74
CA PHE B 730 -50.21 -70.69 -27.01
C PHE B 730 -51.59 -71.06 -27.53
N LYS B 731 -52.35 -70.06 -28.01
CA LYS B 731 -53.63 -70.37 -28.63
C LYS B 731 -53.48 -71.36 -29.77
N THR B 732 -52.59 -71.07 -30.72
CA THR B 732 -52.35 -71.94 -31.87
C THR B 732 -50.83 -72.10 -32.00
N ARG B 733 -50.33 -73.25 -31.54
CA ARG B 733 -48.88 -73.44 -31.43
C ARG B 733 -48.24 -73.58 -32.81
N LYS B 734 -48.86 -74.37 -33.70
CA LYS B 734 -48.36 -74.58 -35.07
C LYS B 734 -49.57 -74.68 -36.00
N CYS B 735 -49.95 -73.55 -36.60
CA CYS B 735 -51.08 -73.50 -37.52
C CYS B 735 -50.57 -73.38 -38.93
N PRO B 736 -50.75 -74.40 -39.79
CA PRO B 736 -50.21 -74.31 -41.16
C PRO B 736 -51.11 -73.54 -42.11
N GLU B 737 -50.69 -72.33 -42.48
CA GLU B 737 -51.37 -71.55 -43.50
C GLU B 737 -50.49 -71.28 -44.71
N ASN B 738 -49.30 -70.72 -44.49
CA ASN B 738 -48.32 -70.52 -45.55
C ASN B 738 -47.03 -71.15 -45.02
N PHE B 739 -46.81 -72.41 -45.40
CA PHE B 739 -45.63 -73.16 -44.99
C PHE B 739 -45.50 -73.23 -43.47
N ASN B 740 -46.64 -73.11 -42.79
CA ASN B 740 -46.74 -73.31 -41.34
C ASN B 740 -45.80 -72.40 -40.56
N GLU B 741 -46.05 -71.09 -40.65
CA GLU B 741 -45.19 -70.12 -39.99
C GLU B 741 -45.41 -70.09 -38.48
N ALA B 742 -46.62 -70.44 -38.04
CA ALA B 742 -47.03 -70.19 -36.65
C ALA B 742 -46.10 -70.87 -35.66
N LYS B 743 -45.59 -72.05 -36.00
CA LYS B 743 -44.61 -72.71 -35.14
C LYS B 743 -43.34 -71.86 -35.01
N PHE B 744 -42.88 -71.29 -36.13
CA PHE B 744 -41.72 -70.41 -36.08
C PHE B 744 -41.99 -69.18 -35.23
N ILE B 745 -43.20 -68.62 -35.35
CA ILE B 745 -43.57 -67.47 -34.52
C ILE B 745 -43.49 -67.84 -33.04
N GLY B 746 -44.03 -69.00 -32.68
CA GLY B 746 -44.00 -69.42 -31.29
C GLY B 746 -42.59 -69.64 -30.77
N PHE B 747 -41.75 -70.28 -31.58
CA PHE B 747 -40.36 -70.48 -31.20
C PHE B 747 -39.65 -69.14 -31.01
N THR B 748 -39.93 -68.19 -31.90
CA THR B 748 -39.38 -66.84 -31.75
C THR B 748 -39.84 -66.20 -30.45
N MET B 749 -41.11 -66.37 -30.11
CA MET B 749 -41.60 -65.81 -28.86
C MET B 749 -40.86 -66.40 -27.67
N TYR B 750 -40.69 -67.73 -27.66
CA TYR B 750 -39.97 -68.35 -26.56
C TYR B 750 -38.53 -67.85 -26.50
N THR B 751 -37.89 -67.71 -27.67
CA THR B 751 -36.50 -67.28 -27.71
C THR B 751 -36.35 -65.86 -27.20
N THR B 752 -37.27 -64.98 -27.57
CA THR B 752 -37.24 -63.61 -27.07
C THR B 752 -37.47 -63.60 -25.56
N CYS B 753 -38.38 -64.44 -25.07
CA CYS B 753 -38.59 -64.57 -23.62
C CYS B 753 -37.29 -64.94 -22.92
N ILE B 754 -36.62 -65.99 -23.40
CA ILE B 754 -35.40 -66.46 -22.77
C ILE B 754 -34.32 -65.39 -22.83
N ILE B 755 -34.17 -64.75 -23.98
CA ILE B 755 -33.12 -63.74 -24.15
C ILE B 755 -33.36 -62.57 -23.21
N TRP B 756 -34.60 -62.10 -23.09
CA TRP B 756 -34.88 -60.99 -22.18
C TRP B 756 -34.65 -61.41 -20.73
N LEU B 757 -35.06 -62.64 -20.39
CA LEU B 757 -34.91 -63.11 -19.01
C LEU B 757 -33.43 -63.24 -18.64
N ALA B 758 -32.59 -63.57 -19.62
CA ALA B 758 -31.15 -63.59 -19.35
C ALA B 758 -30.58 -62.19 -19.31
N PHE B 759 -31.07 -61.29 -20.17
CA PHE B 759 -30.40 -60.02 -20.37
C PHE B 759 -30.75 -59.01 -19.27
N LEU B 760 -32.04 -58.76 -19.05
CA LEU B 760 -32.42 -57.71 -18.11
C LEU B 760 -31.92 -57.96 -16.70
N PRO B 761 -32.07 -59.15 -16.11
CA PRO B 761 -31.39 -59.39 -14.82
C PRO B 761 -29.89 -59.24 -14.91
N ILE B 762 -29.28 -59.66 -16.01
CA ILE B 762 -27.84 -59.45 -16.18
C ILE B 762 -27.54 -57.95 -16.29
N PHE B 763 -28.42 -57.20 -16.97
CA PHE B 763 -28.27 -55.76 -17.02
C PHE B 763 -28.23 -55.16 -15.63
N TYR B 764 -29.21 -55.51 -14.80
CA TYR B 764 -29.27 -54.99 -13.44
C TYR B 764 -28.05 -55.42 -12.63
N VAL B 765 -27.58 -56.65 -12.83
CA VAL B 765 -26.46 -57.16 -12.06
C VAL B 765 -25.17 -56.43 -12.43
N THR B 766 -24.90 -56.29 -13.73
CA THR B 766 -23.63 -55.73 -14.20
C THR B 766 -23.69 -54.22 -14.38
N SER B 767 -24.80 -53.57 -14.01
CA SER B 767 -24.85 -52.11 -14.08
C SER B 767 -23.78 -51.47 -13.20
N SER B 768 -23.26 -52.21 -12.22
CA SER B 768 -22.28 -51.62 -11.30
C SER B 768 -21.02 -51.15 -12.02
N ASP B 769 -20.45 -51.98 -12.88
CA ASP B 769 -19.18 -51.68 -13.54
C ASP B 769 -19.47 -51.24 -14.97
N TYR B 770 -18.87 -50.13 -15.38
CA TYR B 770 -19.16 -49.57 -16.70
C TYR B 770 -18.48 -50.38 -17.81
N ARG B 771 -17.25 -50.83 -17.57
CA ARG B 771 -16.48 -51.53 -18.61
C ARG B 771 -17.15 -52.80 -19.10
N VAL B 772 -18.09 -53.35 -18.32
CA VAL B 772 -18.79 -54.56 -18.68
C VAL B 772 -20.24 -54.28 -19.07
N GLN B 773 -20.85 -53.27 -18.45
CA GLN B 773 -22.28 -53.05 -18.62
C GLN B 773 -22.65 -52.75 -20.06
N THR B 774 -21.98 -51.79 -20.68
CA THR B 774 -22.34 -51.39 -22.03
C THR B 774 -22.14 -52.54 -23.01
N THR B 775 -21.03 -53.27 -22.87
CA THR B 775 -20.78 -54.41 -23.75
C THR B 775 -21.86 -55.46 -23.56
N THR B 776 -22.23 -55.75 -22.31
CA THR B 776 -23.25 -56.75 -22.06
C THR B 776 -24.57 -56.33 -22.70
N MET B 777 -24.93 -55.06 -22.55
CA MET B 777 -26.17 -54.56 -23.11
C MET B 777 -26.18 -54.70 -24.63
N CYS B 778 -25.11 -54.24 -25.28
CA CYS B 778 -25.10 -54.23 -26.73
C CYS B 778 -25.09 -55.63 -27.30
N VAL B 779 -24.24 -56.52 -26.76
CA VAL B 779 -24.24 -57.88 -27.27
C VAL B 779 -25.56 -58.58 -26.96
N SER B 780 -26.18 -58.25 -25.82
CA SER B 780 -27.46 -58.86 -25.49
C SER B 780 -28.53 -58.47 -26.48
N VAL B 781 -28.62 -57.17 -26.78
CA VAL B 781 -29.65 -56.69 -27.71
C VAL B 781 -29.38 -57.22 -29.10
N SER B 782 -28.11 -57.24 -29.52
CA SER B 782 -27.78 -57.74 -30.85
C SER B 782 -28.07 -59.23 -30.96
N LEU B 783 -27.79 -59.99 -29.90
CA LEU B 783 -28.14 -61.40 -29.89
C LEU B 783 -29.64 -61.58 -29.98
N SER B 784 -30.40 -60.74 -29.28
CA SER B 784 -31.85 -60.79 -29.37
C SER B 784 -32.31 -60.53 -30.80
N GLY B 785 -31.73 -59.52 -31.44
CA GLY B 785 -32.12 -59.21 -32.80
C GLY B 785 -31.76 -60.31 -33.78
N SER B 786 -30.55 -60.85 -33.67
CA SER B 786 -30.17 -61.97 -34.52
C SER B 786 -31.05 -63.17 -34.24
N VAL B 787 -31.48 -63.35 -33.00
CA VAL B 787 -32.39 -64.45 -32.66
C VAL B 787 -33.74 -64.22 -33.33
N VAL B 788 -34.23 -63.00 -33.31
CA VAL B 788 -35.50 -62.68 -33.98
C VAL B 788 -35.36 -62.94 -35.47
N LEU B 789 -34.24 -62.53 -36.05
CA LEU B 789 -34.00 -62.78 -37.46
C LEU B 789 -34.01 -64.27 -37.76
N GLY B 790 -33.22 -65.04 -37.01
CA GLY B 790 -33.12 -66.46 -37.27
C GLY B 790 -34.43 -67.19 -37.06
N CYS B 791 -35.27 -66.69 -36.15
CA CYS B 791 -36.48 -67.42 -35.83
C CYS B 791 -37.63 -67.03 -36.76
N LEU B 792 -37.63 -65.81 -37.28
CA LEU B 792 -38.70 -65.35 -38.15
C LEU B 792 -38.37 -65.48 -39.62
N PHE B 793 -37.30 -64.84 -40.08
CA PHE B 793 -37.04 -64.80 -41.51
C PHE B 793 -36.51 -66.13 -42.02
N ALA B 794 -35.59 -66.74 -41.27
CA ALA B 794 -34.74 -67.79 -41.83
C ALA B 794 -35.50 -68.92 -42.51
N PRO B 795 -36.56 -69.49 -41.93
CA PRO B 795 -37.30 -70.53 -42.67
C PRO B 795 -37.85 -70.04 -44.00
N LYS B 796 -38.40 -68.83 -44.03
CA LYS B 796 -38.86 -68.26 -45.28
C LYS B 796 -37.69 -68.01 -46.22
N LEU B 797 -36.54 -67.60 -45.67
CA LEU B 797 -35.37 -67.38 -46.49
C LEU B 797 -34.95 -68.65 -47.20
N HIS B 798 -34.89 -69.76 -46.47
CA HIS B 798 -34.51 -71.04 -47.07
C HIS B 798 -35.56 -71.50 -48.09
N ILE B 799 -36.85 -71.37 -47.74
CA ILE B 799 -37.89 -71.91 -48.60
C ILE B 799 -37.96 -71.14 -49.92
N ILE B 800 -37.99 -69.80 -49.86
CA ILE B 800 -38.11 -69.01 -51.07
C ILE B 800 -36.79 -69.03 -51.84
N LEU B 801 -35.66 -69.10 -51.14
CA LEU B 801 -34.37 -69.11 -51.81
C LEU B 801 -34.23 -70.33 -52.71
N PHE B 802 -34.65 -71.49 -52.22
CA PHE B 802 -34.56 -72.73 -53.00
C PHE B 802 -35.83 -72.96 -53.82
#